data_3WN6
#
_entry.id   3WN6
#
_cell.length_a   70.917
_cell.length_b   125.277
_cell.length_c   96.642
_cell.angle_alpha   90.00
_cell.angle_beta   90.20
_cell.angle_gamma   90.00
#
_symmetry.space_group_name_H-M   'P 1 21 1'
#
loop_
_entity.id
_entity.type
_entity.pdbx_description
1 polymer Alpha-amylase
2 non-polymer 'CALCIUM ION'
3 non-polymer GLYCEROL
4 non-polymer 'D(-)-TARTARIC ACID'
5 non-polymer DI(HYDROXYETHYL)ETHER
6 water water
#
_entity_poly.entity_id   1
_entity_poly.type   'polypeptide(L)'
_entity_poly.pdbx_seq_one_letter_code
;MQVLFQGFNWESWKENGGWYNFLMGKVDDIAAAGITHVWLPPPSHSVGEQGYMPGRLYDLDASKYGNEAQLKSLIEAFHG
KGVQVIADIVINHRTAEHKDGRGIYCLFEGGTPDSRLDWGPHMICRDDPYGDGTGNPDTGADFAAAPDIDHLNKRVQREL
IGWLDWLKMDIGFDAWRLDFAKGYSADMAKIYIDATEPSFAVAEIWTSMANGGDGKPNYDQNAHRQELVNWVDRVGGANS
NATAFDFTTKGILNVAVEGELWRLRGEDGKAPGMIGWWPAKATTFVDNHDTGSTQHLWPFPSDKVMQGYAYILTHPGNPC
IFYDHFFDWGLKEEIERLVSIRNRQGIHPASELRIMEADSDLYLAEIDGKVITKIGPRYDVEHLIPEGFQVVAHGDGYAI
WEKI
;
_entity_poly.pdbx_strand_id   A,B,C,D
#
# COMPACT_ATOMS: atom_id res chain seq x y z
N MET A 1 -12.16 28.98 -12.60
CA MET A 1 -12.17 30.45 -12.37
C MET A 1 -12.95 30.77 -11.10
N GLN A 2 -14.24 30.42 -11.06
CA GLN A 2 -15.11 30.83 -9.95
C GLN A 2 -16.50 30.15 -9.97
N VAL A 3 -16.58 29.03 -9.27
CA VAL A 3 -17.67 28.12 -9.37
C VAL A 3 -18.17 27.86 -7.95
N LEU A 4 -19.42 28.17 -7.70
CA LEU A 4 -20.01 28.06 -6.40
C LEU A 4 -20.62 26.68 -6.25
N PHE A 5 -20.74 26.29 -5.00
CA PHE A 5 -21.45 25.07 -4.63
C PHE A 5 -22.32 25.36 -3.41
N GLN A 6 -23.62 25.09 -3.53
CA GLN A 6 -24.50 25.17 -2.36
C GLN A 6 -24.40 23.84 -1.64
N GLY A 7 -23.80 23.85 -0.44
CA GLY A 7 -23.40 22.60 0.24
C GLY A 7 -24.42 22.06 1.21
N PHE A 8 -25.69 22.23 0.88
CA PHE A 8 -26.78 21.78 1.76
C PHE A 8 -28.12 21.85 1.05
N ASN A 9 -29.06 21.14 1.63
CA ASN A 9 -30.47 21.21 1.20
C ASN A 9 -31.38 21.33 2.42
N TRP A 10 -32.69 21.28 2.19
CA TRP A 10 -33.67 21.60 3.22
C TRP A 10 -33.81 20.49 4.25
N GLU A 11 -33.30 19.30 3.91
CA GLU A 11 -33.31 18.14 4.81
C GLU A 11 -31.98 17.94 5.54
N SER A 12 -30.96 18.75 5.20
CA SER A 12 -29.61 18.58 5.75
C SER A 12 -29.54 18.55 7.28
N TRP A 13 -30.34 19.38 7.95
CA TRP A 13 -30.30 19.42 9.42
C TRP A 13 -30.65 18.07 10.08
N LYS A 14 -31.34 17.21 9.35
CA LYS A 14 -31.76 15.89 9.86
C LYS A 14 -30.67 14.85 9.82
N GLU A 15 -29.55 15.15 9.15
CA GLU A 15 -28.55 14.14 8.82
C GLU A 15 -28.06 13.37 10.05
N ASN A 16 -28.15 12.04 9.98
CA ASN A 16 -27.70 11.20 11.08
C ASN A 16 -26.22 11.39 11.33
N GLY A 17 -25.86 11.80 12.55
CA GLY A 17 -24.47 12.12 12.87
C GLY A 17 -24.07 13.56 12.61
N GLY A 18 -24.98 14.34 12.02
CA GLY A 18 -24.76 15.78 11.86
C GLY A 18 -24.31 16.13 10.45
N TRP A 19 -24.87 17.23 9.90
CA TRP A 19 -24.52 17.63 8.53
C TRP A 19 -23.06 17.96 8.31
N TYR A 20 -22.45 18.76 9.18
CA TYR A 20 -21.03 19.11 9.01
C TYR A 20 -20.10 17.87 8.96
N ASN A 21 -20.37 16.92 9.84
CA ASN A 21 -19.56 15.69 9.91
C ASN A 21 -19.69 14.93 8.61
N PHE A 22 -20.93 14.87 8.10
CA PHE A 22 -21.22 14.27 6.84
C PHE A 22 -20.49 14.98 5.69
N LEU A 23 -20.58 16.32 5.63
CA LEU A 23 -20.00 17.07 4.50
C LEU A 23 -18.45 17.00 4.48
N MET A 24 -17.85 16.79 5.64
CA MET A 24 -16.41 16.53 5.77
C MET A 24 -15.95 15.49 4.75
N GLY A 25 -16.78 14.46 4.58
CA GLY A 25 -16.48 13.36 3.63
C GLY A 25 -16.60 13.72 2.17
N LYS A 26 -17.07 14.93 1.85
CA LYS A 26 -17.25 15.36 0.47
C LYS A 26 -16.32 16.47 0.06
N VAL A 27 -15.49 16.94 1.00
CA VAL A 27 -14.62 18.07 0.71
C VAL A 27 -13.69 17.83 -0.50
N ASP A 28 -13.02 16.67 -0.50
CA ASP A 28 -12.10 16.31 -1.62
C ASP A 28 -12.80 16.23 -2.99
N ASP A 29 -13.99 15.65 -3.04
CA ASP A 29 -14.76 15.56 -4.29
C ASP A 29 -15.12 16.99 -4.79
N ILE A 30 -15.46 17.87 -3.86
CA ILE A 30 -15.87 19.23 -4.16
C ILE A 30 -14.71 20.04 -4.72
N ALA A 31 -13.58 20.00 -4.01
CA ALA A 31 -12.36 20.65 -4.42
C ALA A 31 -11.83 20.15 -5.78
N ALA A 32 -11.83 18.83 -5.94
CA ALA A 32 -11.31 18.15 -7.15
C ALA A 32 -12.09 18.52 -8.40
N ALA A 33 -13.38 18.73 -8.24
CA ALA A 33 -14.24 19.08 -9.34
C ALA A 33 -14.03 20.51 -9.87
N GLY A 34 -13.18 21.32 -9.24
CA GLY A 34 -12.96 22.75 -9.64
C GLY A 34 -13.91 23.75 -8.99
N ILE A 35 -14.65 23.31 -7.99
CA ILE A 35 -15.46 24.25 -7.22
C ILE A 35 -14.51 25.17 -6.40
N THR A 36 -14.80 26.47 -6.39
CA THR A 36 -13.97 27.43 -5.73
C THR A 36 -14.62 27.96 -4.45
N HIS A 37 -15.94 27.87 -4.35
CA HIS A 37 -16.68 28.46 -3.22
C HIS A 37 -17.81 27.59 -2.82
N VAL A 38 -17.89 27.31 -1.51
CA VAL A 38 -19.00 26.53 -0.97
C VAL A 38 -19.84 27.34 0.04
N TRP A 39 -21.15 27.30 -0.17
CA TRP A 39 -22.12 28.04 0.63
C TRP A 39 -22.75 27.08 1.62
N LEU A 40 -22.52 27.37 2.90
CA LEU A 40 -22.95 26.54 4.06
C LEU A 40 -24.08 27.28 4.76
N PRO A 41 -24.93 26.55 5.50
CA PRO A 41 -26.18 27.11 5.98
C PRO A 41 -26.00 28.06 7.15
N PRO A 42 -27.04 28.80 7.55
CA PRO A 42 -26.86 29.67 8.70
C PRO A 42 -26.47 28.87 9.94
N PRO A 43 -25.37 29.28 10.62
CA PRO A 43 -24.71 28.44 11.67
C PRO A 43 -25.20 28.65 13.09
N SER A 44 -25.94 29.74 13.32
CA SER A 44 -26.43 30.05 14.68
C SER A 44 -27.66 29.26 15.16
N HIS A 45 -27.78 29.21 16.49
CA HIS A 45 -29.04 28.89 17.15
C HIS A 45 -30.18 29.56 16.39
N SER A 46 -31.23 28.77 16.13
CA SER A 46 -32.39 29.22 15.43
C SER A 46 -33.63 28.53 15.99
N VAL A 47 -34.77 29.20 15.95
CA VAL A 47 -36.01 28.54 16.39
C VAL A 47 -36.28 27.41 15.38
N GLY A 48 -36.45 27.75 14.11
CA GLY A 48 -36.50 26.72 13.06
C GLY A 48 -35.19 26.01 12.73
N GLU A 49 -35.26 24.68 12.62
CA GLU A 49 -34.05 23.82 12.51
C GLU A 49 -33.14 24.14 11.33
N GLN A 50 -33.73 24.58 10.22
CA GLN A 50 -32.94 24.88 9.04
C GLN A 50 -32.00 26.09 9.23
N GLY A 51 -32.29 26.90 10.23
CA GLY A 51 -31.41 27.96 10.57
C GLY A 51 -31.88 29.37 10.20
N TYR A 52 -33.04 29.50 9.57
CA TYR A 52 -33.50 30.84 9.06
C TYR A 52 -34.34 31.66 10.02
N MET A 53 -34.34 31.26 11.30
CA MET A 53 -34.99 31.99 12.40
C MET A 53 -33.99 32.15 13.57
N PRO A 54 -32.85 32.80 13.28
CA PRO A 54 -31.76 32.90 14.25
C PRO A 54 -32.08 33.75 15.47
N GLY A 55 -31.65 33.29 16.64
CA GLY A 55 -31.76 34.01 17.90
C GLY A 55 -30.40 34.42 18.47
N ARG A 56 -29.76 33.45 19.11
CA ARG A 56 -28.43 33.55 19.73
C ARG A 56 -27.31 33.41 18.69
N LEU A 57 -26.99 34.49 18.00
CA LEU A 57 -26.09 34.48 16.88
C LEU A 57 -24.69 33.96 17.17
N TYR A 58 -24.13 34.27 18.34
CA TYR A 58 -22.84 33.69 18.73
C TYR A 58 -22.92 32.17 19.11
N ASP A 59 -24.14 31.65 19.26
CA ASP A 59 -24.31 30.26 19.76
C ASP A 59 -24.37 29.25 18.63
N LEU A 60 -23.19 28.93 18.11
CA LEU A 60 -23.05 27.97 17.04
C LEU A 60 -23.26 26.52 17.52
N ASP A 61 -22.91 26.23 18.78
CA ASP A 61 -23.09 24.86 19.38
C ASP A 61 -24.54 24.39 19.43
N ALA A 62 -25.50 25.34 19.43
CA ALA A 62 -26.91 24.97 19.41
C ALA A 62 -27.47 24.67 17.99
N SER A 63 -26.66 24.83 16.95
CA SER A 63 -27.10 24.60 15.59
C SER A 63 -27.43 23.13 15.41
N LYS A 64 -28.47 22.83 14.63
CA LYS A 64 -28.77 21.44 14.26
C LYS A 64 -27.80 20.86 13.26
N TYR A 65 -27.09 21.72 12.52
CA TYR A 65 -26.05 21.21 11.57
C TYR A 65 -24.83 20.56 12.22
N GLY A 66 -24.55 20.92 13.47
CA GLY A 66 -23.29 20.54 14.12
C GLY A 66 -22.83 21.71 14.97
N ASN A 67 -21.73 21.55 15.70
CA ASN A 67 -21.33 22.52 16.74
C ASN A 67 -20.19 23.41 16.29
N GLU A 68 -19.76 24.33 17.14
CA GLU A 68 -18.73 25.30 16.76
C GLU A 68 -17.46 24.67 16.25
N ALA A 69 -17.02 23.59 16.92
CA ALA A 69 -15.76 22.94 16.65
C ALA A 69 -15.81 22.24 15.31
N GLN A 70 -16.93 21.57 15.08
CA GLN A 70 -17.18 20.87 13.82
C GLN A 70 -17.23 21.83 12.65
N LEU A 71 -17.90 22.95 12.80
CA LEU A 71 -17.95 23.90 11.66
C LEU A 71 -16.54 24.37 11.33
N LYS A 72 -15.75 24.66 12.37
CA LYS A 72 -14.40 25.21 12.21
C LYS A 72 -13.45 24.29 11.46
N SER A 73 -13.50 23.02 11.85
CA SER A 73 -12.80 21.96 11.15
C SER A 73 -13.26 21.82 9.72
N LEU A 74 -14.55 21.84 9.48
CA LEU A 74 -15.07 21.72 8.09
C LEU A 74 -14.53 22.90 7.22
N ILE A 75 -14.57 24.10 7.77
CA ILE A 75 -14.02 25.26 7.07
C ILE A 75 -12.49 25.13 6.86
N GLU A 76 -11.79 24.63 7.89
CA GLU A 76 -10.35 24.35 7.77
C GLU A 76 -10.06 23.36 6.63
N ALA A 77 -10.90 22.34 6.48
CA ALA A 77 -10.70 21.32 5.46
C ALA A 77 -10.93 21.90 4.05
N PHE A 78 -12.01 22.63 3.87
CA PHE A 78 -12.21 23.30 2.60
C PHE A 78 -10.97 24.19 2.31
N HIS A 79 -10.58 24.98 3.30
CA HIS A 79 -9.41 25.86 3.13
C HIS A 79 -8.17 25.06 2.74
N GLY A 80 -7.96 23.88 3.38
CA GLY A 80 -6.82 23.05 3.04
C GLY A 80 -6.75 22.58 1.58
N LYS A 81 -7.88 22.49 0.90
CA LYS A 81 -7.95 22.07 -0.51
C LYS A 81 -8.34 23.26 -1.39
N GLY A 82 -8.06 24.44 -0.88
CA GLY A 82 -8.19 25.69 -1.66
C GLY A 82 -9.57 26.28 -1.81
N VAL A 83 -10.56 25.77 -1.09
CA VAL A 83 -11.95 26.18 -1.32
C VAL A 83 -12.38 27.24 -0.31
N GLN A 84 -12.87 28.36 -0.83
CA GLN A 84 -13.42 29.41 0.05
C GLN A 84 -14.83 29.05 0.52
N VAL A 85 -15.21 29.65 1.63
CA VAL A 85 -16.47 29.31 2.29
C VAL A 85 -17.35 30.55 2.52
N ILE A 86 -18.61 30.39 2.14
CA ILE A 86 -19.63 31.43 2.19
C ILE A 86 -20.64 31.09 3.28
N ALA A 87 -20.89 32.05 4.16
CA ALA A 87 -21.87 31.89 5.21
C ALA A 87 -23.14 32.47 4.77
N ASP A 88 -24.21 31.76 5.09
CA ASP A 88 -25.56 32.26 4.86
C ASP A 88 -25.86 33.20 6.00
N ILE A 89 -25.96 34.49 5.67
CA ILE A 89 -26.12 35.57 6.67
C ILE A 89 -27.56 35.99 6.70
N VAL A 90 -28.22 35.66 7.81
CA VAL A 90 -29.63 35.98 8.02
C VAL A 90 -29.75 37.08 9.06
N ILE A 91 -29.84 38.33 8.60
CA ILE A 91 -29.91 39.50 9.48
C ILE A 91 -31.08 40.47 9.29
N ASN A 92 -32.03 40.16 8.41
CA ASN A 92 -33.24 41.01 8.24
C ASN A 92 -34.10 40.94 9.50
N HIS A 93 -34.17 39.72 10.01
CA HIS A 93 -35.02 39.41 11.10
C HIS A 93 -34.27 38.47 12.05
N ARG A 94 -34.75 38.40 13.28
CA ARG A 94 -34.13 37.69 14.38
C ARG A 94 -35.20 37.30 15.41
N THR A 95 -35.06 36.11 16.03
CA THR A 95 -35.94 35.79 17.15
C THR A 95 -35.33 36.17 18.48
N ALA A 96 -36.22 36.46 19.43
CA ALA A 96 -35.80 36.98 20.71
C ALA A 96 -35.85 35.83 21.74
N GLU A 97 -34.99 35.86 22.74
CA GLU A 97 -34.90 34.74 23.75
C GLU A 97 -36.00 34.76 24.84
N HIS A 98 -36.41 35.97 25.22
CA HIS A 98 -37.21 36.18 26.40
C HIS A 98 -38.34 37.17 26.13
N LYS A 99 -39.42 37.00 26.89
CA LYS A 99 -40.61 37.86 26.84
C LYS A 99 -40.43 39.09 27.70
N ASP A 100 -40.87 40.25 27.19
CA ASP A 100 -41.00 41.45 28.01
C ASP A 100 -42.34 41.41 28.78
N GLY A 101 -42.67 42.48 29.49
CA GLY A 101 -43.91 42.54 30.32
C GLY A 101 -45.22 42.47 29.54
N ARG A 102 -45.13 42.69 28.23
CA ARG A 102 -46.27 42.52 27.31
C ARG A 102 -46.47 41.08 26.98
N GLY A 103 -45.54 40.21 27.36
CA GLY A 103 -45.60 38.77 27.05
C GLY A 103 -45.15 38.45 25.62
N ILE A 104 -44.48 39.41 24.99
CA ILE A 104 -44.00 39.33 23.61
C ILE A 104 -42.52 39.02 23.59
N TYR A 105 -42.10 38.06 22.77
CA TYR A 105 -40.67 37.71 22.62
C TYR A 105 -39.95 38.81 21.83
N CYS A 106 -39.33 39.75 22.56
CA CYS A 106 -38.54 40.85 21.99
C CYS A 106 -37.30 41.26 22.84
N LEU A 107 -36.91 40.44 23.81
CA LEU A 107 -35.66 40.66 24.52
C LEU A 107 -34.70 39.60 24.03
N PHE A 108 -33.75 40.06 23.22
CA PHE A 108 -32.76 39.23 22.53
C PHE A 108 -31.54 38.82 23.39
N GLU A 109 -30.97 37.69 23.06
CA GLU A 109 -29.77 37.16 23.74
C GLU A 109 -28.81 36.79 22.65
N GLY A 110 -27.58 37.32 22.72
CA GLY A 110 -26.54 36.99 21.74
C GLY A 110 -25.97 35.58 21.86
N GLY A 111 -26.07 34.95 23.01
CA GLY A 111 -25.43 33.63 23.26
C GLY A 111 -24.12 33.71 24.05
N THR A 112 -23.72 34.91 24.48
CA THR A 112 -22.51 35.07 25.30
C THR A 112 -22.88 35.68 26.64
N PRO A 113 -22.02 35.50 27.66
CA PRO A 113 -22.30 36.08 28.99
C PRO A 113 -22.41 37.62 29.02
N ASP A 114 -21.70 38.31 28.14
CA ASP A 114 -21.76 39.79 28.03
C ASP A 114 -23.00 40.28 27.29
N SER A 115 -23.02 41.60 26.97
CA SER A 115 -24.20 42.27 26.43
C SER A 115 -24.27 42.37 24.92
N ARG A 116 -23.29 41.81 24.22
CA ARG A 116 -23.33 41.77 22.77
C ARG A 116 -24.59 41.09 22.24
N LEU A 117 -25.27 41.82 21.34
CA LEU A 117 -26.50 41.40 20.69
C LEU A 117 -27.70 41.21 21.63
N ASP A 118 -27.56 41.61 22.89
CA ASP A 118 -28.65 41.57 23.85
C ASP A 118 -29.55 42.80 23.72
N TRP A 119 -30.21 42.89 22.57
CA TRP A 119 -31.09 43.98 22.23
C TRP A 119 -32.46 43.81 22.89
N GLY A 120 -33.24 44.86 22.73
CA GLY A 120 -34.65 44.89 23.16
C GLY A 120 -35.54 45.45 22.06
N PRO A 121 -36.82 45.70 22.38
CA PRO A 121 -37.79 46.06 21.34
C PRO A 121 -37.46 47.37 20.62
N HIS A 122 -36.62 48.21 21.19
CA HIS A 122 -36.20 49.46 20.53
C HIS A 122 -35.36 49.14 19.30
N MET A 123 -34.80 47.92 19.22
CA MET A 123 -34.00 47.55 18.04
C MET A 123 -34.83 46.89 16.96
N ILE A 124 -36.14 46.77 17.20
CA ILE A 124 -37.09 46.24 16.23
C ILE A 124 -37.72 47.40 15.40
N CYS A 125 -37.97 47.17 14.12
CA CYS A 125 -38.45 48.26 13.25
C CYS A 125 -39.80 48.83 13.71
N ARG A 126 -40.04 50.07 13.33
CA ARG A 126 -41.15 50.87 13.84
C ARG A 126 -42.52 50.22 13.76
N ASP A 127 -42.87 49.69 12.59
CA ASP A 127 -44.22 49.14 12.37
C ASP A 127 -44.32 47.64 12.63
N ASP A 128 -43.25 47.02 13.13
CA ASP A 128 -43.24 45.55 13.41
C ASP A 128 -43.92 45.30 14.77
N PRO A 129 -45.01 44.53 14.80
CA PRO A 129 -45.77 44.46 16.07
C PRO A 129 -45.01 43.74 17.21
N TYR A 130 -43.87 43.12 16.92
CA TYR A 130 -43.02 42.53 17.96
C TYR A 130 -42.35 43.62 18.77
N GLY A 131 -42.16 44.77 18.13
CA GLY A 131 -41.50 45.89 18.77
C GLY A 131 -42.47 46.79 19.53
N ASP A 132 -41.95 47.94 19.96
CA ASP A 132 -42.67 48.93 20.77
C ASP A 132 -42.79 50.29 20.04
N GLY A 133 -42.56 50.28 18.74
CA GLY A 133 -42.84 51.46 17.92
C GLY A 133 -41.82 52.56 18.08
N THR A 134 -40.72 52.31 18.78
CA THR A 134 -39.72 53.34 18.97
C THR A 134 -38.58 53.27 17.99
N GLY A 135 -38.41 52.12 17.34
CA GLY A 135 -37.37 52.00 16.34
C GLY A 135 -37.66 52.81 15.05
N ASN A 136 -36.67 52.91 14.19
CA ASN A 136 -36.82 53.47 12.87
C ASN A 136 -37.69 52.58 11.99
N PRO A 137 -38.36 53.17 11.00
CA PRO A 137 -39.09 52.27 10.09
C PRO A 137 -38.13 51.41 9.27
N ASP A 138 -38.60 50.22 8.93
CA ASP A 138 -37.82 49.26 8.14
C ASP A 138 -37.24 49.93 6.90
N THR A 139 -35.97 49.66 6.59
CA THR A 139 -35.36 50.14 5.37
C THR A 139 -35.73 49.28 4.13
N GLY A 140 -36.32 48.11 4.36
CA GLY A 140 -36.77 47.24 3.31
C GLY A 140 -38.05 46.53 3.65
N ALA A 141 -38.28 45.39 3.04
CA ALA A 141 -39.48 44.64 3.30
C ALA A 141 -39.49 43.97 4.69
N ASP A 142 -40.70 43.65 5.14
CA ASP A 142 -40.97 43.02 6.40
C ASP A 142 -41.01 41.49 6.26
N PHE A 143 -40.53 40.76 7.27
CA PHE A 143 -40.82 39.31 7.38
C PHE A 143 -41.82 39.13 8.52
N ALA A 144 -43.00 38.61 8.20
CA ALA A 144 -44.12 38.71 9.14
C ALA A 144 -44.00 37.77 10.36
N ALA A 145 -43.24 36.69 10.23
CA ALA A 145 -43.20 35.63 11.26
C ALA A 145 -42.11 35.78 12.32
N ALA A 146 -41.35 36.87 12.24
CA ALA A 146 -40.33 37.15 13.26
C ALA A 146 -40.09 38.66 13.27
N PRO A 147 -39.47 39.17 14.35
CA PRO A 147 -39.04 40.57 14.47
C PRO A 147 -38.07 41.00 13.38
N ASP A 148 -38.41 42.09 12.67
CA ASP A 148 -37.48 42.74 11.77
C ASP A 148 -36.54 43.72 12.47
N ILE A 149 -35.25 43.53 12.25
CA ILE A 149 -34.21 44.34 12.88
C ILE A 149 -34.10 45.70 12.21
N ASP A 150 -33.99 46.71 13.07
CA ASP A 150 -33.79 48.10 12.66
C ASP A 150 -32.33 48.38 12.35
N HIS A 151 -31.96 48.23 11.09
CA HIS A 151 -30.58 48.39 10.65
C HIS A 151 -30.05 49.81 10.69
N LEU A 152 -30.92 50.80 10.94
CA LEU A 152 -30.46 52.19 11.11
C LEU A 152 -29.98 52.44 12.54
N ASN A 153 -30.38 51.57 13.47
CA ASN A 153 -29.88 51.62 14.86
C ASN A 153 -28.36 51.47 14.87
N LYS A 154 -27.66 52.37 15.57
CA LYS A 154 -26.18 52.35 15.59
C LYS A 154 -25.59 51.19 16.39
N ARG A 155 -26.23 50.80 17.47
CA ARG A 155 -25.78 49.62 18.21
C ARG A 155 -25.92 48.33 17.38
N VAL A 156 -27.06 48.16 16.71
CA VAL A 156 -27.28 47.06 15.77
C VAL A 156 -26.14 46.92 14.75
N GLN A 157 -25.85 47.97 14.00
CA GLN A 157 -24.82 47.93 12.97
C GLN A 157 -23.48 47.51 13.53
N ARG A 158 -23.12 48.17 14.62
CA ARG A 158 -21.83 47.94 15.23
C ARG A 158 -21.70 46.50 15.73
N GLU A 159 -22.76 45.99 16.35
CA GLU A 159 -22.70 44.64 16.96
C GLU A 159 -22.87 43.51 15.94
N LEU A 160 -23.60 43.78 14.86
CA LEU A 160 -23.68 42.82 13.75
C LEU A 160 -22.35 42.83 13.01
N ILE A 161 -21.69 43.99 12.90
CA ILE A 161 -20.35 44.02 12.30
C ILE A 161 -19.33 43.19 13.12
N GLY A 162 -19.36 43.33 14.43
CA GLY A 162 -18.55 42.49 15.34
C GLY A 162 -18.77 41.00 15.25
N TRP A 163 -20.03 40.57 15.19
CA TRP A 163 -20.38 39.18 14.91
C TRP A 163 -19.85 38.65 13.56
N LEU A 164 -20.02 39.44 12.49
CA LEU A 164 -19.55 39.05 11.16
C LEU A 164 -18.02 38.98 11.20
N ASP A 165 -17.41 39.89 11.95
CA ASP A 165 -15.94 39.89 12.12
C ASP A 165 -15.44 38.65 12.86
N TRP A 166 -16.21 38.19 13.82
CA TRP A 166 -15.96 36.90 14.48
C TRP A 166 -16.23 35.73 13.54
N LEU A 167 -17.30 35.78 12.74
CA LEU A 167 -17.51 34.68 11.77
C LEU A 167 -16.33 34.60 10.85
N LYS A 168 -15.80 35.75 10.49
CA LYS A 168 -14.72 35.76 9.58
C LYS A 168 -13.37 35.39 10.20
N MET A 169 -12.97 36.13 11.22
N MET A 169 -12.94 36.15 11.23
CA MET A 169 -11.63 36.00 11.78
CA MET A 169 -11.58 36.02 11.80
C MET A 169 -11.44 34.73 12.58
C MET A 169 -11.43 34.72 12.58
N ASP A 170 -12.48 34.29 13.28
CA ASP A 170 -12.38 33.15 14.21
C ASP A 170 -13.00 31.83 13.73
N ILE A 171 -14.15 31.91 13.09
CA ILE A 171 -14.79 30.76 12.54
C ILE A 171 -14.17 30.42 11.19
N GLY A 172 -13.90 31.43 10.38
CA GLY A 172 -13.03 31.31 9.23
C GLY A 172 -13.75 31.51 7.90
N PHE A 173 -15.02 31.92 7.95
CA PHE A 173 -15.78 32.31 6.76
C PHE A 173 -15.09 33.40 6.00
N ASP A 174 -15.19 33.32 4.67
CA ASP A 174 -14.50 34.25 3.74
C ASP A 174 -15.45 35.22 3.05
N ALA A 175 -16.74 34.87 3.03
CA ALA A 175 -17.69 35.50 2.13
C ALA A 175 -19.11 35.33 2.65
N TRP A 176 -20.01 36.19 2.19
CA TRP A 176 -21.39 36.18 2.66
C TRP A 176 -22.43 35.94 1.56
N ARG A 177 -23.46 35.19 1.95
CA ARG A 177 -24.69 35.05 1.20
C ARG A 177 -25.81 35.69 2.01
N LEU A 178 -26.39 36.78 1.46
CA LEU A 178 -27.34 37.61 2.21
C LEU A 178 -28.78 37.14 1.99
N ASP A 179 -29.29 36.40 2.97
CA ASP A 179 -30.67 36.01 3.05
C ASP A 179 -31.65 37.19 3.04
N PHE A 180 -32.76 36.96 2.35
CA PHE A 180 -33.83 37.94 2.20
C PHE A 180 -33.31 39.37 2.10
N ALA A 181 -32.44 39.60 1.13
CA ALA A 181 -31.77 40.92 0.99
C ALA A 181 -32.74 42.08 0.64
N LYS A 182 -33.94 41.74 0.16
CA LYS A 182 -35.01 42.73 -0.04
C LYS A 182 -35.52 43.29 1.28
N GLY A 183 -35.24 42.59 2.39
CA GLY A 183 -35.75 43.06 3.67
C GLY A 183 -35.12 44.32 4.27
N TYR A 184 -33.97 44.69 3.76
CA TYR A 184 -33.30 45.92 4.19
C TYR A 184 -32.66 46.56 2.98
N SER A 185 -32.26 47.83 3.09
CA SER A 185 -31.83 48.57 1.90
C SER A 185 -30.42 48.17 1.48
N ALA A 186 -30.09 48.43 0.21
CA ALA A 186 -28.73 48.22 -0.27
C ALA A 186 -27.71 49.07 0.50
N ASP A 187 -28.13 50.24 0.94
CA ASP A 187 -27.30 51.12 1.77
C ASP A 187 -26.92 50.41 3.06
N MET A 188 -27.87 49.70 3.66
CA MET A 188 -27.56 48.93 4.86
C MET A 188 -26.61 47.80 4.54
N ALA A 189 -26.83 47.10 3.44
CA ALA A 189 -25.98 45.98 3.06
C ALA A 189 -24.56 46.44 2.81
N LYS A 190 -24.44 47.61 2.17
CA LYS A 190 -23.16 48.21 1.82
C LYS A 190 -22.32 48.42 3.06
N ILE A 191 -22.98 48.90 4.10
CA ILE A 191 -22.31 49.11 5.38
C ILE A 191 -21.66 47.81 5.89
N TYR A 192 -22.42 46.74 5.94
CA TYR A 192 -21.88 45.47 6.44
C TYR A 192 -20.77 44.91 5.53
N ILE A 193 -20.98 45.03 4.24
CA ILE A 193 -20.05 44.45 3.28
C ILE A 193 -18.72 45.23 3.32
N ASP A 194 -18.78 46.54 3.08
CA ASP A 194 -17.60 47.44 3.21
C ASP A 194 -16.87 47.25 4.53
N ALA A 195 -17.60 47.11 5.62
CA ALA A 195 -16.94 47.01 6.93
C ALA A 195 -16.19 45.65 7.12
N THR A 196 -16.68 44.59 6.49
CA THR A 196 -16.14 43.23 6.71
C THR A 196 -15.21 42.73 5.59
N GLU A 197 -15.24 43.39 4.45
CA GLU A 197 -14.31 43.08 3.35
C GLU A 197 -14.31 41.63 2.90
N PRO A 198 -15.48 41.10 2.51
CA PRO A 198 -15.49 39.71 2.11
C PRO A 198 -14.84 39.54 0.73
N SER A 199 -14.28 38.37 0.48
CA SER A 199 -13.75 38.01 -0.83
C SER A 199 -14.84 37.97 -1.91
N PHE A 200 -16.09 37.76 -1.48
CA PHE A 200 -17.21 37.50 -2.39
C PHE A 200 -18.48 37.69 -1.58
N ALA A 201 -19.52 38.22 -2.21
CA ALA A 201 -20.84 38.26 -1.58
C ALA A 201 -21.88 37.99 -2.63
N VAL A 202 -22.97 37.36 -2.19
CA VAL A 202 -24.14 37.25 -3.03
C VAL A 202 -25.45 37.53 -2.28
N ALA A 203 -26.20 38.51 -2.79
CA ALA A 203 -27.54 38.84 -2.28
C ALA A 203 -28.62 37.95 -2.86
N GLU A 204 -29.52 37.49 -1.99
CA GLU A 204 -30.77 36.84 -2.39
C GLU A 204 -31.89 37.86 -2.49
N ILE A 205 -32.20 38.27 -3.71
CA ILE A 205 -33.29 39.24 -3.96
C ILE A 205 -34.26 38.47 -4.83
N TRP A 206 -35.35 37.99 -4.23
CA TRP A 206 -36.32 37.12 -4.95
C TRP A 206 -37.67 37.79 -5.07
N THR A 207 -37.99 38.23 -6.28
CA THR A 207 -39.23 38.93 -6.62
C THR A 207 -40.04 38.06 -7.60
N SER A 208 -41.36 37.96 -7.41
CA SER A 208 -42.20 37.19 -8.33
C SER A 208 -42.12 37.78 -9.74
N MET A 209 -42.14 36.91 -10.74
CA MET A 209 -42.13 37.34 -12.13
C MET A 209 -43.55 37.73 -12.57
N ALA A 210 -43.62 38.76 -13.41
CA ALA A 210 -44.85 39.12 -14.08
C ALA A 210 -45.17 38.10 -15.19
N ASN A 211 -46.40 37.57 -15.15
CA ASN A 211 -46.83 36.49 -16.04
C ASN A 211 -47.86 36.96 -17.06
N GLY A 212 -47.94 36.25 -18.18
CA GLY A 212 -49.02 36.41 -19.15
C GLY A 212 -50.28 35.65 -18.78
N GLY A 213 -51.30 35.78 -19.63
CA GLY A 213 -52.62 35.17 -19.39
C GLY A 213 -52.53 33.65 -19.27
N ASP A 214 -51.54 33.07 -19.96
CA ASP A 214 -51.25 31.63 -19.90
C ASP A 214 -50.41 31.16 -18.67
N GLY A 215 -50.17 32.06 -17.71
CA GLY A 215 -49.48 31.73 -16.47
C GLY A 215 -47.98 31.63 -16.56
N LYS A 216 -47.44 31.75 -17.76
CA LYS A 216 -45.99 31.73 -17.97
C LYS A 216 -45.41 33.11 -17.82
N PRO A 217 -44.12 33.20 -17.42
CA PRO A 217 -43.46 34.52 -17.33
C PRO A 217 -43.46 35.24 -18.66
N ASN A 218 -43.60 36.58 -18.63
CA ASN A 218 -43.52 37.37 -19.84
C ASN A 218 -42.13 37.17 -20.45
N TYR A 219 -42.09 37.18 -21.76
CA TYR A 219 -40.87 37.12 -22.56
C TYR A 219 -39.90 38.23 -22.14
N ASP A 220 -40.46 39.38 -21.80
CA ASP A 220 -39.72 40.55 -21.35
C ASP A 220 -39.66 40.53 -19.83
N GLN A 221 -38.45 40.48 -19.27
CA GLN A 221 -38.29 40.50 -17.80
C GLN A 221 -37.30 41.56 -17.37
N ASN A 222 -37.35 42.69 -18.06
CA ASN A 222 -36.38 43.76 -17.82
C ASN A 222 -36.55 44.45 -16.47
N ALA A 223 -37.79 44.67 -16.05
CA ALA A 223 -38.03 45.17 -14.69
C ALA A 223 -37.45 44.20 -13.66
N HIS A 224 -37.48 42.89 -13.95
CA HIS A 224 -37.05 41.89 -12.95
C HIS A 224 -35.52 41.98 -12.78
N ARG A 225 -34.80 41.99 -13.90
CA ARG A 225 -33.35 42.10 -13.84
C ARG A 225 -32.85 43.51 -13.49
N GLN A 226 -33.63 44.54 -13.85
CA GLN A 226 -33.25 45.92 -13.51
C GLN A 226 -33.15 46.07 -11.99
N GLU A 227 -34.10 45.50 -11.28
CA GLU A 227 -34.06 45.52 -9.81
C GLU A 227 -32.74 44.94 -9.29
N LEU A 228 -32.27 43.85 -9.90
CA LEU A 228 -31.01 43.21 -9.49
C LEU A 228 -29.79 44.10 -9.78
N VAL A 229 -29.79 44.71 -10.96
CA VAL A 229 -28.73 45.64 -11.36
C VAL A 229 -28.68 46.89 -10.47
N ASN A 230 -29.85 47.43 -10.14
CA ASN A 230 -29.95 48.56 -9.22
C ASN A 230 -29.34 48.28 -7.83
N TRP A 231 -29.63 47.10 -7.27
CA TRP A 231 -29.08 46.74 -5.95
C TRP A 231 -27.57 46.69 -6.02
N VAL A 232 -27.01 46.05 -7.03
CA VAL A 232 -25.54 45.95 -7.16
C VAL A 232 -24.85 47.30 -7.37
N ASP A 233 -25.38 48.14 -8.25
CA ASP A 233 -24.89 49.51 -8.38
C ASP A 233 -24.85 50.22 -7.02
N ARG A 234 -25.98 50.17 -6.33
CA ARG A 234 -26.13 50.87 -5.08
C ARG A 234 -25.23 50.37 -3.94
N VAL A 235 -24.83 49.08 -3.92
CA VAL A 235 -23.87 48.64 -2.88
C VAL A 235 -22.41 48.97 -3.25
N GLY A 236 -22.20 49.53 -4.45
CA GLY A 236 -20.86 49.96 -4.89
C GLY A 236 -20.37 49.43 -6.23
N GLY A 237 -21.17 48.63 -6.93
CA GLY A 237 -20.81 48.15 -8.25
C GLY A 237 -19.48 47.43 -8.24
N ALA A 238 -18.58 47.79 -9.16
CA ALA A 238 -17.27 47.12 -9.27
C ALA A 238 -16.29 47.52 -8.17
N ASN A 239 -16.67 48.48 -7.34
CA ASN A 239 -15.93 48.84 -6.16
C ASN A 239 -16.33 48.00 -4.94
N SER A 240 -17.11 46.94 -5.20
CA SER A 240 -17.55 45.95 -4.23
C SER A 240 -17.40 44.55 -4.83
N ASN A 241 -17.18 43.56 -3.95
CA ASN A 241 -17.19 42.13 -4.36
C ASN A 241 -18.61 41.48 -4.30
N ALA A 242 -19.63 42.31 -4.04
CA ALA A 242 -21.04 41.88 -4.07
C ALA A 242 -21.67 41.59 -5.44
N THR A 243 -22.39 40.48 -5.49
CA THR A 243 -23.21 40.08 -6.63
C THR A 243 -24.67 39.84 -6.16
N ALA A 244 -25.51 39.51 -7.14
CA ALA A 244 -26.88 39.10 -6.85
C ALA A 244 -27.17 37.79 -7.55
N PHE A 245 -27.95 36.94 -6.88
CA PHE A 245 -28.47 35.75 -7.53
C PHE A 245 -29.33 36.11 -8.75
N ASP A 246 -29.05 35.45 -9.88
CA ASP A 246 -29.74 35.67 -11.13
C ASP A 246 -31.06 34.89 -11.13
N PHE A 247 -32.01 35.35 -10.32
CA PHE A 247 -33.36 34.77 -10.30
C PHE A 247 -34.12 35.05 -11.62
N THR A 248 -33.71 36.07 -12.40
CA THR A 248 -34.30 36.29 -13.76
C THR A 248 -33.97 35.15 -14.74
N THR A 249 -32.71 34.80 -14.83
CA THR A 249 -32.32 33.62 -15.59
C THR A 249 -32.93 32.32 -15.07
N LYS A 250 -33.03 32.16 -13.77
CA LYS A 250 -33.68 30.95 -13.22
C LYS A 250 -35.13 30.82 -13.73
N GLY A 251 -35.89 31.89 -13.56
CA GLY A 251 -37.32 31.90 -13.90
C GLY A 251 -37.58 31.68 -15.37
N ILE A 252 -36.70 32.23 -16.19
CA ILE A 252 -36.85 32.09 -17.62
C ILE A 252 -36.45 30.70 -18.08
N LEU A 253 -35.33 30.24 -17.58
CA LEU A 253 -34.83 28.92 -17.94
C LEU A 253 -35.83 27.82 -17.52
N ASN A 254 -36.50 27.99 -16.38
CA ASN A 254 -37.56 27.04 -15.93
C ASN A 254 -38.62 26.76 -17.01
N VAL A 255 -39.10 27.86 -17.61
CA VAL A 255 -40.09 27.75 -18.68
C VAL A 255 -39.49 27.50 -20.08
N ALA A 256 -38.27 27.99 -20.35
CA ALA A 256 -37.71 27.94 -21.73
C ALA A 256 -37.42 26.53 -22.13
N VAL A 257 -36.95 25.73 -21.16
CA VAL A 257 -36.66 24.36 -21.39
C VAL A 257 -37.90 23.56 -21.80
N GLU A 258 -39.11 24.05 -21.50
CA GLU A 258 -40.31 23.28 -21.86
C GLU A 258 -40.81 23.62 -23.28
N GLY A 259 -40.00 23.32 -24.28
CA GLY A 259 -40.40 23.58 -25.68
C GLY A 259 -40.43 25.06 -26.03
N GLU A 260 -39.73 25.91 -25.27
CA GLU A 260 -39.78 27.38 -25.52
C GLU A 260 -38.40 28.04 -25.39
N LEU A 261 -37.41 27.51 -26.12
CA LEU A 261 -36.04 27.99 -25.97
C LEU A 261 -35.74 29.34 -26.62
N TRP A 262 -36.68 29.82 -27.44
CA TRP A 262 -36.63 31.19 -27.97
C TRP A 262 -36.68 32.27 -26.89
N ARG A 263 -37.12 31.89 -25.68
CA ARG A 263 -37.10 32.81 -24.54
C ARG A 263 -35.69 33.17 -24.12
N LEU A 264 -34.71 32.39 -24.54
CA LEU A 264 -33.32 32.59 -24.17
C LEU A 264 -32.54 33.59 -25.04
N ARG A 265 -33.21 34.24 -25.97
CA ARG A 265 -32.64 35.40 -26.69
C ARG A 265 -33.63 36.56 -26.59
N GLY A 266 -33.25 37.61 -25.91
CA GLY A 266 -34.13 38.75 -25.74
C GLY A 266 -34.25 39.60 -27.00
N GLU A 267 -35.07 40.63 -26.91
CA GLU A 267 -35.37 41.51 -28.06
C GLU A 267 -34.08 42.05 -28.70
N ASP A 268 -33.08 42.39 -27.89
CA ASP A 268 -31.81 42.96 -28.40
C ASP A 268 -30.77 41.91 -28.82
N GLY A 269 -31.17 40.65 -28.92
CA GLY A 269 -30.21 39.58 -29.27
C GLY A 269 -29.36 39.06 -28.13
N LYS A 270 -29.51 39.62 -26.93
CA LYS A 270 -28.69 39.22 -25.76
C LYS A 270 -29.44 38.26 -24.79
N ALA A 271 -28.73 37.74 -23.79
CA ALA A 271 -29.39 36.86 -22.81
C ALA A 271 -30.45 37.67 -22.07
N PRO A 272 -31.58 37.04 -21.74
CA PRO A 272 -32.68 37.79 -21.14
C PRO A 272 -32.60 37.97 -19.62
N GLY A 273 -31.69 37.27 -18.97
CA GLY A 273 -31.60 37.36 -17.51
C GLY A 273 -30.51 38.32 -17.08
N MET A 274 -30.17 38.32 -15.80
CA MET A 274 -29.18 39.29 -15.34
C MET A 274 -27.86 39.19 -16.10
N ILE A 275 -27.45 37.96 -16.44
CA ILE A 275 -26.19 37.80 -17.18
C ILE A 275 -26.14 38.57 -18.53
N GLY A 276 -27.30 38.95 -19.06
CA GLY A 276 -27.34 39.71 -20.30
C GLY A 276 -27.06 41.20 -20.15
N TRP A 277 -27.09 41.71 -18.91
CA TRP A 277 -26.78 43.12 -18.63
C TRP A 277 -25.50 43.36 -17.86
N TRP A 278 -25.19 42.48 -16.90
CA TRP A 278 -24.02 42.65 -16.03
C TRP A 278 -23.60 41.26 -15.55
N PRO A 279 -23.00 40.47 -16.44
CA PRO A 279 -22.70 39.08 -16.12
C PRO A 279 -21.78 38.91 -14.93
N ALA A 280 -20.77 39.75 -14.81
CA ALA A 280 -19.81 39.68 -13.71
C ALA A 280 -20.49 39.74 -12.34
N LYS A 281 -21.61 40.44 -12.27
CA LYS A 281 -22.37 40.63 -11.02
C LYS A 281 -23.57 39.66 -10.81
N ALA A 282 -23.70 38.68 -11.71
CA ALA A 282 -24.81 37.77 -11.72
C ALA A 282 -24.37 36.34 -11.33
N THR A 283 -24.97 35.82 -10.26
CA THR A 283 -24.71 34.48 -9.79
C THR A 283 -25.86 33.56 -10.19
N THR A 284 -25.62 32.73 -11.21
CA THR A 284 -26.65 31.89 -11.80
C THR A 284 -26.79 30.53 -11.05
N PHE A 285 -27.92 29.85 -11.25
CA PHE A 285 -28.18 28.60 -10.56
C PHE A 285 -29.38 27.93 -11.21
N VAL A 286 -29.47 26.62 -11.02
CA VAL A 286 -30.59 25.80 -11.51
C VAL A 286 -31.70 25.58 -10.45
N ASP A 287 -31.29 25.36 -9.22
CA ASP A 287 -32.20 25.34 -8.08
C ASP A 287 -31.43 25.55 -6.78
N ASN A 288 -32.18 25.97 -5.78
CA ASN A 288 -31.67 26.03 -4.41
C ASN A 288 -32.61 25.29 -3.44
N HIS A 289 -32.39 25.52 -2.16
CA HIS A 289 -33.09 24.83 -1.10
C HIS A 289 -34.55 25.27 -0.95
N ASP A 290 -34.88 26.47 -1.48
CA ASP A 290 -36.24 26.98 -1.53
C ASP A 290 -36.93 26.57 -2.81
N THR A 291 -36.29 26.79 -3.95
CA THR A 291 -36.90 26.48 -5.25
C THR A 291 -37.04 25.02 -5.58
N GLY A 292 -36.11 24.22 -5.06
CA GLY A 292 -36.12 22.80 -5.23
C GLY A 292 -36.08 22.08 -3.88
N SER A 293 -35.32 20.99 -3.77
CA SER A 293 -35.28 20.18 -2.55
C SER A 293 -36.69 19.73 -2.12
N THR A 294 -37.00 19.74 -0.83
CA THR A 294 -38.33 19.32 -0.34
C THR A 294 -39.32 20.47 -0.23
N GLN A 295 -38.86 21.70 -0.44
CA GLN A 295 -39.79 22.83 -0.49
C GLN A 295 -40.40 23.03 -1.89
N HIS A 296 -39.61 22.79 -2.92
CA HIS A 296 -40.04 22.80 -4.36
C HIS A 296 -40.97 23.97 -4.71
N LEU A 297 -40.61 25.16 -4.24
CA LEU A 297 -41.40 26.36 -4.53
C LEU A 297 -41.24 26.87 -5.98
N TRP A 298 -40.20 26.44 -6.70
CA TRP A 298 -39.98 26.88 -8.09
C TRP A 298 -39.07 25.93 -8.82
N PRO A 299 -39.46 24.65 -8.92
CA PRO A 299 -38.49 23.65 -9.35
C PRO A 299 -38.18 23.71 -10.84
N PHE A 300 -36.91 23.48 -11.18
CA PHE A 300 -36.52 23.21 -12.55
C PHE A 300 -37.17 21.91 -13.04
N PRO A 301 -37.77 21.92 -14.25
CA PRO A 301 -38.16 20.64 -14.82
C PRO A 301 -37.11 19.51 -14.54
N SER A 302 -37.56 18.48 -13.83
CA SER A 302 -36.63 17.50 -13.29
C SER A 302 -35.97 16.63 -14.34
N ASP A 303 -36.67 16.39 -15.46
CA ASP A 303 -36.09 15.70 -16.59
C ASP A 303 -35.09 16.53 -17.39
N LYS A 304 -35.00 17.86 -17.14
CA LYS A 304 -34.16 18.73 -17.96
C LYS A 304 -33.03 19.45 -17.19
N VAL A 305 -32.62 18.92 -16.04
CA VAL A 305 -31.67 19.66 -15.18
C VAL A 305 -30.26 19.86 -15.83
N MET A 306 -29.77 18.83 -16.51
CA MET A 306 -28.52 18.95 -17.25
C MET A 306 -28.55 20.05 -18.36
N GLN A 307 -29.72 20.38 -18.87
CA GLN A 307 -29.85 21.55 -19.79
C GLN A 307 -29.57 22.82 -19.03
N GLY A 308 -30.07 22.87 -17.80
CA GLY A 308 -29.78 23.96 -16.92
C GLY A 308 -28.30 24.15 -16.69
N TYR A 309 -27.62 23.06 -16.30
CA TYR A 309 -26.18 23.08 -16.10
C TYR A 309 -25.35 23.36 -17.34
N ALA A 310 -25.68 22.73 -18.47
CA ALA A 310 -25.05 23.02 -19.77
C ALA A 310 -25.08 24.51 -20.07
N TYR A 311 -26.18 25.18 -19.69
CA TYR A 311 -26.33 26.64 -19.83
C TYR A 311 -25.44 27.39 -18.80
N ILE A 312 -25.72 27.24 -17.51
CA ILE A 312 -25.03 28.07 -16.54
C ILE A 312 -23.53 27.80 -16.50
N LEU A 313 -23.13 26.54 -16.65
CA LEU A 313 -21.73 26.17 -16.48
C LEU A 313 -20.84 26.59 -17.67
N THR A 314 -21.43 26.88 -18.82
CA THR A 314 -20.67 27.42 -20.01
C THR A 314 -20.85 28.94 -20.27
N HIS A 315 -21.81 29.53 -19.58
CA HIS A 315 -22.14 30.92 -19.85
C HIS A 315 -21.43 31.91 -18.91
N PRO A 316 -21.44 33.23 -19.29
CA PRO A 316 -21.09 34.26 -18.37
C PRO A 316 -21.89 34.17 -17.08
N GLY A 317 -21.36 34.82 -16.06
CA GLY A 317 -21.92 34.72 -14.71
C GLY A 317 -21.04 33.88 -13.79
N ASN A 318 -21.45 33.84 -12.53
CA ASN A 318 -20.81 33.04 -11.47
C ASN A 318 -21.72 31.86 -11.19
N PRO A 319 -21.50 30.72 -11.84
CA PRO A 319 -22.48 29.63 -11.67
C PRO A 319 -22.38 28.87 -10.33
N CYS A 320 -23.55 28.53 -9.76
CA CYS A 320 -23.67 27.85 -8.48
C CYS A 320 -24.35 26.48 -8.68
N ILE A 321 -23.65 25.43 -8.28
CA ILE A 321 -24.12 24.07 -8.38
C ILE A 321 -24.84 23.63 -7.10
N PHE A 322 -26.04 23.05 -7.23
CA PHE A 322 -26.84 22.62 -6.07
C PHE A 322 -26.44 21.20 -5.54
N TYR A 323 -26.37 21.04 -4.23
CA TYR A 323 -25.97 19.80 -3.61
C TYR A 323 -26.61 18.60 -4.29
N ASP A 324 -27.93 18.54 -4.32
CA ASP A 324 -28.63 17.31 -4.73
C ASP A 324 -28.26 16.89 -6.14
N HIS A 325 -28.11 17.90 -6.99
CA HIS A 325 -27.92 17.68 -8.38
C HIS A 325 -26.53 17.06 -8.52
N PHE A 326 -25.58 17.52 -7.70
CA PHE A 326 -24.22 17.00 -7.78
C PHE A 326 -24.00 15.56 -7.18
N PHE A 327 -24.59 15.27 -6.02
CA PHE A 327 -24.32 13.98 -5.32
C PHE A 327 -25.44 12.95 -5.32
N ASP A 328 -26.68 13.38 -5.46
CA ASP A 328 -27.88 12.52 -5.33
C ASP A 328 -28.68 12.23 -6.60
N TRP A 329 -28.32 12.79 -7.75
CA TRP A 329 -29.16 12.66 -8.93
C TRP A 329 -28.50 11.82 -10.02
N GLY A 330 -27.30 11.31 -9.74
CA GLY A 330 -26.55 10.50 -10.72
C GLY A 330 -25.94 11.36 -11.82
N LEU A 331 -25.65 12.61 -11.50
CA LEU A 331 -25.15 13.58 -12.51
C LEU A 331 -23.74 14.11 -12.21
N LYS A 332 -23.06 13.56 -11.21
CA LYS A 332 -21.75 14.05 -10.78
C LYS A 332 -20.73 14.18 -11.92
N GLU A 333 -20.54 13.09 -12.66
CA GLU A 333 -19.53 13.04 -13.71
C GLU A 333 -19.80 14.06 -14.86
N GLU A 334 -21.07 14.27 -15.22
CA GLU A 334 -21.45 15.15 -16.31
C GLU A 334 -21.24 16.60 -15.93
N ILE A 335 -21.67 16.95 -14.72
CA ILE A 335 -21.41 18.27 -14.17
C ILE A 335 -19.91 18.57 -14.08
N GLU A 336 -19.14 17.66 -13.48
CA GLU A 336 -17.68 17.78 -13.40
C GLU A 336 -17.03 18.00 -14.76
N ARG A 337 -17.52 17.27 -15.78
CA ARG A 337 -17.01 17.44 -17.14
C ARG A 337 -17.28 18.90 -17.64
N LEU A 338 -18.43 19.44 -17.31
N LEU A 338 -18.43 19.44 -17.31
CA LEU A 338 -18.77 20.81 -17.78
CA LEU A 338 -18.77 20.81 -17.78
C LEU A 338 -17.90 21.87 -17.10
N VAL A 339 -17.61 21.66 -15.81
CA VAL A 339 -16.77 22.59 -15.04
C VAL A 339 -15.35 22.60 -15.60
N SER A 340 -14.84 21.43 -15.98
CA SER A 340 -13.50 21.33 -16.58
C SER A 340 -13.43 22.02 -17.97
N ILE A 341 -14.48 21.90 -18.76
CA ILE A 341 -14.55 22.63 -20.03
C ILE A 341 -14.47 24.12 -19.75
N ARG A 342 -15.33 24.59 -18.84
CA ARG A 342 -15.33 25.99 -18.39
C ARG A 342 -13.94 26.49 -18.00
N ASN A 343 -13.28 25.71 -17.14
CA ASN A 343 -11.99 26.11 -16.59
C ASN A 343 -10.88 26.09 -17.67
N ARG A 344 -10.78 25.01 -18.44
CA ARG A 344 -9.71 24.95 -19.43
C ARG A 344 -9.92 25.84 -20.67
N GLN A 345 -11.13 26.37 -20.86
CA GLN A 345 -11.35 27.32 -21.96
C GLN A 345 -11.29 28.74 -21.41
N GLY A 346 -11.01 28.81 -20.12
CA GLY A 346 -10.82 30.06 -19.45
C GLY A 346 -12.08 30.91 -19.47
N ILE A 347 -13.25 30.26 -19.48
CA ILE A 347 -14.50 31.02 -19.34
C ILE A 347 -14.60 31.65 -17.94
N HIS A 348 -15.09 32.88 -17.90
CA HIS A 348 -15.08 33.70 -16.66
C HIS A 348 -16.35 34.53 -16.53
N PRO A 349 -16.56 35.18 -15.36
CA PRO A 349 -17.85 35.83 -15.14
C PRO A 349 -18.20 36.89 -16.20
N ALA A 350 -17.22 37.65 -16.66
CA ALA A 350 -17.46 38.65 -17.71
C ALA A 350 -17.22 38.16 -19.14
N SER A 351 -17.23 36.84 -19.34
CA SER A 351 -17.00 36.28 -20.69
C SER A 351 -18.03 36.81 -21.70
N GLU A 352 -17.72 36.71 -22.99
CA GLU A 352 -18.61 37.23 -24.02
C GLU A 352 -19.48 36.15 -24.63
N LEU A 353 -20.75 36.46 -24.78
CA LEU A 353 -21.74 35.55 -25.33
C LEU A 353 -22.21 36.04 -26.70
N ARG A 354 -22.25 35.13 -27.67
CA ARG A 354 -22.87 35.38 -28.96
C ARG A 354 -23.95 34.31 -29.19
N ILE A 355 -25.20 34.71 -29.02
CA ILE A 355 -26.32 33.77 -29.29
C ILE A 355 -26.48 33.53 -30.79
N MET A 356 -26.47 32.25 -31.17
CA MET A 356 -26.53 31.86 -32.59
C MET A 356 -27.94 31.54 -33.05
N GLU A 357 -28.63 30.71 -32.27
CA GLU A 357 -30.01 30.29 -32.58
C GLU A 357 -30.80 30.18 -31.29
N ALA A 358 -32.08 30.55 -31.38
CA ALA A 358 -33.03 30.37 -30.29
C ALA A 358 -34.42 30.09 -30.85
N ASP A 359 -34.71 28.81 -31.04
CA ASP A 359 -36.04 28.32 -31.46
C ASP A 359 -36.62 27.49 -30.32
N SER A 360 -37.85 27.04 -30.47
CA SER A 360 -38.51 26.17 -29.47
C SER A 360 -37.67 25.00 -29.03
N ASP A 361 -37.08 24.30 -29.99
CA ASP A 361 -36.40 23.03 -29.75
C ASP A 361 -34.89 23.16 -29.72
N LEU A 362 -34.42 24.40 -29.83
CA LEU A 362 -32.98 24.66 -29.99
C LEU A 362 -32.58 25.97 -29.36
N TYR A 363 -31.50 25.90 -28.57
CA TYR A 363 -30.74 27.08 -28.20
C TYR A 363 -29.32 26.76 -28.46
N LEU A 364 -28.66 27.65 -29.18
CA LEU A 364 -27.27 27.46 -29.56
C LEU A 364 -26.49 28.74 -29.32
N ALA A 365 -25.31 28.63 -28.70
CA ALA A 365 -24.59 29.84 -28.30
C ALA A 365 -23.07 29.64 -28.23
N GLU A 366 -22.34 30.64 -28.70
CA GLU A 366 -20.86 30.61 -28.66
C GLU A 366 -20.34 31.55 -27.58
N ILE A 367 -19.40 31.05 -26.77
CA ILE A 367 -18.87 31.82 -25.63
C ILE A 367 -17.37 32.04 -25.81
N ASP A 368 -16.97 33.30 -25.75
CA ASP A 368 -15.57 33.72 -25.93
C ASP A 368 -14.92 33.25 -27.23
N GLY A 369 -15.72 33.05 -28.27
CA GLY A 369 -15.22 32.49 -29.53
C GLY A 369 -14.61 31.08 -29.39
N LYS A 370 -14.94 30.36 -28.33
CA LYS A 370 -14.16 29.14 -27.98
C LYS A 370 -14.96 27.91 -27.60
N VAL A 371 -16.13 28.13 -27.02
CA VAL A 371 -17.08 27.07 -26.71
C VAL A 371 -18.41 27.38 -27.38
N ILE A 372 -19.05 26.33 -27.87
CA ILE A 372 -20.41 26.41 -28.35
C ILE A 372 -21.28 25.50 -27.48
N THR A 373 -22.38 26.04 -26.98
CA THR A 373 -23.32 25.31 -26.18
C THR A 373 -24.64 25.16 -26.90
N LYS A 374 -25.17 23.94 -26.84
CA LYS A 374 -26.44 23.60 -27.45
C LYS A 374 -27.32 22.95 -26.42
N ILE A 375 -28.52 23.47 -26.23
CA ILE A 375 -29.51 22.73 -25.41
C ILE A 375 -30.79 22.51 -26.17
N GLY A 376 -31.54 21.55 -25.66
CA GLY A 376 -32.87 21.20 -26.24
C GLY A 376 -32.86 19.85 -26.96
N PRO A 377 -34.04 19.39 -27.39
CA PRO A 377 -34.12 18.06 -27.98
C PRO A 377 -33.58 17.96 -29.42
N ARG A 378 -33.43 19.06 -30.14
CA ARG A 378 -32.96 18.97 -31.53
C ARG A 378 -31.48 18.53 -31.58
N TYR A 379 -31.22 17.42 -32.26
CA TYR A 379 -29.90 16.83 -32.28
C TYR A 379 -29.05 17.22 -33.52
N ASP A 380 -29.69 17.34 -34.69
CA ASP A 380 -28.97 17.64 -35.94
C ASP A 380 -28.73 19.15 -36.04
N VAL A 381 -27.49 19.58 -35.80
CA VAL A 381 -27.12 21.00 -35.86
C VAL A 381 -25.76 21.26 -36.53
N GLU A 382 -25.20 20.26 -37.21
CA GLU A 382 -23.77 20.35 -37.63
C GLU A 382 -23.50 21.40 -38.69
N HIS A 383 -24.48 21.66 -39.56
CA HIS A 383 -24.49 22.85 -40.48
C HIS A 383 -24.40 24.20 -39.77
N LEU A 384 -24.81 24.26 -38.50
CA LEU A 384 -24.73 25.50 -37.68
C LEU A 384 -23.41 25.69 -36.92
N ILE A 385 -22.53 24.70 -36.97
CA ILE A 385 -21.34 24.69 -36.17
C ILE A 385 -20.21 25.09 -37.10
N PRO A 386 -19.41 26.09 -36.70
CA PRO A 386 -18.24 26.44 -37.46
C PRO A 386 -17.14 25.39 -37.48
N GLU A 387 -16.43 25.41 -38.61
CA GLU A 387 -15.23 24.62 -38.86
C GLU A 387 -14.21 24.82 -37.73
N GLY A 388 -13.66 23.72 -37.25
CA GLY A 388 -12.69 23.74 -36.16
C GLY A 388 -13.26 23.41 -34.79
N PHE A 389 -14.58 23.31 -34.68
CA PHE A 389 -15.24 23.02 -33.40
C PHE A 389 -15.58 21.52 -33.35
N GLN A 390 -15.32 20.91 -32.20
CA GLN A 390 -15.54 19.48 -32.02
C GLN A 390 -16.30 19.23 -30.74
N VAL A 391 -17.23 18.28 -30.78
CA VAL A 391 -18.00 17.89 -29.60
C VAL A 391 -17.05 17.36 -28.53
N VAL A 392 -17.20 17.89 -27.33
CA VAL A 392 -16.39 17.48 -26.17
C VAL A 392 -17.24 16.96 -24.99
N ALA A 393 -18.55 17.22 -25.03
CA ALA A 393 -19.45 16.70 -24.00
C ALA A 393 -20.88 16.68 -24.52
N HIS A 394 -21.63 15.63 -24.20
CA HIS A 394 -23.04 15.55 -24.61
C HIS A 394 -23.82 14.66 -23.64
N GLY A 395 -25.12 14.93 -23.56
CA GLY A 395 -26.04 14.08 -22.80
C GLY A 395 -27.46 14.36 -23.21
N ASP A 396 -28.39 13.92 -22.38
CA ASP A 396 -29.83 14.15 -22.59
C ASP A 396 -30.16 15.66 -22.79
N GLY A 397 -30.47 16.03 -24.03
CA GLY A 397 -30.87 17.40 -24.34
C GLY A 397 -29.77 18.46 -24.34
N TYR A 398 -28.49 18.05 -24.39
CA TYR A 398 -27.37 18.99 -24.43
C TYR A 398 -26.13 18.44 -25.15
N ALA A 399 -25.39 19.36 -25.78
CA ALA A 399 -24.06 19.08 -26.31
C ALA A 399 -23.14 20.32 -26.36
N ILE A 400 -21.86 20.08 -26.09
CA ILE A 400 -20.85 21.12 -26.02
C ILE A 400 -19.70 20.81 -26.99
N TRP A 401 -19.32 21.85 -27.75
CA TRP A 401 -18.18 21.85 -28.65
C TRP A 401 -17.09 22.82 -28.13
N GLU A 402 -15.83 22.50 -28.41
CA GLU A 402 -14.68 23.40 -28.21
C GLU A 402 -13.93 23.64 -29.51
N LYS A 403 -13.35 24.82 -29.65
CA LYS A 403 -12.53 25.14 -30.84
C LYS A 403 -11.25 24.30 -30.86
N ILE A 404 -11.12 23.52 -31.93
CA ILE A 404 -10.02 22.54 -32.19
C ILE A 404 -9.72 21.68 -30.99
N MET B 1 11.52 -32.04 8.29
CA MET B 1 11.67 -32.22 9.77
C MET B 1 12.59 -31.14 10.32
N GLN B 2 13.84 -31.12 9.88
CA GLN B 2 14.85 -30.23 10.47
C GLN B 2 16.16 -30.20 9.64
N VAL B 3 16.22 -29.22 8.74
CA VAL B 3 17.23 -29.15 7.72
C VAL B 3 17.84 -27.76 7.83
N LEU B 4 19.14 -27.71 8.07
CA LEU B 4 19.85 -26.46 8.24
C LEU B 4 20.37 -25.96 6.88
N PHE B 5 20.56 -24.66 6.81
CA PHE B 5 21.19 -24.02 5.65
C PHE B 5 22.20 -22.99 6.17
N GLN B 6 23.47 -23.15 5.77
CA GLN B 6 24.45 -22.12 6.05
C GLN B 6 24.32 -21.06 4.97
N GLY B 7 23.84 -19.88 5.37
CA GLY B 7 23.43 -18.84 4.42
C GLY B 7 24.50 -17.85 4.06
N PHE B 8 25.76 -18.31 4.00
CA PHE B 8 26.87 -17.44 3.67
C PHE B 8 28.12 -18.26 3.37
N ASN B 9 29.06 -17.57 2.73
CA ASN B 9 30.42 -18.10 2.57
C ASN B 9 31.48 -17.04 2.91
N TRP B 10 32.75 -17.34 2.64
CA TRP B 10 33.86 -16.52 3.10
C TRP B 10 34.02 -15.23 2.28
N GLU B 11 33.40 -15.20 1.14
CA GLU B 11 33.35 -14.03 0.28
C GLU B 11 32.08 -13.16 0.42
N SER B 12 31.11 -13.61 1.21
CA SER B 12 29.82 -12.95 1.34
C SER B 12 29.90 -11.48 1.72
N TRP B 13 30.83 -11.13 2.60
CA TRP B 13 30.94 -9.73 3.04
C TRP B 13 31.24 -8.76 1.89
N LYS B 14 31.78 -9.27 0.80
CA LYS B 14 32.14 -8.45 -0.37
C LYS B 14 30.97 -8.14 -1.28
N GLU B 15 29.81 -8.77 -1.05
CA GLU B 15 28.70 -8.73 -1.99
C GLU B 15 28.28 -7.30 -2.35
N ASN B 16 28.25 -7.02 -3.65
CA ASN B 16 27.86 -5.67 -4.09
C ASN B 16 26.42 -5.36 -3.71
N GLY B 17 26.22 -4.29 -2.93
CA GLY B 17 24.91 -3.96 -2.41
C GLY B 17 24.61 -4.58 -1.05
N GLY B 18 25.52 -5.41 -0.55
CA GLY B 18 25.40 -5.94 0.81
C GLY B 18 24.85 -7.35 0.82
N TRP B 19 25.41 -8.22 1.66
CA TRP B 19 24.95 -9.62 1.73
C TRP B 19 23.51 -9.80 2.15
N TYR B 20 23.07 -9.13 3.20
CA TYR B 20 21.68 -9.30 3.68
C TYR B 20 20.65 -8.94 2.58
N ASN B 21 20.95 -7.88 1.85
CA ASN B 21 20.05 -7.40 0.80
C ASN B 21 19.99 -8.43 -0.29
N PHE B 22 21.16 -8.99 -0.60
CA PHE B 22 21.24 -10.07 -1.55
C PHE B 22 20.46 -11.32 -1.10
N LEU B 23 20.66 -11.76 0.14
CA LEU B 23 20.03 -12.98 0.61
C LEU B 23 18.48 -12.87 0.72
N MET B 24 17.99 -11.64 0.90
CA MET B 24 16.56 -11.33 0.82
C MET B 24 15.92 -11.97 -0.39
N GLY B 25 16.63 -11.92 -1.51
CA GLY B 25 16.14 -12.50 -2.77
C GLY B 25 16.11 -14.02 -2.84
N LYS B 26 16.64 -14.70 -1.82
CA LYS B 26 16.71 -16.17 -1.81
C LYS B 26 15.84 -16.79 -0.77
N VAL B 27 15.15 -15.96 0.02
CA VAL B 27 14.37 -16.47 1.13
C VAL B 27 13.32 -17.49 0.67
N ASP B 28 12.56 -17.12 -0.37
CA ASP B 28 11.50 -17.99 -0.90
C ASP B 28 12.05 -19.34 -1.42
N ASP B 29 13.17 -19.32 -2.15
CA ASP B 29 13.81 -20.56 -2.63
C ASP B 29 14.26 -21.48 -1.45
N ILE B 30 14.76 -20.85 -0.40
CA ILE B 30 15.23 -21.55 0.78
C ILE B 30 14.08 -22.23 1.51
N ALA B 31 13.04 -21.45 1.80
CA ALA B 31 11.83 -21.94 2.44
C ALA B 31 11.14 -23.04 1.66
N ALA B 32 11.01 -22.81 0.36
CA ALA B 32 10.32 -23.74 -0.54
C ALA B 32 10.99 -25.10 -0.62
N ALA B 33 12.31 -25.12 -0.52
CA ALA B 33 13.08 -26.35 -0.58
C ALA B 33 12.93 -27.24 0.68
N GLY B 34 12.22 -26.79 1.71
CA GLY B 34 12.10 -27.56 2.99
C GLY B 34 13.19 -27.31 4.03
N ILE B 35 13.98 -26.25 3.82
CA ILE B 35 14.91 -25.84 4.85
C ILE B 35 14.15 -25.24 6.03
N THR B 36 14.54 -25.61 7.26
CA THR B 36 13.86 -25.17 8.45
C THR B 36 14.67 -24.16 9.25
N HIS B 37 15.99 -24.11 9.04
CA HIS B 37 16.86 -23.25 9.82
C HIS B 37 17.97 -22.69 8.95
N VAL B 38 18.16 -21.38 9.02
CA VAL B 38 19.24 -20.71 8.31
C VAL B 38 20.24 -20.09 9.27
N TRP B 39 21.50 -20.39 9.01
CA TRP B 39 22.59 -19.89 9.84
C TRP B 39 23.21 -18.70 9.12
N LEU B 40 23.17 -17.55 9.80
CA LEU B 40 23.67 -16.25 9.26
C LEU B 40 24.93 -15.89 10.00
N PRO B 41 25.77 -15.04 9.39
CA PRO B 41 27.12 -14.82 9.95
C PRO B 41 27.13 -13.94 11.19
N PRO B 42 28.29 -13.81 11.87
CA PRO B 42 28.30 -12.95 13.04
C PRO B 42 27.94 -11.53 12.65
N PRO B 43 26.96 -10.92 13.34
CA PRO B 43 26.36 -9.63 12.91
C PRO B 43 27.02 -8.35 13.41
N SER B 44 27.88 -8.48 14.43
CA SER B 44 28.51 -7.31 15.06
C SER B 44 29.71 -6.72 14.29
N HIS B 45 29.96 -5.44 14.58
CA HIS B 45 31.26 -4.81 14.35
C HIS B 45 32.36 -5.80 14.67
N SER B 46 33.31 -5.91 13.72
CA SER B 46 34.42 -6.81 13.84
C SER B 46 35.65 -6.18 13.20
N VAL B 47 36.84 -6.50 13.70
CA VAL B 47 38.07 -5.98 13.05
C VAL B 47 38.13 -6.66 11.67
N GLY B 48 38.19 -7.98 11.63
CA GLY B 48 38.05 -8.70 10.35
C GLY B 48 36.65 -8.70 9.73
N GLU B 49 36.60 -8.48 8.41
CA GLU B 49 35.33 -8.24 7.68
C GLU B 49 34.32 -9.40 7.75
N GLN B 50 34.82 -10.62 7.85
CA GLN B 50 33.95 -11.79 7.91
C GLN B 50 33.16 -11.87 9.21
N GLY B 51 33.59 -11.14 10.22
CA GLY B 51 32.86 -11.04 11.43
C GLY B 51 33.42 -11.79 12.64
N TYR B 52 34.51 -12.50 12.49
CA TYR B 52 35.03 -13.41 13.56
C TYR B 52 36.04 -12.78 14.51
N MET B 53 36.16 -11.45 14.45
CA MET B 53 36.95 -10.65 15.40
C MET B 53 36.10 -9.51 16.02
N PRO B 54 35.01 -9.88 16.70
CA PRO B 54 34.01 -8.90 17.12
C PRO B 54 34.49 -7.98 18.21
N GLY B 55 34.11 -6.71 18.12
CA GLY B 55 34.41 -5.72 19.16
C GLY B 55 33.17 -5.18 19.83
N ARG B 56 32.54 -4.22 19.16
CA ARG B 56 31.30 -3.55 19.57
C ARG B 56 30.07 -4.45 19.28
N LEU B 57 29.77 -5.38 20.20
CA LEU B 57 28.75 -6.40 19.97
C LEU B 57 27.35 -5.87 19.67
N TYR B 58 26.94 -4.79 20.34
CA TYR B 58 25.64 -4.18 20.03
C TYR B 58 25.66 -3.40 18.68
N ASP B 59 26.85 -3.22 18.08
CA ASP B 59 26.96 -2.34 16.85
C ASP B 59 26.81 -3.15 15.59
N LEU B 60 25.56 -3.46 15.27
CA LEU B 60 25.25 -4.24 14.09
C LEU B 60 25.37 -3.37 12.81
N ASP B 61 25.13 -2.05 12.92
CA ASP B 61 25.27 -1.12 11.75
C ASP B 61 26.68 -1.05 11.14
N ALA B 62 27.70 -1.38 11.93
CA ALA B 62 29.08 -1.41 11.43
C ALA B 62 29.46 -2.71 10.71
N SER B 63 28.54 -3.68 10.68
CA SER B 63 28.84 -4.96 10.02
C SER B 63 29.03 -4.74 8.53
N LYS B 64 29.96 -5.50 7.92
CA LYS B 64 30.09 -5.51 6.44
C LYS B 64 28.97 -6.22 5.74
N TYR B 65 28.23 -7.09 6.45
CA TYR B 65 27.10 -7.79 5.81
C TYR B 65 25.89 -6.91 5.51
N GLY B 66 25.78 -5.80 6.22
CA GLY B 66 24.59 -4.97 6.17
C GLY B 66 24.32 -4.43 7.57
N ASN B 67 23.28 -3.61 7.72
CA ASN B 67 23.06 -2.86 8.97
C ASN B 67 21.97 -3.47 9.83
N GLU B 68 21.71 -2.90 10.98
CA GLU B 68 20.73 -3.45 11.90
C GLU B 68 19.37 -3.66 11.30
N ALA B 69 18.92 -2.67 10.51
CA ALA B 69 17.58 -2.63 9.96
C ALA B 69 17.44 -3.73 8.91
N GLN B 70 18.47 -3.85 8.08
CA GLN B 70 18.52 -4.87 7.06
C GLN B 70 18.55 -6.29 7.65
N LEU B 71 19.34 -6.52 8.68
CA LEU B 71 19.33 -7.85 9.30
C LEU B 71 17.92 -8.20 9.81
N LYS B 72 17.26 -7.22 10.45
CA LYS B 72 15.94 -7.42 11.08
C LYS B 72 14.88 -7.81 10.10
N SER B 73 14.84 -7.08 8.99
CA SER B 73 14.01 -7.39 7.85
C SER B 73 14.28 -8.75 7.28
N LEU B 74 15.55 -9.11 7.08
CA LEU B 74 15.88 -10.44 6.55
C LEU B 74 15.36 -11.57 7.50
N ILE B 75 15.55 -11.37 8.80
CA ILE B 75 15.04 -12.34 9.77
C ILE B 75 13.49 -12.38 9.73
N GLU B 76 12.86 -11.20 9.59
CA GLU B 76 11.39 -11.11 9.47
C GLU B 76 10.89 -11.86 8.25
N ALA B 77 11.62 -11.78 7.16
CA ALA B 77 11.24 -12.49 5.92
C ALA B 77 11.38 -14.02 6.07
N PHE B 78 12.48 -14.48 6.62
CA PHE B 78 12.58 -15.92 6.92
C PHE B 78 11.40 -16.37 7.80
N HIS B 79 11.19 -15.62 8.89
CA HIS B 79 10.09 -15.94 9.80
C HIS B 79 8.75 -15.99 9.05
N GLY B 80 8.53 -15.04 8.12
CA GLY B 80 7.31 -15.03 7.34
C GLY B 80 7.04 -16.26 6.48
N LYS B 81 8.07 -17.01 6.10
CA LYS B 81 7.95 -18.23 5.32
C LYS B 81 8.32 -19.44 6.18
N GLY B 82 8.22 -19.26 7.48
CA GLY B 82 8.37 -20.37 8.45
C GLY B 82 9.76 -20.83 8.77
N VAL B 83 10.78 -20.05 8.37
CA VAL B 83 12.16 -20.46 8.59
C VAL B 83 12.77 -19.83 9.86
N GLN B 84 13.30 -20.68 10.74
CA GLN B 84 14.02 -20.18 11.92
C GLN B 84 15.45 -19.73 11.57
N VAL B 85 16.00 -18.85 12.40
CA VAL B 85 17.30 -18.24 12.12
C VAL B 85 18.29 -18.41 13.25
N ILE B 86 19.49 -18.81 12.87
CA ILE B 86 20.58 -19.12 13.77
C ILE B 86 21.66 -18.04 13.63
N ALA B 87 22.04 -17.46 14.76
CA ALA B 87 23.15 -16.51 14.80
C ALA B 87 24.41 -17.20 15.11
N ASP B 88 25.44 -16.78 14.40
CA ASP B 88 26.81 -17.24 14.65
C ASP B 88 27.28 -16.42 15.84
N ILE B 89 27.47 -17.10 16.97
CA ILE B 89 27.83 -16.45 18.26
C ILE B 89 29.29 -16.64 18.50
N VAL B 90 30.02 -15.53 18.42
CA VAL B 90 31.49 -15.54 18.62
C VAL B 90 31.80 -14.84 19.94
N ILE B 91 31.95 -15.64 21.00
CA ILE B 91 32.22 -15.10 22.36
C ILE B 91 33.43 -15.65 23.09
N ASN B 92 34.23 -16.52 22.47
CA ASN B 92 35.49 -16.98 23.09
C ASN B 92 36.45 -15.82 23.28
N HIS B 93 36.48 -14.99 22.26
CA HIS B 93 37.42 -13.91 22.18
C HIS B 93 36.67 -12.69 21.65
N ARG B 94 37.28 -11.52 21.86
CA ARG B 94 36.72 -10.25 21.53
C ARG B 94 37.86 -9.21 21.30
N THR B 95 37.72 -8.32 20.31
CA THR B 95 38.67 -7.20 20.21
C THR B 95 38.24 -5.99 21.02
N ALA B 96 39.23 -5.25 21.50
CA ALA B 96 38.99 -4.10 22.33
C ALA B 96 39.05 -2.81 21.52
N GLU B 97 38.29 -1.80 21.90
CA GLU B 97 38.20 -0.52 21.12
C GLU B 97 39.41 0.42 21.33
N HIS B 98 39.93 0.45 22.54
CA HIS B 98 40.86 1.49 23.00
C HIS B 98 42.03 0.87 23.73
N LYS B 99 43.16 1.58 23.65
CA LYS B 99 44.38 1.21 24.34
C LYS B 99 44.40 1.69 25.78
N ASP B 100 44.91 0.85 26.70
CA ASP B 100 45.22 1.29 28.06
C ASP B 100 46.60 1.99 28.10
N GLY B 101 47.09 2.32 29.29
CA GLY B 101 48.42 2.95 29.49
C GLY B 101 49.64 2.11 29.12
N ARG B 102 49.44 0.81 28.92
CA ARG B 102 50.47 -0.09 28.37
C ARG B 102 50.52 0.00 26.87
N GLY B 103 49.55 0.68 26.25
CA GLY B 103 49.45 0.75 24.78
C GLY B 103 48.83 -0.48 24.12
N ILE B 104 48.16 -1.28 24.93
CA ILE B 104 47.57 -2.54 24.52
C ILE B 104 46.07 -2.35 24.38
N TYR B 105 45.51 -2.85 23.28
CA TYR B 105 44.05 -2.81 23.07
C TYR B 105 43.33 -3.82 23.98
N CYS B 106 42.87 -3.34 25.14
CA CYS B 106 42.13 -4.15 26.14
C CYS B 106 41.00 -3.37 26.86
N LEU B 107 40.65 -2.18 26.38
CA LEU B 107 39.50 -1.45 26.93
C LEU B 107 38.40 -1.55 25.87
N PHE B 108 37.40 -2.35 26.21
CA PHE B 108 36.31 -2.73 25.32
C PHE B 108 35.18 -1.69 25.27
N GLU B 109 34.48 -1.68 24.15
CA GLU B 109 33.34 -0.82 23.97
C GLU B 109 32.21 -1.70 23.41
N GLY B 110 31.04 -1.68 24.07
CA GLY B 110 29.88 -2.44 23.61
C GLY B 110 29.22 -1.91 22.33
N GLY B 111 29.39 -0.64 22.03
CA GLY B 111 28.67 -0.01 20.92
C GLY B 111 27.41 0.76 21.37
N THR B 112 27.18 0.88 22.68
CA THR B 112 26.09 1.72 23.20
C THR B 112 26.62 2.82 24.13
N PRO B 113 25.86 3.93 24.32
CA PRO B 113 26.33 5.05 25.15
C PRO B 113 26.57 4.66 26.63
N ASP B 114 25.86 3.68 27.13
CA ASP B 114 26.02 3.18 28.50
C ASP B 114 27.25 2.24 28.65
N SER B 115 27.34 1.59 29.81
N SER B 115 27.34 1.59 29.81
CA SER B 115 28.49 0.79 30.21
CA SER B 115 28.51 0.79 30.18
C SER B 115 28.42 -0.70 29.86
C SER B 115 28.42 -0.70 29.84
N ARG B 116 27.32 -1.16 29.24
CA ARG B 116 27.21 -2.57 28.82
C ARG B 116 28.33 -3.00 27.87
N LEU B 117 28.99 -4.10 28.27
CA LEU B 117 30.11 -4.70 27.56
C LEU B 117 31.37 -3.81 27.50
N ASP B 118 31.40 -2.71 28.27
CA ASP B 118 32.58 -1.84 28.36
C ASP B 118 33.57 -2.36 29.38
N TRP B 119 34.10 -3.54 29.08
CA TRP B 119 35.03 -4.23 29.94
C TRP B 119 36.43 -3.65 29.80
N GLY B 120 37.28 -4.15 30.68
CA GLY B 120 38.71 -3.85 30.70
C GLY B 120 39.53 -5.14 30.86
N PRO B 121 40.87 -4.99 31.08
CA PRO B 121 41.76 -6.19 30.99
C PRO B 121 41.46 -7.22 32.06
N HIS B 122 40.73 -6.85 33.10
CA HIS B 122 40.36 -7.78 34.16
C HIS B 122 39.40 -8.83 33.63
N MET B 123 38.73 -8.52 32.53
CA MET B 123 37.80 -9.48 31.96
C MET B 123 38.48 -10.41 30.95
N ILE B 124 39.78 -10.23 30.73
CA ILE B 124 40.56 -11.08 29.84
C ILE B 124 41.20 -12.25 30.66
N CYS B 125 41.29 -13.43 30.08
CA CYS B 125 41.80 -14.60 30.82
C CYS B 125 43.23 -14.44 31.35
N ARG B 126 43.52 -15.16 32.42
N ARG B 126 43.53 -15.16 32.42
CA ARG B 126 44.74 -14.96 33.22
CA ARG B 126 44.75 -14.97 33.21
C ARG B 126 46.05 -14.97 32.43
C ARG B 126 46.05 -14.97 32.43
N ASP B 127 46.24 -15.96 31.59
CA ASP B 127 47.48 -16.11 30.84
C ASP B 127 47.48 -15.45 29.45
N ASP B 128 46.42 -14.69 29.14
CA ASP B 128 46.32 -14.02 27.81
C ASP B 128 47.10 -12.72 27.87
N PRO B 129 48.08 -12.54 26.97
CA PRO B 129 48.99 -11.39 27.20
C PRO B 129 48.30 -10.04 26.91
N TYR B 130 47.08 -10.06 26.37
CA TYR B 130 46.30 -8.81 26.18
C TYR B 130 45.83 -8.28 27.51
N GLY B 131 45.65 -9.20 28.46
CA GLY B 131 45.16 -8.87 29.76
C GLY B 131 46.28 -8.50 30.74
N ASP B 132 45.91 -8.39 32.02
CA ASP B 132 46.77 -7.90 33.08
C ASP B 132 46.97 -8.97 34.17
N GLY B 133 46.60 -10.21 33.84
CA GLY B 133 46.87 -11.34 34.70
C GLY B 133 45.96 -11.41 35.92
N THR B 134 44.92 -10.58 35.98
CA THR B 134 44.04 -10.58 37.13
C THR B 134 42.80 -11.41 36.91
N GLY B 135 42.51 -11.74 35.66
CA GLY B 135 41.36 -12.59 35.38
C GLY B 135 41.57 -14.06 35.77
N ASN B 136 40.48 -14.82 35.76
CA ASN B 136 40.54 -16.26 35.92
C ASN B 136 41.25 -16.93 34.73
N PRO B 137 41.87 -18.10 34.95
CA PRO B 137 42.42 -18.78 33.78
C PRO B 137 41.32 -19.24 32.83
N ASP B 138 41.64 -19.26 31.54
CA ASP B 138 40.71 -19.67 30.50
C ASP B 138 40.07 -21.03 30.87
N THR B 139 38.77 -21.15 30.63
CA THR B 139 38.07 -22.42 30.88
C THR B 139 38.25 -23.41 29.70
N GLY B 140 38.76 -22.92 28.56
CA GLY B 140 39.01 -23.73 27.40
C GLY B 140 40.26 -23.29 26.68
N ALA B 141 40.34 -23.55 25.38
CA ALA B 141 41.50 -23.18 24.63
C ALA B 141 41.60 -21.67 24.36
N ASP B 142 42.82 -21.25 24.04
CA ASP B 142 43.17 -19.86 23.75
C ASP B 142 43.09 -19.59 22.24
N PHE B 143 42.65 -18.39 21.87
CA PHE B 143 42.80 -17.92 20.47
C PHE B 143 43.88 -16.85 20.48
N ALA B 144 44.96 -17.09 19.76
CA ALA B 144 46.18 -16.33 19.97
C ALA B 144 46.12 -14.91 19.44
N ALA B 145 45.26 -14.66 18.44
CA ALA B 145 45.24 -13.37 17.72
C ALA B 145 44.28 -12.32 18.29
N ALA B 146 43.61 -12.62 19.39
CA ALA B 146 42.73 -11.64 20.04
C ALA B 146 42.61 -12.01 21.50
N PRO B 147 42.12 -11.07 22.34
CA PRO B 147 41.84 -11.31 23.76
C PRO B 147 40.81 -12.40 23.99
N ASP B 148 41.15 -13.38 24.81
CA ASP B 148 40.20 -14.38 25.28
C ASP B 148 39.43 -13.90 26.49
N ILE B 149 38.13 -13.99 26.38
CA ILE B 149 37.23 -13.55 27.45
C ILE B 149 37.17 -14.56 28.61
N ASP B 150 37.22 -13.99 29.82
CA ASP B 150 37.10 -14.75 31.08
C ASP B 150 35.64 -15.02 31.40
N HIS B 151 35.13 -16.17 30.96
CA HIS B 151 33.73 -16.53 31.15
C HIS B 151 33.32 -16.82 32.57
N LEU B 152 34.28 -16.90 33.48
CA LEU B 152 33.95 -17.11 34.90
C LEU B 152 33.65 -15.77 35.59
N ASN B 153 34.04 -14.69 34.95
CA ASN B 153 33.69 -13.34 35.43
C ASN B 153 32.19 -13.18 35.46
N LYS B 154 31.65 -12.71 36.60
CA LYS B 154 30.20 -12.58 36.74
C LYS B 154 29.60 -11.44 35.89
N ARG B 155 30.32 -10.35 35.73
CA ARG B 155 29.88 -9.28 34.85
C ARG B 155 29.80 -9.72 33.38
N VAL B 156 30.84 -10.38 32.91
CA VAL B 156 30.86 -10.99 31.58
C VAL B 156 29.62 -11.86 31.28
N GLN B 157 29.36 -12.87 32.12
CA GLN B 157 28.22 -13.75 31.91
C GLN B 157 26.91 -12.98 31.79
N ARG B 158 26.71 -12.09 32.75
CA ARG B 158 25.49 -11.37 32.87
C ARG B 158 25.30 -10.48 31.63
N GLU B 159 26.37 -9.82 31.20
CA GLU B 159 26.26 -8.86 30.09
C GLU B 159 26.23 -9.55 28.73
N LEU B 160 26.85 -10.70 28.62
CA LEU B 160 26.74 -11.49 27.38
C LEU B 160 25.35 -12.10 27.31
N ILE B 161 24.77 -12.48 28.46
CA ILE B 161 23.37 -12.98 28.46
C ILE B 161 22.38 -11.89 28.01
N GLY B 162 22.54 -10.68 28.51
CA GLY B 162 21.77 -9.51 28.04
C GLY B 162 21.86 -9.18 26.55
N TRP B 163 23.05 -9.24 26.00
CA TRP B 163 23.26 -9.15 24.55
C TRP B 163 22.58 -10.25 23.73
N LEU B 164 22.72 -11.51 24.17
CA LEU B 164 22.07 -12.64 23.50
C LEU B 164 20.55 -12.46 23.59
N ASP B 165 20.09 -11.95 24.74
N ASP B 165 20.09 -11.95 24.74
CA ASP B 165 18.64 -11.70 24.93
CA ASP B 165 18.65 -11.72 24.95
C ASP B 165 18.11 -10.64 24.01
C ASP B 165 18.12 -10.64 24.02
N TRP B 166 18.94 -9.64 23.74
CA TRP B 166 18.66 -8.63 22.71
C TRP B 166 18.71 -9.22 21.33
N LEU B 167 19.69 -10.07 21.04
CA LEU B 167 19.71 -10.70 19.71
C LEU B 167 18.43 -11.46 19.50
N LYS B 168 17.97 -12.10 20.55
CA LYS B 168 16.81 -12.94 20.43
C LYS B 168 15.51 -12.14 20.38
N MET B 169 15.27 -11.34 21.41
CA MET B 169 13.99 -10.64 21.57
C MET B 169 13.80 -9.48 20.58
N ASP B 170 14.87 -8.78 20.24
CA ASP B 170 14.77 -7.55 19.42
C ASP B 170 15.25 -7.67 17.98
N ILE B 171 16.33 -8.39 17.76
CA ILE B 171 16.81 -8.66 16.43
C ILE B 171 16.01 -9.80 15.82
N GLY B 172 15.75 -10.84 16.61
CA GLY B 172 14.77 -11.86 16.26
C GLY B 172 15.37 -13.24 16.00
N PHE B 173 16.64 -13.41 16.30
CA PHE B 173 17.30 -14.70 16.24
C PHE B 173 16.61 -15.70 17.16
N ASP B 174 16.58 -16.95 16.72
CA ASP B 174 15.90 -18.04 17.45
C ASP B 174 16.85 -19.04 18.08
N ALA B 175 18.10 -19.05 17.59
CA ALA B 175 19.00 -20.16 17.84
C ALA B 175 20.46 -19.74 17.66
N TRP B 176 21.37 -20.49 18.28
CA TRP B 176 22.79 -20.11 18.27
C TRP B 176 23.70 -21.18 17.65
N ARG B 177 24.71 -20.67 16.92
CA ARG B 177 25.85 -21.42 16.44
C ARG B 177 27.07 -20.91 17.17
N LEU B 178 27.67 -21.77 18.02
CA LEU B 178 28.77 -21.36 18.90
C LEU B 178 30.13 -21.57 18.27
N ASP B 179 30.67 -20.46 17.75
CA ASP B 179 32.01 -20.38 17.22
C ASP B 179 33.09 -20.78 18.21
N PHE B 180 34.09 -21.46 17.68
CA PHE B 180 35.23 -21.96 18.49
C PHE B 180 34.80 -22.42 19.90
N ALA B 181 33.85 -23.32 19.96
CA ALA B 181 33.28 -23.76 21.26
C ALA B 181 34.32 -24.48 22.16
N LYS B 182 35.42 -24.96 21.56
CA LYS B 182 36.56 -25.52 22.36
C LYS B 182 37.30 -24.44 23.14
N GLY B 183 37.07 -23.17 22.82
CA GLY B 183 37.71 -22.10 23.57
C GLY B 183 37.26 -21.88 25.02
N TYR B 184 36.08 -22.37 25.36
CA TYR B 184 35.56 -22.23 26.74
C TYR B 184 34.84 -23.51 27.11
N SER B 185 34.55 -23.71 28.38
N SER B 185 34.57 -23.72 28.38
CA SER B 185 34.04 -25.00 28.86
CA SER B 185 34.08 -25.03 28.82
C SER B 185 32.59 -25.20 28.45
C SER B 185 32.60 -25.21 28.47
N ALA B 186 32.15 -26.46 28.42
CA ALA B 186 30.74 -26.75 28.24
C ALA B 186 29.88 -26.16 29.37
N ASP B 187 30.45 -26.08 30.57
CA ASP B 187 29.79 -25.48 31.73
C ASP B 187 29.50 -24.04 31.43
N MET B 188 30.43 -23.38 30.78
CA MET B 188 30.18 -21.98 30.39
C MET B 188 29.10 -21.88 29.32
N ALA B 189 29.15 -22.76 28.34
CA ALA B 189 28.15 -22.76 27.26
C ALA B 189 26.76 -23.03 27.78
N LYS B 190 26.68 -23.96 28.75
CA LYS B 190 25.43 -24.37 29.38
C LYS B 190 24.74 -23.18 29.99
N ILE B 191 25.54 -22.36 30.69
N ILE B 191 25.53 -22.35 30.68
CA ILE B 191 25.03 -21.15 31.32
CA ILE B 191 25.02 -21.15 31.33
C ILE B 191 24.33 -20.24 30.29
C ILE B 191 24.33 -20.23 30.29
N TYR B 192 25.01 -19.96 29.18
CA TYR B 192 24.42 -19.09 28.13
C TYR B 192 23.18 -19.72 27.45
N ILE B 193 23.26 -21.01 27.19
CA ILE B 193 22.18 -21.71 26.50
C ILE B 193 20.93 -21.79 27.39
N ASP B 194 21.06 -22.42 28.57
CA ASP B 194 20.01 -22.42 29.59
C ASP B 194 19.39 -21.05 29.88
N ALA B 195 20.21 -20.01 29.94
CA ALA B 195 19.69 -18.68 30.26
C ALA B 195 18.85 -18.06 29.09
N THR B 196 19.18 -18.41 27.85
CA THR B 196 18.57 -17.79 26.65
C THR B 196 17.52 -18.64 25.96
N GLU B 197 17.47 -19.92 26.30
N GLU B 197 17.48 -19.93 26.29
CA GLU B 197 16.42 -20.82 25.82
CA GLU B 197 16.43 -20.82 25.80
C GLU B 197 16.23 -20.83 24.30
C GLU B 197 16.24 -20.83 24.30
N PRO B 198 17.30 -21.14 23.57
CA PRO B 198 17.16 -21.15 22.12
C PRO B 198 16.35 -22.36 21.68
N SER B 199 15.67 -22.22 20.57
CA SER B 199 14.99 -23.37 19.93
C SER B 199 15.97 -24.49 19.49
N PHE B 200 17.22 -24.11 19.24
CA PHE B 200 18.23 -24.99 18.64
C PHE B 200 19.58 -24.37 18.91
N ALA B 201 20.57 -25.19 19.17
CA ALA B 201 21.97 -24.71 19.23
C ALA B 201 22.90 -25.73 18.62
N VAL B 202 23.97 -25.23 18.00
CA VAL B 202 25.02 -26.09 17.50
C VAL B 202 26.45 -25.54 17.80
N ALA B 203 27.22 -26.35 18.56
CA ALA B 203 28.62 -26.03 18.87
C ALA B 203 29.55 -26.42 17.74
N GLU B 204 30.48 -25.52 17.42
CA GLU B 204 31.63 -25.82 16.53
C GLU B 204 32.82 -26.30 17.37
N ILE B 205 33.02 -27.60 17.43
CA ILE B 205 34.14 -28.17 18.17
C ILE B 205 34.94 -28.86 17.07
N TRP B 206 36.06 -28.24 16.66
CA TRP B 206 36.88 -28.77 15.55
C TRP B 206 38.27 -29.18 16.02
N THR B 207 38.49 -30.49 16.13
CA THR B 207 39.74 -31.11 16.58
C THR B 207 40.38 -31.86 15.39
N SER B 208 41.70 -31.75 15.24
N SER B 208 41.68 -31.72 15.21
CA SER B 208 42.40 -32.46 14.17
CA SER B 208 42.33 -32.41 14.08
C SER B 208 42.21 -33.95 14.33
C SER B 208 42.24 -33.93 14.30
N MET B 209 42.05 -34.67 13.21
CA MET B 209 41.94 -36.10 13.24
C MET B 209 43.33 -36.74 13.33
N ALA B 210 43.42 -37.83 14.08
CA ALA B 210 44.62 -38.64 14.12
C ALA B 210 44.73 -39.45 12.80
N ASN B 211 45.91 -39.38 12.18
CA ASN B 211 46.15 -39.98 10.86
C ASN B 211 47.13 -41.15 10.92
N GLY B 212 47.04 -42.03 9.93
CA GLY B 212 48.02 -43.09 9.73
C GLY B 212 49.24 -42.61 8.98
N GLY B 213 50.19 -43.53 8.79
CA GLY B 213 51.46 -43.24 8.09
C GLY B 213 51.26 -42.73 6.67
N ASP B 214 50.16 -43.17 6.04
CA ASP B 214 49.74 -42.72 4.71
C ASP B 214 48.99 -41.34 4.67
N GLY B 215 48.94 -40.64 5.80
CA GLY B 215 48.33 -39.29 5.88
C GLY B 215 46.82 -39.26 5.94
N LYS B 216 46.18 -40.41 5.80
N LYS B 216 46.17 -40.41 5.80
CA LYS B 216 44.71 -40.49 5.88
CA LYS B 216 44.71 -40.49 5.88
C LYS B 216 44.26 -40.69 7.32
C LYS B 216 44.26 -40.69 7.32
N PRO B 217 43.03 -40.23 7.66
CA PRO B 217 42.51 -40.43 9.00
C PRO B 217 42.45 -41.90 9.36
N ASN B 218 42.70 -42.23 10.62
CA ASN B 218 42.56 -43.61 11.10
C ASN B 218 41.11 -44.04 10.91
N TYR B 219 40.92 -45.31 10.61
CA TYR B 219 39.62 -45.94 10.50
C TYR B 219 38.81 -45.76 11.77
N ASP B 220 39.50 -45.79 12.91
CA ASP B 220 38.90 -45.63 14.22
C ASP B 220 38.99 -44.16 14.60
N GLN B 221 37.86 -43.52 14.83
CA GLN B 221 37.85 -42.10 15.22
C GLN B 221 37.02 -41.89 16.47
N ASN B 222 37.08 -42.86 17.38
CA ASN B 222 36.23 -42.87 18.55
C ASN B 222 36.59 -41.76 19.52
N ALA B 223 37.88 -41.49 19.70
CA ALA B 223 38.27 -40.35 20.52
C ALA B 223 37.70 -39.07 19.94
N HIS B 224 37.62 -38.98 18.60
CA HIS B 224 37.19 -37.74 17.94
C HIS B 224 35.71 -37.49 18.21
N ARG B 225 34.88 -38.52 18.01
CA ARG B 225 33.45 -38.39 18.32
C ARG B 225 33.11 -38.40 19.82
N GLN B 226 33.93 -39.06 20.63
CA GLN B 226 33.69 -39.10 22.07
C GLN B 226 33.76 -37.70 22.65
N GLU B 227 34.73 -36.93 22.18
CA GLU B 227 34.85 -35.53 22.58
C GLU B 227 33.54 -34.77 22.30
N LEU B 228 32.92 -35.03 21.15
CA LEU B 228 31.65 -34.37 20.77
C LEU B 228 30.50 -34.80 21.70
N VAL B 229 30.42 -36.10 21.97
CA VAL B 229 29.39 -36.66 22.85
C VAL B 229 29.53 -36.15 24.28
N ASN B 230 30.76 -36.05 24.75
CA ASN B 230 31.05 -35.49 26.08
C ASN B 230 30.56 -34.05 26.23
N TRP B 231 30.80 -33.21 25.22
CA TRP B 231 30.37 -31.81 25.28
C TRP B 231 28.86 -31.73 25.38
N VAL B 232 28.15 -32.50 24.55
CA VAL B 232 26.69 -32.50 24.59
C VAL B 232 26.09 -32.99 25.91
N ASP B 233 26.60 -34.12 26.42
CA ASP B 233 26.21 -34.59 27.76
C ASP B 233 26.36 -33.48 28.81
N ARG B 234 27.54 -32.88 28.83
CA ARG B 234 27.88 -31.89 29.81
C ARG B 234 27.05 -30.59 29.72
N VAL B 235 26.55 -30.20 28.53
CA VAL B 235 25.68 -29.01 28.48
C VAL B 235 24.24 -29.34 28.85
N GLY B 236 23.95 -30.62 29.09
CA GLY B 236 22.61 -31.05 29.55
C GLY B 236 21.94 -32.14 28.74
N GLY B 237 22.60 -32.66 27.68
CA GLY B 237 22.07 -33.76 26.93
C GLY B 237 20.69 -33.44 26.40
N ALA B 238 19.73 -34.35 26.63
CA ALA B 238 18.36 -34.17 26.11
C ALA B 238 17.54 -33.15 26.87
N ASN B 239 18.10 -32.66 27.96
CA ASN B 239 17.50 -31.55 28.68
C ASN B 239 17.92 -30.20 28.10
N SER B 240 18.59 -30.24 26.95
CA SER B 240 19.05 -29.07 26.22
C SER B 240 18.70 -29.26 24.77
N ASN B 241 18.50 -28.14 24.06
CA ASN B 241 18.38 -28.15 22.59
C ASN B 241 19.73 -28.04 21.83
N ALA B 242 20.85 -28.10 22.57
CA ALA B 242 22.19 -28.10 21.99
C ALA B 242 22.64 -29.38 21.27
N THR B 243 23.27 -29.18 20.12
CA THR B 243 23.95 -30.21 19.36
C THR B 243 25.42 -29.81 19.11
N ALA B 244 26.13 -30.70 18.43
CA ALA B 244 27.46 -30.42 17.95
C ALA B 244 27.56 -30.74 16.49
N PHE B 245 28.36 -29.96 15.77
CA PHE B 245 28.71 -30.30 14.42
C PHE B 245 29.47 -31.61 14.36
N ASP B 246 29.02 -32.51 13.46
CA ASP B 246 29.61 -33.80 13.25
C ASP B 246 30.85 -33.68 12.35
N PHE B 247 31.92 -33.11 12.89
CA PHE B 247 33.21 -33.04 12.21
C PHE B 247 33.85 -34.43 12.04
N THR B 248 33.45 -35.42 12.87
CA THR B 248 33.91 -36.82 12.65
C THR B 248 33.40 -37.40 11.32
N THR B 249 32.11 -37.33 11.12
CA THR B 249 31.55 -37.72 9.84
C THR B 249 32.11 -36.92 8.65
N LYS B 250 32.35 -35.64 8.83
CA LYS B 250 32.94 -34.83 7.75
C LYS B 250 34.30 -35.35 7.33
N GLY B 251 35.16 -35.54 8.32
CA GLY B 251 36.53 -36.01 8.08
C GLY B 251 36.61 -37.38 7.45
N ILE B 252 35.71 -38.25 7.87
CA ILE B 252 35.72 -39.61 7.34
C ILE B 252 35.14 -39.66 5.94
N LEU B 253 34.04 -38.97 5.75
CA LEU B 253 33.41 -38.91 4.44
C LEU B 253 34.37 -38.30 3.40
N ASN B 254 35.16 -37.29 3.78
CA ASN B 254 36.18 -36.67 2.86
C ASN B 254 37.08 -37.72 2.20
N VAL B 255 37.56 -38.63 3.03
CA VAL B 255 38.43 -39.69 2.54
C VAL B 255 37.67 -40.92 2.04
N ALA B 256 36.48 -41.23 2.59
CA ALA B 256 35.78 -42.48 2.24
C ALA B 256 35.30 -42.48 0.80
N VAL B 257 34.89 -41.29 0.32
CA VAL B 257 34.49 -41.10 -1.01
C VAL B 257 35.60 -41.33 -2.01
N GLU B 258 36.87 -41.24 -1.60
CA GLU B 258 37.95 -41.53 -2.54
C GLU B 258 38.32 -43.04 -2.64
N GLY B 259 37.37 -43.87 -3.08
CA GLY B 259 37.63 -45.32 -3.23
C GLY B 259 37.77 -46.09 -1.91
N GLU B 260 37.24 -45.54 -0.82
CA GLU B 260 37.40 -46.18 0.50
C GLU B 260 36.09 -46.12 1.33
N LEU B 261 35.00 -46.57 0.74
CA LEU B 261 33.71 -46.47 1.37
C LEU B 261 33.45 -47.44 2.52
N TRP B 262 34.31 -48.46 2.66
CA TRP B 262 34.35 -49.32 3.85
C TRP B 262 34.62 -48.55 5.17
N ARG B 263 35.14 -47.32 5.06
CA ARG B 263 35.32 -46.46 6.24
C ARG B 263 33.98 -46.06 6.85
N LEU B 264 32.90 -46.19 6.10
CA LEU B 264 31.58 -45.78 6.53
C LEU B 264 30.80 -46.81 7.35
N ARG B 265 31.41 -47.95 7.65
CA ARG B 265 30.86 -48.88 8.63
C ARG B 265 31.95 -49.14 9.67
N GLY B 266 31.73 -48.73 10.91
CA GLY B 266 32.70 -48.96 11.97
C GLY B 266 32.75 -50.39 12.50
N GLU B 267 33.65 -50.64 13.43
CA GLU B 267 33.89 -51.98 13.95
C GLU B 267 32.61 -52.67 14.42
N ASP B 268 31.71 -51.91 15.05
CA ASP B 268 30.46 -52.44 15.58
C ASP B 268 29.30 -52.50 14.58
N GLY B 269 29.58 -52.29 13.30
CA GLY B 269 28.52 -52.26 12.29
C GLY B 269 27.75 -50.95 12.16
N LYS B 270 28.06 -49.97 13.00
CA LYS B 270 27.35 -48.69 13.01
C LYS B 270 28.11 -47.57 12.26
N ALA B 271 27.48 -46.41 12.06
CA ALA B 271 28.17 -45.30 11.38
C ALA B 271 29.36 -44.88 12.23
N PRO B 272 30.46 -44.45 11.60
CA PRO B 272 31.69 -44.17 12.35
C PRO B 272 31.81 -42.76 12.91
N GLY B 273 30.92 -41.87 12.51
CA GLY B 273 30.96 -40.52 12.98
C GLY B 273 29.99 -40.28 14.13
N MET B 274 29.78 -39.02 14.50
CA MET B 274 28.95 -38.78 15.68
C MET B 274 27.57 -39.41 15.50
N ILE B 275 27.02 -39.39 14.28
CA ILE B 275 25.67 -39.94 14.06
C ILE B 275 25.51 -41.41 14.45
N GLY B 276 26.64 -42.11 14.58
CA GLY B 276 26.61 -43.50 14.99
C GLY B 276 26.46 -43.72 16.50
N TRP B 277 26.67 -42.67 17.30
CA TRP B 277 26.52 -42.78 18.76
C TRP B 277 25.35 -42.00 19.34
N TRP B 278 25.05 -40.83 18.77
CA TRP B 278 24.01 -39.96 19.27
C TRP B 278 23.51 -39.10 18.11
N PRO B 279 22.76 -39.71 17.18
CA PRO B 279 22.40 -39.01 15.96
C PRO B 279 21.59 -37.72 16.22
N ALA B 280 20.69 -37.75 17.19
CA ALA B 280 19.83 -36.63 17.50
C ALA B 280 20.64 -35.38 17.85
N LYS B 281 21.83 -35.58 18.40
CA LYS B 281 22.71 -34.50 18.82
C LYS B 281 23.82 -34.13 17.82
N ALA B 282 23.79 -34.76 16.64
CA ALA B 282 24.82 -34.60 15.61
C ALA B 282 24.32 -33.79 14.40
N THR B 283 24.96 -32.65 14.15
CA THR B 283 24.64 -31.79 12.99
C THR B 283 25.68 -32.05 11.88
N THR B 284 25.27 -32.79 10.85
CA THR B 284 26.15 -33.20 9.78
C THR B 284 26.27 -32.11 8.66
N PHE B 285 27.32 -32.21 7.83
CA PHE B 285 27.56 -31.22 6.80
C PHE B 285 28.62 -31.76 5.86
N VAL B 286 28.62 -31.23 4.64
CA VAL B 286 29.63 -31.55 3.62
C VAL B 286 30.84 -30.56 3.59
N ASP B 287 30.53 -29.28 3.72
CA ASP B 287 31.55 -28.26 3.90
C ASP B 287 30.94 -27.02 4.53
N ASN B 288 31.83 -26.21 5.10
CA ASN B 288 31.45 -24.88 5.58
C ASN B 288 32.41 -23.82 5.03
N HIS B 289 32.36 -22.64 5.62
CA HIS B 289 33.09 -21.48 5.17
C HIS B 289 34.58 -21.57 5.45
N ASP B 290 34.95 -22.46 6.40
CA ASP B 290 36.34 -22.73 6.76
C ASP B 290 36.86 -23.89 5.95
N THR B 291 36.13 -25.01 5.94
CA THR B 291 36.58 -26.23 5.23
C THR B 291 36.54 -26.18 3.71
N GLY B 292 35.64 -25.36 3.19
CA GLY B 292 35.51 -25.12 1.77
C GLY B 292 35.53 -23.64 1.46
N SER B 293 34.71 -23.18 0.51
CA SER B 293 34.74 -21.78 0.07
C SER B 293 36.18 -21.36 -0.36
N THR B 294 36.61 -20.13 -0.05
CA THR B 294 37.91 -19.64 -0.51
C THR B 294 38.99 -19.91 0.53
N GLN B 295 38.62 -20.43 1.68
CA GLN B 295 39.63 -20.87 2.66
C GLN B 295 40.11 -22.30 2.41
N HIS B 296 39.19 -23.18 2.01
CA HIS B 296 39.47 -24.58 1.61
C HIS B 296 40.45 -25.29 2.54
N LEU B 297 40.25 -25.14 3.83
CA LEU B 297 41.10 -25.81 4.81
C LEU B 297 40.87 -27.34 4.92
N TRP B 298 39.73 -27.84 4.44
CA TRP B 298 39.42 -29.27 4.53
C TRP B 298 38.34 -29.64 3.54
N PRO B 299 38.57 -29.34 2.24
CA PRO B 299 37.51 -29.47 1.26
C PRO B 299 37.07 -30.90 0.93
N PHE B 300 35.76 -31.08 0.76
CA PHE B 300 35.18 -32.29 0.20
C PHE B 300 35.66 -32.45 -1.25
N PRO B 301 36.11 -33.69 -1.62
CA PRO B 301 36.38 -33.92 -3.05
C PRO B 301 35.30 -33.29 -3.99
N SER B 302 35.72 -32.36 -4.83
CA SER B 302 34.76 -31.46 -5.50
C SER B 302 33.92 -32.20 -6.50
N ASP B 303 34.46 -33.26 -7.09
CA ASP B 303 33.69 -34.09 -8.00
C ASP B 303 32.69 -35.02 -7.30
N LYS B 304 32.75 -35.13 -5.97
CA LYS B 304 31.92 -36.08 -5.25
C LYS B 304 30.98 -35.45 -4.21
N VAL B 305 30.65 -34.16 -4.36
CA VAL B 305 29.84 -33.46 -3.35
C VAL B 305 28.40 -34.03 -3.20
N MET B 306 27.76 -34.38 -4.31
CA MET B 306 26.45 -35.02 -4.27
C MET B 306 26.43 -36.41 -3.55
N GLN B 307 27.57 -37.08 -3.48
CA GLN B 307 27.71 -38.28 -2.59
C GLN B 307 27.62 -37.84 -1.15
N GLY B 308 28.25 -36.71 -0.85
CA GLY B 308 28.14 -36.14 0.49
C GLY B 308 26.71 -35.87 0.89
N TYR B 309 25.99 -35.14 0.02
CA TYR B 309 24.57 -34.83 0.25
C TYR B 309 23.63 -36.03 0.24
N ALA B 310 23.80 -36.95 -0.69
CA ALA B 310 23.07 -38.24 -0.68
C ALA B 310 23.19 -38.93 0.67
N TYR B 311 24.36 -38.85 1.28
CA TYR B 311 24.60 -39.44 2.64
C TYR B 311 23.90 -38.59 3.73
N ILE B 312 24.30 -37.31 3.88
CA ILE B 312 23.79 -36.56 5.02
C ILE B 312 22.27 -36.35 4.94
N LEU B 313 21.77 -36.13 3.72
CA LEU B 313 20.37 -35.74 3.56
C LEU B 313 19.40 -36.91 3.74
N THR B 314 19.89 -38.15 3.64
CA THR B 314 19.07 -39.36 3.96
C THR B 314 19.33 -40.03 5.34
N HIS B 315 20.39 -39.63 6.00
CA HIS B 315 20.82 -40.29 7.22
C HIS B 315 20.32 -39.61 8.49
N PRO B 316 20.39 -40.34 9.64
CA PRO B 316 20.20 -39.72 10.93
C PRO B 316 21.12 -38.53 11.11
N GLY B 317 20.76 -37.68 12.06
CA GLY B 317 21.42 -36.39 12.25
C GLY B 317 20.57 -35.22 11.76
N ASN B 318 21.09 -34.04 12.03
CA ASN B 318 20.50 -32.75 11.59
C ASN B 318 21.34 -32.23 10.43
N PRO B 319 20.97 -32.50 9.19
CA PRO B 319 21.88 -32.13 8.10
C PRO B 319 21.87 -30.64 7.74
N CYS B 320 23.05 -30.09 7.42
CA CYS B 320 23.25 -28.66 7.09
C CYS B 320 23.79 -28.50 5.69
N ILE B 321 23.06 -27.78 4.85
CA ILE B 321 23.40 -27.56 3.43
C ILE B 321 24.20 -26.26 3.28
N PHE B 322 25.32 -26.32 2.55
CA PHE B 322 26.20 -25.16 2.38
C PHE B 322 25.72 -24.24 1.21
N TYR B 323 25.78 -22.93 1.43
CA TYR B 323 25.36 -21.93 0.40
C TYR B 323 25.83 -22.28 -0.97
N ASP B 324 27.15 -22.37 -1.17
CA ASP B 324 27.70 -22.51 -2.53
C ASP B 324 27.16 -23.75 -3.27
N HIS B 325 27.04 -24.85 -2.53
CA HIS B 325 26.64 -26.09 -3.10
C HIS B 325 25.19 -25.98 -3.56
N PHE B 326 24.38 -25.23 -2.82
CA PHE B 326 22.99 -25.04 -3.18
C PHE B 326 22.72 -24.07 -4.39
N PHE B 327 23.39 -22.93 -4.43
CA PHE B 327 23.07 -21.88 -5.43
C PHE B 327 24.09 -21.71 -6.55
N ASP B 328 25.36 -22.02 -6.29
CA ASP B 328 26.48 -21.72 -7.20
C ASP B 328 27.12 -22.92 -7.92
N TRP B 329 26.70 -24.17 -7.66
CA TRP B 329 27.42 -25.34 -8.19
C TRP B 329 26.59 -26.10 -9.21
N GLY B 330 25.41 -25.60 -9.52
CA GLY B 330 24.50 -26.26 -10.45
C GLY B 330 23.81 -27.49 -9.86
N LEU B 331 23.66 -27.52 -8.53
CA LEU B 331 23.15 -28.71 -7.83
C LEU B 331 21.81 -28.49 -7.11
N LYS B 332 21.19 -27.32 -7.31
CA LYS B 332 19.98 -26.92 -6.55
C LYS B 332 18.86 -27.95 -6.62
N GLU B 333 18.49 -28.33 -7.84
CA GLU B 333 17.39 -29.27 -8.06
C GLU B 333 17.67 -30.67 -7.41
N GLU B 334 18.90 -31.16 -7.45
CA GLU B 334 19.24 -32.52 -6.93
C GLU B 334 19.19 -32.53 -5.41
N ILE B 335 19.78 -31.52 -4.81
CA ILE B 335 19.67 -31.33 -3.36
C ILE B 335 18.19 -31.20 -2.90
N GLU B 336 17.43 -30.31 -3.55
CA GLU B 336 15.99 -30.14 -3.28
C GLU B 336 15.24 -31.43 -3.36
N ARG B 337 15.57 -32.25 -4.36
CA ARG B 337 14.95 -33.58 -4.49
C ARG B 337 15.29 -34.50 -3.25
N LEU B 338 16.52 -34.44 -2.77
CA LEU B 338 16.91 -35.27 -1.61
C LEU B 338 16.17 -34.83 -0.31
N VAL B 339 15.98 -33.52 -0.14
CA VAL B 339 15.32 -32.96 1.03
C VAL B 339 13.86 -33.39 1.04
N SER B 340 13.22 -33.40 -0.13
N SER B 340 13.21 -33.38 -0.13
CA SER B 340 11.82 -33.84 -0.25
CA SER B 340 11.80 -33.84 -0.24
C SER B 340 11.65 -35.35 0.02
C SER B 340 11.64 -35.36 0.02
N ILE B 341 12.60 -36.16 -0.40
CA ILE B 341 12.62 -37.61 -0.02
C ILE B 341 12.71 -37.73 1.50
N ARG B 342 13.68 -37.05 2.10
CA ARG B 342 13.84 -36.99 3.56
C ARG B 342 12.54 -36.62 4.29
N ASN B 343 11.92 -35.53 3.84
N ASN B 343 11.92 -35.53 3.84
CA ASN B 343 10.73 -35.03 4.49
CA ASN B 343 10.71 -35.01 4.47
C ASN B 343 9.50 -35.94 4.29
C ASN B 343 9.51 -35.94 4.29
N ARG B 344 9.23 -36.38 3.06
CA ARG B 344 8.09 -37.23 2.84
C ARG B 344 8.23 -38.68 3.36
N GLN B 345 9.42 -39.10 3.73
CA GLN B 345 9.60 -40.45 4.30
C GLN B 345 9.72 -40.30 5.78
N GLY B 346 9.61 -39.05 6.22
CA GLY B 346 9.58 -38.73 7.62
C GLY B 346 10.88 -39.06 8.31
N ILE B 347 12.00 -39.00 7.58
CA ILE B 347 13.30 -39.22 8.21
C ILE B 347 13.58 -38.06 9.20
N HIS B 348 14.19 -38.41 10.32
CA HIS B 348 14.35 -37.47 11.43
C HIS B 348 15.70 -37.66 12.13
N PRO B 349 16.08 -36.73 13.04
CA PRO B 349 17.42 -36.81 13.58
C PRO B 349 17.74 -38.16 14.27
N ALA B 350 16.78 -38.73 14.99
CA ALA B 350 17.00 -40.03 15.67
C ALA B 350 16.56 -41.22 14.86
N SER B 351 16.43 -41.06 13.53
CA SER B 351 16.04 -42.17 12.66
C SER B 351 16.99 -43.37 12.81
N GLU B 352 16.55 -44.56 12.40
CA GLU B 352 17.42 -45.74 12.50
C GLU B 352 18.10 -46.04 11.22
N LEU B 353 19.37 -46.38 11.35
CA LEU B 353 20.23 -46.76 10.23
C LEU B 353 20.61 -48.23 10.29
N ARG B 354 20.46 -48.92 9.15
CA ARG B 354 20.94 -50.30 8.98
C ARG B 354 21.90 -50.29 7.78
N ILE B 355 23.19 -50.34 8.07
CA ILE B 355 24.20 -50.45 7.00
C ILE B 355 24.17 -51.83 6.36
N MET B 356 24.02 -51.86 5.03
CA MET B 356 23.87 -53.10 4.25
C MET B 356 25.19 -53.56 3.67
N GLU B 357 25.90 -52.64 3.01
CA GLU B 357 27.19 -52.91 2.40
C GLU B 357 28.12 -51.73 2.61
N ALA B 358 29.40 -52.03 2.81
CA ALA B 358 30.47 -51.02 2.85
C ALA B 358 31.76 -51.57 2.28
N ASP B 359 31.92 -51.42 0.97
CA ASP B 359 33.14 -51.82 0.27
C ASP B 359 33.77 -50.54 -0.31
N SER B 360 34.95 -50.66 -0.91
CA SER B 360 35.64 -49.51 -1.56
C SER B 360 34.76 -48.71 -2.47
N ASP B 361 34.01 -49.40 -3.32
CA ASP B 361 33.27 -48.75 -4.41
C ASP B 361 31.78 -48.64 -4.13
N LEU B 362 31.38 -49.06 -2.92
CA LEU B 362 29.98 -49.18 -2.57
C LEU B 362 29.71 -48.93 -1.12
N TYR B 363 28.76 -48.03 -0.86
CA TYR B 363 28.15 -47.91 0.44
C TYR B 363 26.68 -47.96 0.20
N LEU B 364 26.02 -48.88 0.91
CA LEU B 364 24.59 -49.07 0.78
C LEU B 364 23.95 -49.12 2.15
N ALA B 365 22.86 -48.37 2.33
CA ALA B 365 22.26 -48.27 3.68
C ALA B 365 20.76 -48.02 3.66
N GLU B 366 20.06 -48.69 4.58
CA GLU B 366 18.59 -48.53 4.70
C GLU B 366 18.26 -47.72 5.95
N ILE B 367 17.37 -46.73 5.79
CA ILE B 367 17.04 -45.81 6.87
C ILE B 367 15.55 -45.91 7.18
N ASP B 368 15.24 -46.15 8.45
CA ASP B 368 13.88 -46.34 8.94
C ASP B 368 13.06 -47.40 8.19
N GLY B 369 13.72 -48.42 7.65
CA GLY B 369 13.05 -49.42 6.80
C GLY B 369 12.34 -48.83 5.56
N LYS B 370 12.73 -47.64 5.13
CA LYS B 370 11.91 -46.91 4.15
C LYS B 370 12.64 -46.27 2.97
N VAL B 371 13.90 -45.88 3.21
CA VAL B 371 14.79 -45.37 2.19
C VAL B 371 16.04 -46.20 2.17
N ILE B 372 16.53 -46.45 0.96
CA ILE B 372 17.85 -47.05 0.78
C ILE B 372 18.71 -46.04 0.03
N THR B 373 19.91 -45.81 0.56
CA THR B 373 20.87 -44.91 -0.02
C THR B 373 22.07 -45.71 -0.49
N LYS B 374 22.51 -45.37 -1.70
CA LYS B 374 23.71 -45.93 -2.32
C LYS B 374 24.62 -44.82 -2.76
N ILE B 375 25.87 -44.85 -2.31
CA ILE B 375 26.89 -43.97 -2.89
C ILE B 375 28.04 -44.75 -3.42
N GLY B 376 28.76 -44.09 -4.32
CA GLY B 376 29.99 -44.65 -4.91
C GLY B 376 29.82 -44.99 -6.38
N PRO B 377 30.92 -45.38 -7.05
CA PRO B 377 30.87 -45.54 -8.50
C PRO B 377 30.19 -46.85 -8.93
N ARG B 378 30.03 -47.83 -8.03
CA ARG B 378 29.41 -49.09 -8.44
C ARG B 378 27.92 -48.89 -8.75
N TYR B 379 27.53 -49.22 -9.97
CA TYR B 379 26.16 -48.98 -10.42
C TYR B 379 25.22 -50.18 -10.27
N ASP B 380 25.72 -51.39 -10.53
CA ASP B 380 24.88 -52.58 -10.49
C ASP B 380 24.74 -53.08 -9.05
N VAL B 381 23.57 -52.86 -8.47
CA VAL B 381 23.28 -53.27 -7.08
C VAL B 381 21.87 -53.85 -6.88
N GLU B 382 21.17 -54.18 -7.96
CA GLU B 382 19.73 -54.49 -7.86
C GLU B 382 19.43 -55.73 -7.06
N HIS B 383 20.31 -56.73 -7.17
CA HIS B 383 20.26 -57.95 -6.31
C HIS B 383 20.31 -57.63 -4.80
N LEU B 384 20.90 -56.48 -4.44
CA LEU B 384 21.02 -56.05 -3.04
C LEU B 384 19.80 -55.26 -2.53
N ILE B 385 18.87 -54.96 -3.42
CA ILE B 385 17.77 -54.08 -3.10
C ILE B 385 16.56 -54.97 -2.87
N PRO B 386 15.88 -54.80 -1.71
CA PRO B 386 14.68 -55.53 -1.46
C PRO B 386 13.51 -55.18 -2.36
N GLU B 387 12.71 -56.20 -2.58
CA GLU B 387 11.44 -56.16 -3.23
C GLU B 387 10.55 -55.05 -2.63
N GLY B 388 9.95 -54.25 -3.50
CA GLY B 388 9.12 -53.12 -3.09
C GLY B 388 9.81 -51.76 -3.09
N PHE B 389 11.12 -51.72 -3.32
CA PHE B 389 11.88 -50.49 -3.33
C PHE B 389 12.08 -50.04 -4.78
N GLN B 390 11.90 -48.76 -5.03
CA GLN B 390 12.06 -48.19 -6.38
C GLN B 390 12.94 -46.97 -6.35
N VAL B 391 13.79 -46.83 -7.35
CA VAL B 391 14.67 -45.68 -7.49
C VAL B 391 13.81 -44.42 -7.62
N VAL B 392 14.11 -43.41 -6.78
CA VAL B 392 13.40 -42.13 -6.79
C VAL B 392 14.35 -40.94 -7.04
N ALA B 393 15.65 -41.16 -6.96
CA ALA B 393 16.62 -40.12 -7.27
C ALA B 393 17.96 -40.75 -7.58
N HIS B 394 18.66 -40.22 -8.57
CA HIS B 394 20.02 -40.69 -8.92
C HIS B 394 20.85 -39.58 -9.61
N GLY B 395 22.16 -39.70 -9.48
CA GLY B 395 23.09 -38.83 -10.17
C GLY B 395 24.49 -39.40 -10.13
N ASP B 396 25.46 -38.54 -10.37
CA ASP B 396 26.87 -38.92 -10.36
C ASP B 396 27.29 -39.56 -9.02
N GLY B 397 27.48 -40.88 -9.03
CA GLY B 397 27.92 -41.58 -7.85
C GLY B 397 26.92 -41.74 -6.72
N TYR B 398 25.63 -41.58 -7.01
CA TYR B 398 24.58 -41.80 -6.00
C TYR B 398 23.25 -42.25 -6.59
N ALA B 399 22.51 -43.05 -5.81
CA ALA B 399 21.12 -43.38 -6.07
C ALA B 399 20.31 -43.70 -4.82
N ILE B 400 19.05 -43.24 -4.84
CA ILE B 400 18.14 -43.37 -3.73
C ILE B 400 16.84 -44.10 -4.15
N TRP B 401 16.46 -45.07 -3.33
CA TRP B 401 15.25 -45.85 -3.45
C TRP B 401 14.29 -45.55 -2.27
N GLU B 402 12.99 -45.62 -2.54
CA GLU B 402 11.95 -45.57 -1.48
C GLU B 402 11.10 -46.82 -1.53
N LYS B 403 10.59 -47.22 -0.37
CA LYS B 403 9.68 -48.37 -0.31
C LYS B 403 8.36 -48.05 -1.01
N ILE B 404 8.06 -48.86 -2.04
CA ILE B 404 6.81 -48.95 -2.79
C ILE B 404 6.08 -47.64 -2.97
N MET C 1 -24.69 -17.99 7.36
CA MET C 1 -24.86 -17.81 5.89
C MET C 1 -24.01 -18.83 5.13
N GLN C 2 -22.69 -18.77 5.30
CA GLN C 2 -21.79 -19.60 4.48
C GLN C 2 -20.31 -19.58 4.99
N VAL C 3 -20.01 -20.56 5.84
CA VAL C 3 -18.81 -20.54 6.65
C VAL C 3 -18.16 -21.90 6.43
N LEU C 4 -16.94 -21.87 5.93
CA LEU C 4 -16.22 -23.05 5.60
C LEU C 4 -15.42 -23.53 6.81
N PHE C 5 -15.14 -24.80 6.80
CA PHE C 5 -14.23 -25.40 7.78
C PHE C 5 -13.28 -26.36 7.05
N GLN C 6 -11.98 -26.13 7.23
CA GLN C 6 -10.99 -27.09 6.71
C GLN C 6 -10.82 -28.17 7.77
N GLY C 7 -11.29 -29.39 7.47
CA GLY C 7 -11.46 -30.46 8.48
C GLY C 7 -10.30 -31.39 8.60
N PHE C 8 -9.09 -30.86 8.42
CA PHE C 8 -7.89 -31.65 8.48
C PHE C 8 -6.65 -30.77 8.49
N ASN C 9 -5.56 -31.40 8.92
CA ASN C 9 -4.22 -30.78 8.82
C ASN C 9 -3.22 -31.76 8.22
N TRP C 10 -1.94 -31.38 8.19
CA TRP C 10 -0.93 -32.13 7.48
C TRP C 10 -0.52 -33.43 8.21
N GLU C 11 -0.90 -33.53 9.48
CA GLU C 11 -0.62 -34.70 10.33
C GLU C 11 -1.84 -35.64 10.43
N SER C 12 -2.98 -35.24 9.88
CA SER C 12 -4.23 -35.97 10.07
C SER C 12 -4.15 -37.44 9.66
N TRP C 13 -3.42 -37.74 8.60
CA TRP C 13 -3.33 -39.11 8.13
C TRP C 13 -2.74 -40.08 9.19
N LYS C 14 -1.99 -39.54 10.14
CA LYS C 14 -1.34 -40.32 11.20
C LYS C 14 -2.27 -40.69 12.32
N GLU C 15 -3.48 -40.11 12.33
CA GLU C 15 -4.37 -40.25 13.48
C GLU C 15 -4.61 -41.71 13.90
N ASN C 16 -4.33 -41.99 15.17
CA ASN C 16 -4.55 -43.33 15.72
C ASN C 16 -6.04 -43.71 15.63
N GLY C 17 -6.33 -44.80 14.93
CA GLY C 17 -7.70 -45.22 14.65
C GLY C 17 -8.32 -44.63 13.38
N GLY C 18 -7.58 -43.76 12.69
CA GLY C 18 -8.02 -43.23 11.39
C GLY C 18 -8.68 -41.87 11.50
N TRP C 19 -8.33 -40.95 10.58
CA TRP C 19 -8.87 -39.56 10.65
C TRP C 19 -10.36 -39.46 10.56
N TYR C 20 -10.97 -40.12 9.60
CA TYR C 20 -12.44 -40.07 9.47
C TYR C 20 -13.19 -40.47 10.75
N ASN C 21 -12.72 -41.55 11.37
CA ASN C 21 -13.34 -42.04 12.60
C ASN C 21 -13.23 -41.01 13.68
N PHE C 22 -12.05 -40.40 13.75
CA PHE C 22 -11.83 -39.33 14.67
C PHE C 22 -12.73 -38.12 14.41
N LEU C 23 -12.84 -37.68 13.16
CA LEU C 23 -13.63 -36.48 12.85
C LEU C 23 -15.15 -36.70 13.07
N MET C 24 -15.59 -37.95 13.00
CA MET C 24 -16.96 -38.35 13.38
C MET C 24 -17.38 -37.74 14.72
N GLY C 25 -16.44 -37.73 15.65
CA GLY C 25 -16.65 -37.18 16.98
C GLY C 25 -16.76 -35.67 17.06
N LYS C 26 -16.50 -34.98 15.95
CA LYS C 26 -16.53 -33.50 15.95
C LYS C 26 -17.63 -32.94 15.10
N VAL C 27 -18.42 -33.80 14.46
CA VAL C 27 -19.47 -33.35 13.56
C VAL C 27 -20.46 -32.40 14.24
N ASP C 28 -20.95 -32.81 15.42
CA ASP C 28 -21.92 -31.97 16.19
C ASP C 28 -21.36 -30.59 16.60
N ASP C 29 -20.11 -30.54 17.06
CA ASP C 29 -19.46 -29.28 17.43
C ASP C 29 -19.35 -28.37 16.16
N ILE C 30 -19.05 -28.97 15.01
CA ILE C 30 -18.88 -28.24 13.76
C ILE C 30 -20.18 -27.64 13.25
N ALA C 31 -21.20 -28.47 13.18
CA ALA C 31 -22.55 -28.07 12.85
C ALA C 31 -23.15 -27.00 13.79
N ALA C 32 -22.99 -27.23 15.09
CA ALA C 32 -23.53 -26.32 16.13
C ALA C 32 -22.92 -24.92 16.08
N ALA C 33 -21.65 -24.83 15.71
CA ALA C 33 -20.96 -23.56 15.61
C ALA C 33 -21.42 -22.68 14.42
N GLY C 34 -22.29 -23.18 13.54
CA GLY C 34 -22.73 -22.41 12.34
C GLY C 34 -21.89 -22.61 11.09
N ILE C 35 -21.01 -23.60 11.14
CA ILE C 35 -20.28 -23.96 9.93
C ILE C 35 -21.26 -24.61 8.92
N THR C 36 -21.15 -24.21 7.65
CA THR C 36 -22.02 -24.69 6.63
C THR C 36 -21.33 -25.66 5.66
N HIS C 37 -20.00 -25.58 5.55
CA HIS C 37 -19.26 -26.40 4.59
C HIS C 37 -17.97 -26.89 5.18
N VAL C 38 -17.75 -28.20 5.08
CA VAL C 38 -16.48 -28.79 5.57
C VAL C 38 -15.66 -29.40 4.42
N TRP C 39 -14.40 -29.00 4.37
CA TRP C 39 -13.47 -29.43 3.34
C TRP C 39 -12.62 -30.57 3.91
N LEU C 40 -12.71 -31.74 3.26
CA LEU C 40 -12.05 -33.01 3.68
C LEU C 40 -10.96 -33.30 2.67
N PRO C 41 -9.99 -34.15 3.03
CA PRO C 41 -8.78 -34.26 2.23
C PRO C 41 -8.97 -35.15 1.01
N PRO C 42 -8.00 -35.20 0.10
CA PRO C 42 -8.18 -36.07 -1.06
C PRO C 42 -8.33 -37.52 -0.62
N PRO C 43 -9.39 -38.22 -1.09
CA PRO C 43 -9.82 -39.54 -0.55
C PRO C 43 -9.23 -40.78 -1.21
N SER C 44 -8.61 -40.59 -2.39
CA SER C 44 -8.06 -41.69 -3.13
C SER C 44 -6.68 -42.19 -2.68
N HIS C 45 -6.42 -43.45 -3.04
CA HIS C 45 -5.08 -44.00 -3.06
C HIS C 45 -4.12 -42.93 -3.59
N SER C 46 -3.00 -42.79 -2.89
CA SER C 46 -1.97 -41.82 -3.22
C SER C 46 -0.62 -42.36 -2.82
N VAL C 47 0.42 -41.99 -3.56
CA VAL C 47 1.76 -42.41 -3.19
C VAL C 47 2.09 -41.73 -1.84
N GLY C 48 2.06 -40.41 -1.80
CA GLY C 48 2.16 -39.69 -0.53
C GLY C 48 0.91 -39.75 0.38
N GLU C 49 1.14 -40.00 1.68
CA GLU C 49 0.07 -40.33 2.62
C GLU C 49 -0.98 -39.22 2.77
N GLN C 50 -0.59 -37.96 2.62
CA GLN C 50 -1.51 -36.86 2.76
C GLN C 50 -2.54 -36.81 1.64
N GLY C 51 -2.28 -37.50 0.57
CA GLY C 51 -3.28 -37.67 -0.48
C GLY C 51 -3.05 -36.87 -1.77
N TYR C 52 -1.99 -36.08 -1.83
CA TYR C 52 -1.77 -35.17 -2.98
C TYR C 52 -0.95 -35.73 -4.13
N MET C 53 -0.72 -37.05 -4.11
CA MET C 53 -0.09 -37.79 -5.17
C MET C 53 -0.97 -39.00 -5.61
N PRO C 54 -2.22 -38.70 -6.04
CA PRO C 54 -3.22 -39.74 -6.27
C PRO C 54 -2.92 -40.62 -7.48
N GLY C 55 -3.19 -41.92 -7.34
CA GLY C 55 -3.05 -42.90 -8.41
C GLY C 55 -4.37 -43.52 -8.83
N ARG C 56 -4.82 -44.48 -8.02
CA ARG C 56 -6.07 -45.23 -8.18
C ARG C 56 -7.25 -44.44 -7.64
N LEU C 57 -7.79 -43.53 -8.45
CA LEU C 57 -8.80 -42.57 -7.98
C LEU C 57 -10.07 -43.20 -7.40
N TYR C 58 -10.54 -44.30 -7.97
CA TYR C 58 -11.71 -45.01 -7.42
C TYR C 58 -11.36 -45.81 -6.12
N ASP C 59 -10.07 -45.90 -5.78
CA ASP C 59 -9.66 -46.76 -4.61
C ASP C 59 -9.59 -45.98 -3.32
N LEU C 60 -10.76 -45.77 -2.72
CA LEU C 60 -10.87 -45.01 -1.50
C LEU C 60 -10.44 -45.84 -0.30
N ASP C 61 -10.61 -47.17 -0.36
CA ASP C 61 -10.16 -48.10 0.74
C ASP C 61 -8.65 -48.07 1.02
N ALA C 62 -7.84 -47.68 0.03
CA ALA C 62 -6.40 -47.54 0.23
C ALA C 62 -5.96 -46.21 0.87
N SER C 63 -6.89 -45.28 1.11
CA SER C 63 -6.54 -43.98 1.70
C SER C 63 -6.04 -44.19 3.13
N LYS C 64 -5.04 -43.39 3.54
CA LYS C 64 -4.61 -43.39 4.93
C LYS C 64 -5.61 -42.72 5.87
N TYR C 65 -6.52 -41.87 5.35
CA TYR C 65 -7.53 -41.25 6.18
C TYR C 65 -8.62 -42.20 6.72
N GLY C 66 -8.79 -43.33 6.05
CA GLY C 66 -9.90 -44.24 6.35
C GLY C 66 -10.44 -44.78 5.05
N ASN C 67 -11.42 -45.67 5.12
CA ASN C 67 -11.85 -46.45 3.94
C ASN C 67 -13.12 -45.91 3.32
N GLU C 68 -13.58 -46.53 2.25
CA GLU C 68 -14.77 -46.03 1.56
C GLU C 68 -16.00 -45.91 2.45
N ALA C 69 -16.20 -46.90 3.33
CA ALA C 69 -17.40 -46.99 4.17
C ALA C 69 -17.37 -45.90 5.21
N GLN C 70 -16.19 -45.68 5.78
CA GLN C 70 -15.99 -44.67 6.79
C GLN C 70 -16.19 -43.29 6.22
N LEU C 71 -15.66 -43.04 5.04
CA LEU C 71 -15.86 -41.67 4.45
C LEU C 71 -17.37 -41.42 4.27
N LYS C 72 -18.07 -42.43 3.77
CA LYS C 72 -19.51 -42.33 3.44
C LYS C 72 -20.39 -41.99 4.63
N SER C 73 -20.12 -42.70 5.71
CA SER C 73 -20.70 -42.43 7.00
C SER C 73 -20.41 -41.03 7.51
N LEU C 74 -19.14 -40.60 7.43
CA LEU C 74 -18.77 -39.26 7.87
C LEU C 74 -19.55 -38.19 7.06
N ILE C 75 -19.62 -38.38 5.76
CA ILE C 75 -20.39 -37.46 4.92
C ILE C 75 -21.90 -37.51 5.29
N GLU C 76 -22.41 -38.72 5.57
CA GLU C 76 -23.80 -38.89 6.00
C GLU C 76 -24.07 -38.14 7.30
N ALA C 77 -23.12 -38.18 8.22
CA ALA C 77 -23.27 -37.51 9.51
C ALA C 77 -23.26 -35.97 9.36
N PHE C 78 -22.31 -35.44 8.61
CA PHE C 78 -22.37 -34.02 8.31
C PHE C 78 -23.76 -33.70 7.68
N HIS C 79 -24.17 -34.50 6.69
CA HIS C 79 -25.43 -34.23 5.98
C HIS C 79 -26.60 -34.23 6.98
N GLY C 80 -26.56 -35.17 7.95
CA GLY C 80 -27.60 -35.25 8.95
C GLY C 80 -27.76 -34.00 9.82
N LYS C 81 -26.69 -33.21 9.99
CA LYS C 81 -26.71 -31.98 10.78
C LYS C 81 -26.60 -30.77 9.86
N GLY C 82 -26.97 -30.96 8.61
CA GLY C 82 -27.10 -29.88 7.65
C GLY C 82 -25.82 -29.34 7.05
N VAL C 83 -24.70 -30.03 7.23
CA VAL C 83 -23.40 -29.51 6.75
C VAL C 83 -23.05 -30.13 5.40
N GLN C 84 -22.76 -29.25 4.43
CA GLN C 84 -22.28 -29.71 3.14
C GLN C 84 -20.80 -30.08 3.18
N VAL C 85 -20.39 -30.92 2.24
CA VAL C 85 -19.03 -31.45 2.21
C VAL C 85 -18.32 -31.19 0.89
N ILE C 86 -17.09 -30.68 1.02
CA ILE C 86 -16.20 -30.31 -0.08
C ILE C 86 -15.04 -31.33 -0.17
N ALA C 87 -14.85 -31.88 -1.37
CA ALA C 87 -13.76 -32.78 -1.63
C ALA C 87 -12.63 -32.01 -2.18
N ASP C 88 -11.44 -32.40 -1.72
CA ASP C 88 -10.21 -31.86 -2.25
C ASP C 88 -9.93 -32.63 -3.52
N ILE C 89 -10.04 -31.95 -4.67
CA ILE C 89 -9.93 -32.56 -6.00
C ILE C 89 -8.55 -32.28 -6.56
N VAL C 90 -7.73 -33.33 -6.64
CA VAL C 90 -6.37 -33.23 -7.15
C VAL C 90 -6.30 -33.91 -8.51
N ILE C 91 -6.47 -33.11 -9.58
CA ILE C 91 -6.48 -33.61 -10.96
C ILE C 91 -5.44 -33.00 -11.93
N ASN C 92 -4.55 -32.11 -11.48
CA ASN C 92 -3.49 -31.56 -12.35
C ASN C 92 -2.53 -32.66 -12.75
N HIS C 93 -2.24 -33.48 -11.77
CA HIS C 93 -1.25 -34.51 -11.88
C HIS C 93 -1.79 -35.76 -11.19
N ARG C 94 -1.13 -36.86 -11.49
CA ARG C 94 -1.54 -38.20 -11.09
C ARG C 94 -0.33 -39.15 -11.13
N THR C 95 -0.22 -40.08 -10.16
CA THR C 95 0.79 -41.10 -10.28
C THR C 95 0.26 -42.35 -10.99
N ALA C 96 1.18 -43.04 -11.65
CA ALA C 96 0.83 -44.18 -12.48
C ALA C 96 1.13 -45.46 -11.69
N GLU C 97 0.38 -46.52 -11.91
CA GLU C 97 0.54 -47.80 -11.14
C GLU C 97 1.74 -48.67 -11.59
N HIS C 98 2.01 -48.66 -12.88
CA HIS C 98 2.91 -49.60 -13.51
C HIS C 98 3.89 -48.91 -14.46
N LYS C 99 5.03 -49.54 -14.63
CA LYS C 99 6.07 -49.09 -15.57
C LYS C 99 5.82 -49.59 -16.99
N ASP C 100 6.06 -48.71 -17.98
CA ASP C 100 6.11 -49.13 -19.38
C ASP C 100 7.53 -49.71 -19.72
N GLY C 101 7.78 -50.03 -20.98
CA GLY C 101 9.08 -50.60 -21.44
C GLY C 101 10.31 -49.70 -21.28
N ARG C 102 10.04 -48.41 -21.03
CA ARG C 102 11.07 -47.43 -20.70
C ARG C 102 11.42 -47.48 -19.25
N GLY C 103 10.64 -48.20 -18.46
CA GLY C 103 10.86 -48.31 -17.00
C GLY C 103 10.33 -47.12 -16.23
N ILE C 104 9.51 -46.34 -16.91
CA ILE C 104 8.90 -45.12 -16.38
C ILE C 104 7.47 -45.41 -15.93
N TYR C 105 7.10 -44.95 -14.73
CA TYR C 105 5.72 -45.11 -14.21
C TYR C 105 4.77 -44.15 -14.93
N CYS C 106 4.12 -44.66 -15.99
CA CYS C 106 3.14 -43.92 -16.81
C CYS C 106 1.93 -44.77 -17.31
N LEU C 107 1.75 -45.98 -16.79
CA LEU C 107 0.57 -46.78 -17.09
C LEU C 107 -0.31 -46.77 -15.87
N PHE C 108 -1.38 -46.00 -15.98
CA PHE C 108 -2.29 -45.71 -14.88
C PHE C 108 -3.35 -46.81 -14.60
N GLU C 109 -3.81 -46.87 -13.36
CA GLU C 109 -4.85 -47.83 -12.95
C GLU C 109 -5.87 -47.05 -12.14
N GLY C 110 -7.14 -47.14 -12.52
CA GLY C 110 -8.22 -46.44 -11.84
C GLY C 110 -8.58 -47.02 -10.48
N GLY C 111 -8.25 -48.28 -10.23
CA GLY C 111 -8.69 -48.95 -8.99
C GLY C 111 -9.96 -49.81 -9.14
N THR C 112 -10.47 -49.93 -10.38
CA THR C 112 -11.60 -50.86 -10.65
C THR C 112 -11.18 -51.93 -11.67
N PRO C 113 -11.93 -53.06 -11.75
CA PRO C 113 -11.59 -54.15 -12.69
C PRO C 113 -11.68 -53.75 -14.16
N ASP C 114 -12.55 -52.81 -14.50
CA ASP C 114 -12.67 -52.28 -15.86
C ASP C 114 -11.56 -51.29 -16.25
N SER C 115 -11.75 -50.62 -17.39
CA SER C 115 -10.74 -49.74 -17.99
C SER C 115 -10.83 -48.26 -17.62
N ARG C 116 -11.80 -47.88 -16.80
CA ARG C 116 -11.91 -46.50 -16.38
C ARG C 116 -10.62 -46.02 -15.74
N LEU C 117 -10.13 -44.89 -16.24
CA LEU C 117 -8.94 -44.21 -15.77
C LEU C 117 -7.64 -44.95 -16.01
N ASP C 118 -7.70 -46.05 -16.77
CA ASP C 118 -6.54 -46.85 -17.08
C ASP C 118 -5.82 -46.25 -18.27
N TRP C 119 -5.29 -45.04 -18.07
CA TRP C 119 -4.62 -44.31 -19.10
C TRP C 119 -3.19 -44.84 -19.31
N GLY C 120 -2.57 -44.27 -20.32
CA GLY C 120 -1.15 -44.45 -20.58
C GLY C 120 -0.44 -43.12 -20.88
N PRO C 121 0.83 -43.18 -21.33
CA PRO C 121 1.63 -41.96 -21.46
C PRO C 121 1.05 -40.95 -22.46
N HIS C 122 0.16 -41.38 -23.34
CA HIS C 122 -0.49 -40.45 -24.28
C HIS C 122 -1.38 -39.47 -23.53
N MET C 123 -1.77 -39.82 -22.30
CA MET C 123 -2.63 -38.92 -21.53
C MET C 123 -1.83 -37.96 -20.66
N ILE C 124 -0.51 -38.03 -20.75
CA ILE C 124 0.40 -37.13 -20.07
C ILE C 124 0.77 -35.92 -20.97
N CYS C 125 0.92 -34.74 -20.41
CA CYS C 125 1.15 -33.52 -21.23
C CYS C 125 2.45 -33.59 -22.02
N ARG C 126 2.48 -32.86 -23.11
CA ARG C 126 3.51 -33.01 -24.14
C ARG C 126 4.96 -32.93 -23.64
N ASP C 127 5.27 -31.92 -22.85
CA ASP C 127 6.64 -31.68 -22.41
C ASP C 127 6.97 -32.33 -21.06
N ASP C 128 6.06 -33.15 -20.52
CA ASP C 128 6.27 -33.80 -19.21
C ASP C 128 7.11 -35.07 -19.44
N PRO C 129 8.28 -35.17 -18.79
CA PRO C 129 9.18 -36.26 -19.19
C PRO C 129 8.66 -37.65 -18.78
N TYR C 130 7.57 -37.70 -17.98
CA TYR C 130 6.93 -38.99 -17.66
C TYR C 130 6.21 -39.56 -18.89
N GLY C 131 5.79 -38.66 -19.77
CA GLY C 131 5.05 -39.04 -20.93
C GLY C 131 5.94 -39.40 -22.09
N ASP C 132 5.31 -39.54 -23.26
CA ASP C 132 5.98 -39.92 -24.52
C ASP C 132 5.85 -38.84 -25.60
N GLY C 133 5.48 -37.63 -25.19
CA GLY C 133 5.51 -36.49 -26.09
C GLY C 133 4.38 -36.46 -27.07
N THR C 134 3.41 -37.34 -26.93
CA THR C 134 2.30 -37.39 -27.88
C THR C 134 1.10 -36.60 -27.41
N GLY C 135 1.04 -36.31 -26.12
CA GLY C 135 -0.10 -35.57 -25.60
C GLY C 135 -0.07 -34.10 -26.00
N ASN C 136 -1.15 -33.40 -25.73
CA ASN C 136 -1.21 -31.95 -25.89
C ASN C 136 -0.34 -31.24 -24.88
N PRO C 137 0.15 -30.04 -25.24
CA PRO C 137 0.91 -29.35 -24.19
C PRO C 137 0.00 -28.96 -23.02
N ASP C 138 0.58 -28.92 -21.84
CA ASP C 138 -0.12 -28.52 -20.61
C ASP C 138 -0.88 -27.20 -20.82
N THR C 139 -2.11 -27.15 -20.33
CA THR C 139 -2.94 -25.97 -20.40
C THR C 139 -2.60 -24.99 -19.26
N GLY C 140 -1.82 -25.45 -18.29
CA GLY C 140 -1.39 -24.62 -17.19
C GLY C 140 0.00 -25.01 -16.73
N ALA C 141 0.32 -24.71 -15.49
CA ALA C 141 1.65 -25.01 -15.00
C ALA C 141 1.90 -26.51 -14.78
N ASP C 142 3.17 -26.85 -14.73
CA ASP C 142 3.63 -28.20 -14.50
C ASP C 142 3.86 -28.47 -13.02
N PHE C 143 3.63 -29.71 -12.58
CA PHE C 143 4.11 -30.17 -11.27
C PHE C 143 5.22 -31.19 -11.50
N ALA C 144 6.42 -30.87 -11.04
CA ALA C 144 7.59 -31.57 -11.54
C ALA C 144 7.74 -33.00 -11.00
N ALA C 145 7.14 -33.29 -9.84
CA ALA C 145 7.37 -34.56 -9.12
C ALA C 145 6.38 -35.66 -9.48
N ALA C 146 5.47 -35.39 -10.40
CA ALA C 146 4.53 -36.42 -10.88
C ALA C 146 4.09 -36.05 -12.29
N PRO C 147 3.54 -37.02 -13.06
CA PRO C 147 2.90 -36.79 -14.36
C PRO C 147 1.78 -35.79 -14.35
N ASP C 148 1.89 -34.77 -15.22
CA ASP C 148 0.79 -33.84 -15.48
C ASP C 148 -0.17 -34.38 -16.50
N ILE C 149 -1.44 -34.39 -16.12
CA ILE C 149 -2.51 -34.90 -16.97
C ILE C 149 -2.88 -33.89 -18.05
N ASP C 150 -3.05 -34.45 -19.26
CA ASP C 150 -3.46 -33.69 -20.44
C ASP C 150 -4.97 -33.50 -20.46
N HIS C 151 -5.43 -32.38 -19.91
CA HIS C 151 -6.86 -32.12 -19.80
C HIS C 151 -7.59 -31.85 -21.09
N LEU C 152 -6.85 -31.68 -22.19
CA LEU C 152 -7.48 -31.50 -23.51
C LEU C 152 -7.85 -32.86 -24.13
N ASN C 153 -7.26 -33.94 -23.61
CA ASN C 153 -7.61 -35.29 -24.03
C ASN C 153 -9.08 -35.55 -23.73
N LYS C 154 -9.81 -36.07 -24.72
CA LYS C 154 -11.26 -36.30 -24.56
C LYS C 154 -11.60 -37.48 -23.63
N ARG C 155 -10.78 -38.53 -23.65
CA ARG C 155 -10.98 -39.63 -22.71
C ARG C 155 -10.77 -39.17 -21.25
N VAL C 156 -9.69 -38.43 -21.00
CA VAL C 156 -9.41 -37.83 -19.70
C VAL C 156 -10.61 -37.06 -19.15
N GLN C 157 -11.12 -36.08 -19.91
CA GLN C 157 -12.22 -35.29 -19.45
C GLN C 157 -13.41 -36.14 -19.08
N ARG C 158 -13.76 -37.03 -19.99
CA ARG C 158 -14.95 -37.80 -19.84
C ARG C 158 -14.83 -38.67 -18.59
N GLU C 159 -13.65 -39.27 -18.41
CA GLU C 159 -13.49 -40.25 -17.31
C GLU C 159 -13.27 -39.57 -15.95
N LEU C 160 -12.70 -38.37 -15.96
CA LEU C 160 -12.61 -37.60 -14.73
C LEU C 160 -14.00 -37.08 -14.38
N ILE C 161 -14.81 -36.72 -15.37
CA ILE C 161 -16.19 -36.34 -15.11
C ILE C 161 -17.01 -37.48 -14.46
N GLY C 162 -16.87 -38.67 -14.99
CA GLY C 162 -17.45 -39.89 -14.37
C GLY C 162 -17.03 -40.16 -12.92
N TRP C 163 -15.75 -40.04 -12.63
CA TRP C 163 -15.24 -40.14 -11.24
C TRP C 163 -15.79 -39.07 -10.28
N LEU C 164 -15.84 -37.81 -10.72
CA LEU C 164 -16.41 -36.73 -9.95
C LEU C 164 -17.91 -36.98 -9.75
N ASP C 165 -18.56 -37.52 -10.78
CA ASP C 165 -19.98 -37.91 -10.67
C ASP C 165 -20.22 -39.01 -9.63
N TRP C 166 -19.31 -39.94 -9.56
CA TRP C 166 -19.33 -40.98 -8.51
C TRP C 166 -19.00 -40.39 -7.15
N LEU C 167 -18.02 -39.47 -7.09
CA LEU C 167 -17.77 -38.84 -5.78
C LEU C 167 -19.03 -38.17 -5.30
N LYS C 168 -19.74 -37.55 -6.23
CA LYS C 168 -20.88 -36.81 -5.84
C LYS C 168 -22.07 -37.70 -5.52
N MET C 169 -22.48 -38.51 -6.48
CA MET C 169 -23.73 -39.25 -6.37
C MET C 169 -23.64 -40.41 -5.39
N ASP C 170 -22.50 -41.06 -5.32
CA ASP C 170 -22.38 -42.30 -4.52
C ASP C 170 -21.61 -42.15 -3.21
N ILE C 171 -20.55 -41.35 -3.20
CA ILE C 171 -19.83 -41.04 -1.99
C ILE C 171 -20.54 -39.94 -1.20
N GLY C 172 -21.04 -38.93 -1.90
CA GLY C 172 -21.97 -37.97 -1.36
C GLY C 172 -21.42 -36.55 -1.25
N PHE C 173 -20.24 -36.29 -1.81
CA PHE C 173 -19.67 -34.95 -1.87
C PHE C 173 -20.57 -34.01 -2.62
N ASP C 174 -20.59 -32.76 -2.18
CA ASP C 174 -21.49 -31.72 -2.73
C ASP C 174 -20.75 -30.66 -3.52
N ALA C 175 -19.44 -30.58 -3.29
CA ALA C 175 -18.67 -29.41 -3.74
C ALA C 175 -17.22 -29.76 -3.89
N TRP C 176 -16.51 -28.96 -4.65
CA TRP C 176 -15.11 -29.23 -4.91
C TRP C 176 -14.17 -28.12 -4.44
N ARG C 177 -13.01 -28.57 -3.96
CA ARG C 177 -11.84 -27.72 -3.75
C ARG C 177 -10.79 -28.17 -4.75
N LEU C 178 -10.41 -27.26 -5.67
CA LEU C 178 -9.47 -27.58 -6.75
C LEU C 178 -8.01 -27.30 -6.40
N ASP C 179 -7.31 -28.37 -6.06
CA ASP C 179 -5.90 -28.36 -5.84
C ASP C 179 -5.08 -27.89 -7.04
N PHE C 180 -4.03 -27.15 -6.73
CA PHE C 180 -3.10 -26.60 -7.71
C PHE C 180 -3.84 -26.18 -9.00
N ALA C 181 -4.84 -25.33 -8.84
CA ALA C 181 -5.69 -24.91 -10.00
C ALA C 181 -4.92 -24.12 -11.08
N LYS C 182 -3.75 -23.58 -10.74
CA LYS C 182 -2.85 -22.97 -11.73
C LYS C 182 -2.27 -24.00 -12.70
N GLY C 183 -2.34 -25.28 -12.36
CA GLY C 183 -1.78 -26.30 -13.20
C GLY C 183 -2.50 -26.60 -14.50
N TYR C 184 -3.74 -26.18 -14.60
CA TYR C 184 -4.51 -26.34 -15.83
C TYR C 184 -5.35 -25.08 -16.04
N SER C 185 -5.90 -24.89 -17.22
CA SER C 185 -6.55 -23.61 -17.54
C SER C 185 -7.94 -23.52 -16.90
N ALA C 186 -8.45 -22.29 -16.76
CA ALA C 186 -9.79 -22.08 -16.26
C ALA C 186 -10.83 -22.69 -17.17
N ASP C 187 -10.53 -22.75 -18.46
CA ASP C 187 -11.37 -23.41 -19.44
C ASP C 187 -11.52 -24.87 -19.09
N MET C 188 -10.43 -25.50 -18.68
CA MET C 188 -10.49 -26.90 -18.27
C MET C 188 -11.31 -27.04 -17.01
N ALA C 189 -11.11 -26.14 -16.06
CA ALA C 189 -11.85 -26.22 -14.79
C ALA C 189 -13.34 -26.05 -15.00
N LYS C 190 -13.68 -25.12 -15.92
CA LYS C 190 -15.06 -24.80 -16.25
C LYS C 190 -15.78 -26.03 -16.75
N ILE C 191 -15.10 -26.79 -17.60
CA ILE C 191 -15.65 -28.03 -18.11
C ILE C 191 -16.07 -28.98 -16.97
N TYR C 192 -15.15 -29.25 -16.04
CA TYR C 192 -15.47 -30.16 -14.91
C TYR C 192 -16.55 -29.61 -13.98
N ILE C 193 -16.50 -28.31 -13.73
CA ILE C 193 -17.46 -27.68 -12.82
C ILE C 193 -18.87 -27.66 -13.43
N ASP C 194 -19.01 -27.05 -14.61
CA ASP C 194 -20.27 -27.09 -15.38
C ASP C 194 -20.83 -28.50 -15.55
N ALA C 195 -19.99 -29.50 -15.80
CA ALA C 195 -20.49 -30.85 -16.02
C ALA C 195 -21.04 -31.49 -14.71
N THR C 196 -20.48 -31.12 -13.57
CA THR C 196 -20.80 -31.78 -12.28
C THR C 196 -21.74 -30.99 -11.37
N GLU C 197 -21.92 -29.70 -11.66
CA GLU C 197 -22.91 -28.89 -10.96
C GLU C 197 -22.76 -28.90 -9.43
N PRO C 198 -21.58 -28.52 -8.94
CA PRO C 198 -21.43 -28.51 -7.50
C PRO C 198 -22.21 -27.35 -6.89
N SER C 199 -22.62 -27.52 -5.64
CA SER C 199 -23.23 -26.42 -4.87
C SER C 199 -22.23 -25.25 -4.61
N PHE C 200 -20.93 -25.56 -4.65
CA PHE C 200 -19.87 -24.62 -4.26
C PHE C 200 -18.59 -25.17 -4.86
N ALA C 201 -17.70 -24.28 -5.27
CA ALA C 201 -16.34 -24.69 -5.60
C ALA C 201 -15.38 -23.63 -5.14
N VAL C 202 -14.19 -24.08 -4.76
CA VAL C 202 -13.10 -23.13 -4.53
C VAL C 202 -11.78 -23.61 -5.17
N ALA C 203 -11.21 -22.74 -6.03
CA ALA C 203 -9.89 -22.96 -6.62
C ALA C 203 -8.75 -22.50 -5.71
N GLU C 204 -7.71 -23.32 -5.64
CA GLU C 204 -6.45 -22.96 -5.04
C GLU C 204 -5.49 -22.42 -6.10
N ILE C 205 -5.38 -21.10 -6.18
CA ILE C 205 -4.46 -20.46 -7.09
C ILE C 205 -3.48 -19.71 -6.19
N TRP C 206 -2.27 -20.26 -6.03
CA TRP C 206 -1.29 -19.68 -5.09
C TRP C 206 -0.05 -19.22 -5.83
N THR C 207 0.11 -17.90 -5.92
CA THR C 207 1.20 -17.22 -6.63
C THR C 207 2.01 -16.42 -5.60
N SER C 208 3.33 -16.43 -5.71
CA SER C 208 4.16 -15.62 -4.81
C SER C 208 3.85 -14.14 -4.96
N MET C 209 3.89 -13.42 -3.85
CA MET C 209 3.71 -11.99 -3.87
C MET C 209 5.00 -11.29 -4.25
N ALA C 210 4.85 -10.19 -4.99
CA ALA C 210 5.95 -9.27 -5.26
C ALA C 210 6.29 -8.45 -4.00
N ASN C 211 7.57 -8.44 -3.65
CA ASN C 211 8.05 -7.85 -2.41
C ASN C 211 8.91 -6.64 -2.66
N GLY C 212 9.01 -5.79 -1.64
CA GLY C 212 9.95 -4.68 -1.65
C GLY C 212 11.36 -5.09 -1.22
N GLY C 213 12.28 -4.14 -1.22
CA GLY C 213 13.67 -4.38 -0.79
C GLY C 213 13.78 -4.90 0.63
N ASP C 214 12.83 -4.50 1.49
CA ASP C 214 12.73 -4.99 2.87
C ASP C 214 12.10 -6.40 3.05
N GLY C 215 11.83 -7.09 1.94
CA GLY C 215 11.29 -8.46 1.96
C GLY C 215 9.80 -8.59 2.24
N LYS C 216 9.15 -7.47 2.56
CA LYS C 216 7.71 -7.49 2.79
C LYS C 216 6.96 -7.31 1.49
N PRO C 217 5.71 -7.80 1.43
CA PRO C 217 4.92 -7.64 0.22
C PRO C 217 4.71 -6.17 -0.08
N ASN C 218 4.65 -5.81 -1.36
CA ASN C 218 4.31 -4.46 -1.76
C ASN C 218 2.91 -4.14 -1.22
N TYR C 219 2.72 -2.88 -0.87
CA TYR C 219 1.45 -2.31 -0.44
C TYR C 219 0.39 -2.51 -1.51
N ASP C 220 0.82 -2.44 -2.77
CA ASP C 220 -0.05 -2.66 -3.92
C ASP C 220 0.04 -4.12 -4.35
N GLN C 221 -1.07 -4.84 -4.33
CA GLN C 221 -1.08 -6.25 -4.75
C GLN C 221 -2.16 -6.50 -5.79
N ASN C 222 -2.36 -5.52 -6.65
CA ASN C 222 -3.40 -5.56 -7.64
C ASN C 222 -3.19 -6.65 -8.71
N ALA C 223 -1.97 -6.82 -9.19
CA ALA C 223 -1.67 -7.92 -10.09
C ALA C 223 -2.01 -9.26 -9.42
N HIS C 224 -1.83 -9.35 -8.10
CA HIS C 224 -2.02 -10.63 -7.40
C HIS C 224 -3.50 -10.97 -7.40
N ARG C 225 -4.32 -10.01 -7.01
CA ARG C 225 -5.75 -10.25 -6.94
C ARG C 225 -6.42 -10.25 -8.33
N GLN C 226 -5.82 -9.53 -9.28
CA GLN C 226 -6.36 -9.52 -10.65
C GLN C 226 -6.30 -10.93 -11.25
N GLU C 227 -5.22 -11.64 -11.00
CA GLU C 227 -5.09 -13.05 -11.43
C GLU C 227 -6.26 -13.91 -10.91
N LEU C 228 -6.64 -13.67 -9.65
CA LEU C 228 -7.77 -14.42 -9.03
C LEU C 228 -9.10 -14.06 -9.70
N VAL C 229 -9.34 -12.75 -9.89
CA VAL C 229 -10.55 -12.25 -10.55
C VAL C 229 -10.66 -12.77 -11.98
N ASN C 230 -9.56 -12.78 -12.70
CA ASN C 230 -9.52 -13.31 -14.06
C ASN C 230 -9.94 -14.81 -14.14
N TRP C 231 -9.45 -15.63 -13.20
CA TRP C 231 -9.80 -17.05 -13.20
C TRP C 231 -11.29 -17.21 -12.98
N VAL C 232 -11.86 -16.48 -12.03
CA VAL C 232 -13.30 -16.60 -11.75
C VAL C 232 -14.17 -16.12 -12.89
N ASP C 233 -13.85 -14.97 -13.48
CA ASP C 233 -14.54 -14.52 -14.70
C ASP C 233 -14.54 -15.62 -15.76
N ARG C 234 -13.37 -16.14 -16.03
CA ARG C 234 -13.19 -17.11 -17.09
C ARG C 234 -13.91 -18.45 -16.84
N VAL C 235 -14.14 -18.87 -15.59
CA VAL C 235 -14.90 -20.13 -15.36
C VAL C 235 -16.42 -19.88 -15.43
N GLY C 236 -16.82 -18.61 -15.56
CA GLY C 236 -18.24 -18.26 -15.70
C GLY C 236 -18.79 -17.25 -14.76
N GLY C 237 -17.96 -16.68 -13.87
CA GLY C 237 -18.38 -15.58 -13.03
C GLY C 237 -19.59 -15.96 -12.22
N ALA C 238 -20.61 -15.11 -12.21
CA ALA C 238 -21.84 -15.37 -11.42
C ALA C 238 -22.75 -16.43 -12.02
N ASN C 239 -22.41 -16.91 -13.21
CA ASN C 239 -23.09 -18.05 -13.80
C ASN C 239 -22.47 -19.38 -13.36
N SER C 240 -21.58 -19.30 -12.38
CA SER C 240 -20.89 -20.46 -11.78
C SER C 240 -20.89 -20.30 -10.29
N ASN C 241 -20.88 -21.44 -9.58
CA ASN C 241 -20.72 -21.43 -8.10
C ASN C 241 -19.25 -21.46 -7.63
N ALA C 242 -18.32 -21.37 -8.61
CA ALA C 242 -16.88 -21.28 -8.32
C ALA C 242 -16.39 -19.97 -7.69
N THR C 243 -15.52 -20.14 -6.68
CA THR C 243 -14.76 -19.06 -6.07
C THR C 243 -13.26 -19.36 -6.15
N ALA C 244 -12.47 -18.42 -5.64
CA ALA C 244 -11.03 -18.60 -5.44
C ALA C 244 -10.63 -18.27 -4.03
N PHE C 245 -9.70 -19.04 -3.49
CA PHE C 245 -9.07 -18.68 -2.23
C PHE C 245 -8.36 -17.30 -2.28
N ASP C 246 -8.65 -16.47 -1.29
CA ASP C 246 -8.15 -15.11 -1.23
C ASP C 246 -6.75 -15.09 -0.63
N PHE C 247 -5.79 -15.58 -1.41
CA PHE C 247 -4.38 -15.61 -1.01
C PHE C 247 -3.80 -14.18 -0.94
N THR C 248 -4.40 -13.23 -1.65
CA THR C 248 -4.02 -11.80 -1.52
C THR C 248 -4.29 -11.24 -0.13
N THR C 249 -5.50 -11.44 0.36
CA THR C 249 -5.79 -11.09 1.75
C THR C 249 -4.95 -11.85 2.79
N LYS C 250 -4.69 -13.12 2.55
CA LYS C 250 -3.84 -13.88 3.48
C LYS C 250 -2.46 -13.25 3.57
N GLY C 251 -1.84 -13.03 2.42
CA GLY C 251 -0.43 -12.52 2.37
C GLY C 251 -0.31 -11.14 3.00
N ILE C 252 -1.33 -10.32 2.81
CA ILE C 252 -1.28 -8.98 3.32
C ILE C 252 -1.55 -8.97 4.81
N LEU C 253 -2.58 -9.71 5.21
CA LEU C 253 -2.92 -9.79 6.63
C LEU C 253 -1.74 -10.39 7.46
N ASN C 254 -0.96 -11.32 6.88
CA ASN C 254 0.24 -11.88 7.56
C ASN C 254 1.22 -10.77 8.03
N VAL C 255 1.47 -9.81 7.13
CA VAL C 255 2.37 -8.72 7.44
C VAL C 255 1.67 -7.55 8.14
N ALA C 256 0.38 -7.34 7.88
CA ALA C 256 -0.31 -6.11 8.38
C ALA C 256 -0.46 -6.16 9.87
N VAL C 257 -0.70 -7.37 10.39
CA VAL C 257 -0.82 -7.56 11.80
C VAL C 257 0.47 -7.22 12.56
N GLU C 258 1.62 -7.19 11.89
CA GLU C 258 2.85 -6.92 12.59
C GLU C 258 3.13 -5.39 12.60
N GLY C 259 2.28 -4.62 13.25
CA GLY C 259 2.52 -3.17 13.38
C GLY C 259 2.30 -2.41 12.09
N GLU C 260 1.58 -3.00 11.14
CA GLU C 260 1.42 -2.37 9.83
C GLU C 260 -0.01 -2.50 9.31
N LEU C 261 -0.98 -2.11 10.12
CA LEU C 261 -2.39 -2.29 9.76
C LEU C 261 -2.94 -1.32 8.71
N TRP C 262 -2.18 -0.27 8.41
CA TRP C 262 -2.45 0.59 7.24
C TRP C 262 -2.47 -0.15 5.91
N ARG C 263 -1.87 -1.35 5.87
CA ARG C 263 -1.86 -2.17 4.65
C ARG C 263 -3.25 -2.69 4.31
N LEU C 264 -4.14 -2.64 5.28
CA LEU C 264 -5.52 -3.11 5.13
C LEU C 264 -6.51 -2.10 4.51
N ARG C 265 -6.03 -0.94 4.10
CA ARG C 265 -6.83 0.01 3.28
C ARG C 265 -6.02 0.39 2.04
N GLY C 266 -6.46 -0.03 0.88
CA GLY C 266 -5.71 0.23 -0.33
C GLY C 266 -5.84 1.69 -0.82
N GLU C 267 -5.16 1.98 -1.90
CA GLU C 267 -5.10 3.35 -2.44
C GLU C 267 -6.50 3.95 -2.63
N ASP C 268 -7.46 3.15 -3.09
CA ASP C 268 -8.84 3.61 -3.33
C ASP C 268 -9.76 3.58 -2.10
N GLY C 269 -9.20 3.39 -0.92
CA GLY C 269 -10.04 3.28 0.29
C GLY C 269 -10.70 1.94 0.55
N LYS C 270 -10.51 0.98 -0.35
CA LYS C 270 -11.15 -0.34 -0.23
C LYS C 270 -10.20 -1.43 0.34
N ALA C 271 -10.73 -2.61 0.64
CA ALA C 271 -9.85 -3.72 1.09
C ALA C 271 -8.85 -4.05 0.00
N PRO C 272 -7.61 -4.41 0.37
CA PRO C 272 -6.56 -4.62 -0.64
C PRO C 272 -6.51 -6.01 -1.25
N GLY C 273 -7.25 -6.95 -0.68
CA GLY C 273 -7.19 -8.32 -1.17
C GLY C 273 -8.33 -8.60 -2.12
N MET C 274 -8.53 -9.86 -2.46
CA MET C 274 -9.61 -10.16 -3.42
C MET C 274 -10.96 -9.63 -2.93
N ILE C 275 -11.24 -9.69 -1.60
CA ILE C 275 -12.54 -9.22 -1.09
C ILE C 275 -12.85 -7.73 -1.41
N GLY C 276 -11.83 -6.97 -1.76
CA GLY C 276 -12.03 -5.58 -2.14
C GLY C 276 -12.48 -5.36 -3.59
N TRP C 277 -12.38 -6.39 -4.44
CA TRP C 277 -12.85 -6.31 -5.83
C TRP C 277 -14.08 -7.13 -6.16
N TRP C 278 -14.17 -8.33 -5.59
CA TRP C 278 -15.24 -9.27 -5.87
C TRP C 278 -15.41 -10.18 -4.64
N PRO C 279 -15.99 -9.62 -3.57
CA PRO C 279 -16.07 -10.37 -2.31
C PRO C 279 -16.84 -11.68 -2.38
N ALA C 280 -17.93 -11.69 -3.12
CA ALA C 280 -18.75 -12.89 -3.28
C ALA C 280 -17.95 -14.09 -3.81
N LYS C 281 -16.93 -13.81 -4.61
CA LYS C 281 -16.09 -14.82 -5.24
C LYS C 281 -14.76 -15.13 -4.51
N ALA C 282 -14.57 -14.51 -3.35
CA ALA C 282 -13.37 -14.63 -2.58
C ALA C 282 -13.58 -15.48 -1.31
N THR C 283 -12.82 -16.55 -1.19
CA THR C 283 -12.83 -17.42 0.00
C THR C 283 -11.61 -17.12 0.88
N THR C 284 -11.83 -16.42 1.98
CA THR C 284 -10.76 -15.96 2.85
C THR C 284 -10.36 -17.03 3.91
N PHE C 285 -9.16 -16.89 4.48
CA PHE C 285 -8.66 -17.84 5.46
C PHE C 285 -7.46 -17.23 6.18
N VAL C 286 -7.17 -17.76 7.36
CA VAL C 286 -6.00 -17.38 8.18
C VAL C 286 -4.76 -18.30 7.98
N ASP C 287 -5.01 -19.60 7.90
CA ASP C 287 -4.00 -20.56 7.47
C ASP C 287 -4.65 -21.84 6.96
N ASN C 288 -3.86 -22.58 6.19
CA ASN C 288 -4.25 -23.93 5.79
C ASN C 288 -3.16 -24.95 6.11
N HIS C 289 -3.27 -26.13 5.51
CA HIS C 289 -2.39 -27.25 5.77
C HIS C 289 -1.01 -27.06 5.15
N ASP C 290 -0.89 -26.14 4.17
CA ASP C 290 0.39 -25.78 3.56
C ASP C 290 1.00 -24.59 4.27
N THR C 291 0.24 -23.52 4.44
CA THR C 291 0.76 -22.29 5.03
C THR C 291 1.07 -22.37 6.49
N GLY C 292 0.31 -23.19 7.20
CA GLY C 292 0.49 -23.43 8.61
C GLY C 292 0.69 -24.93 8.87
N SER C 293 0.09 -25.46 9.94
CA SER C 293 0.30 -26.88 10.36
C SER C 293 1.80 -27.21 10.52
N THR C 294 2.23 -28.41 10.10
CA THR C 294 3.64 -28.79 10.23
C THR C 294 4.47 -28.43 9.00
N GLN C 295 3.84 -27.94 7.95
CA GLN C 295 4.57 -27.44 6.78
C GLN C 295 4.99 -25.95 6.94
N HIS C 296 4.15 -25.15 7.56
CA HIS C 296 4.42 -23.72 7.94
C HIS C 296 5.13 -22.91 6.83
N LEU C 297 4.66 -23.08 5.60
CA LEU C 297 5.26 -22.39 4.46
C LEU C 297 4.90 -20.90 4.42
N TRP C 298 3.87 -20.48 5.15
CA TRP C 298 3.47 -19.06 5.16
C TRP C 298 2.61 -18.72 6.37
N PRO C 299 3.12 -19.00 7.57
CA PRO C 299 2.26 -18.97 8.74
C PRO C 299 1.80 -17.57 9.14
N PHE C 300 0.56 -17.47 9.60
CA PHE C 300 0.07 -16.28 10.31
C PHE C 300 0.84 -16.10 11.64
N PRO C 301 1.24 -14.84 11.96
CA PRO C 301 1.83 -14.61 13.29
C PRO C 301 1.02 -15.31 14.39
N SER C 302 1.68 -16.22 15.11
CA SER C 302 0.92 -17.17 15.95
C SER C 302 0.26 -16.51 17.16
N ASP C 303 0.85 -15.42 17.65
CA ASP C 303 0.25 -14.63 18.69
C ASP C 303 -0.93 -13.77 18.23
N LYS C 304 -1.16 -13.66 16.91
CA LYS C 304 -2.18 -12.73 16.40
C LYS C 304 -3.30 -13.43 15.60
N VAL C 305 -3.49 -14.73 15.79
CA VAL C 305 -4.46 -15.47 14.95
C VAL C 305 -5.94 -15.01 15.12
N MET C 306 -6.36 -14.71 16.35
CA MET C 306 -7.67 -14.14 16.58
C MET C 306 -7.92 -12.76 15.85
N GLN C 307 -6.86 -12.02 15.55
CA GLN C 307 -6.99 -10.80 14.72
C GLN C 307 -7.38 -11.21 13.32
N GLY C 308 -6.76 -12.29 12.87
CA GLY C 308 -7.09 -12.88 11.58
C GLY C 308 -8.56 -13.26 11.50
N TYR C 309 -9.04 -14.00 12.48
CA TYR C 309 -10.46 -14.39 12.55
C TYR C 309 -11.43 -13.25 12.77
N ALA C 310 -11.10 -12.29 13.64
CA ALA C 310 -11.90 -11.06 13.79
C ALA C 310 -12.12 -10.38 12.44
N TYR C 311 -11.10 -10.42 11.59
CA TYR C 311 -11.18 -9.84 10.24
C TYR C 311 -12.03 -10.72 9.32
N ILE C 312 -11.60 -11.95 9.05
CA ILE C 312 -12.29 -12.73 8.03
C ILE C 312 -13.74 -13.06 8.42
N LEU C 313 -13.97 -13.29 9.73
CA LEU C 313 -15.28 -13.76 10.18
C LEU C 313 -16.34 -12.63 10.23
N THR C 314 -15.90 -11.38 10.22
CA THR C 314 -16.86 -10.21 10.11
C THR C 314 -16.94 -9.56 8.73
N HIS C 315 -16.00 -9.91 7.85
CA HIS C 315 -15.87 -9.21 6.59
C HIS C 315 -16.59 -9.89 5.45
N PRO C 316 -16.80 -9.16 4.32
CA PRO C 316 -17.22 -9.79 3.09
C PRO C 316 -16.27 -10.93 2.71
N GLY C 317 -16.77 -11.82 1.88
CA GLY C 317 -16.08 -13.05 1.50
C GLY C 317 -16.72 -14.27 2.15
N ASN C 318 -16.19 -15.42 1.76
CA ASN C 318 -16.63 -16.73 2.28
C ASN C 318 -15.54 -17.22 3.22
N PRO C 319 -15.66 -16.94 4.51
CA PRO C 319 -14.53 -17.27 5.39
C PRO C 319 -14.38 -18.76 5.72
N CYS C 320 -13.12 -19.22 5.77
CA CYS C 320 -12.78 -20.63 6.05
C CYS C 320 -11.95 -20.76 7.31
N ILE C 321 -12.46 -21.52 8.27
CA ILE C 321 -11.83 -21.75 9.59
C ILE C 321 -10.93 -22.99 9.57
N PHE C 322 -9.69 -22.87 10.06
CA PHE C 322 -8.72 -23.97 10.02
C PHE C 322 -8.82 -24.92 11.24
N TYR C 323 -8.75 -26.23 10.98
CA TYR C 323 -8.93 -27.22 12.02
C TYR C 323 -8.21 -26.82 13.30
N ASP C 324 -6.88 -26.65 13.21
CA ASP C 324 -6.08 -26.51 14.44
C ASP C 324 -6.52 -25.32 15.28
N HIS C 325 -6.88 -24.24 14.58
CA HIS C 325 -7.21 -23.01 15.27
C HIS C 325 -8.50 -23.24 16.03
N PHE C 326 -9.42 -24.03 15.46
CA PHE C 326 -10.70 -24.28 16.11
C PHE C 326 -10.65 -25.27 17.33
N PHE C 327 -9.88 -26.35 17.22
CA PHE C 327 -9.90 -27.43 18.26
C PHE C 327 -8.68 -27.55 19.12
N ASP C 328 -7.52 -27.13 18.62
CA ASP C 328 -6.23 -27.35 19.23
C ASP C 328 -5.53 -26.12 19.79
N TRP C 329 -6.07 -24.92 19.66
CA TRP C 329 -5.34 -23.71 20.04
C TRP C 329 -5.97 -23.01 21.26
N GLY C 330 -7.07 -23.57 21.78
CA GLY C 330 -7.79 -23.00 22.91
C GLY C 330 -8.63 -21.78 22.48
N LEU C 331 -9.04 -21.75 21.24
CA LEU C 331 -9.78 -20.59 20.67
C LEU C 331 -11.22 -20.92 20.24
N LYS C 332 -11.70 -22.12 20.54
CA LYS C 332 -13.01 -22.57 20.05
C LYS C 332 -14.15 -21.58 20.36
N GLU C 333 -14.28 -21.20 21.64
CA GLU C 333 -15.37 -20.37 22.08
C GLU C 333 -15.36 -18.96 21.42
N GLU C 334 -14.18 -18.38 21.18
CA GLU C 334 -14.05 -17.04 20.63
C GLU C 334 -14.40 -17.04 19.17
N ILE C 335 -13.89 -18.02 18.45
CA ILE C 335 -14.28 -18.22 17.04
C ILE C 335 -15.78 -18.44 16.88
N GLU C 336 -16.35 -19.36 17.67
CA GLU C 336 -17.82 -19.60 17.69
C GLU C 336 -18.62 -18.35 17.94
N ARG C 337 -18.16 -17.51 18.88
CA ARG C 337 -18.79 -16.23 19.15
C ARG C 337 -18.79 -15.32 17.88
N LEU C 338 -17.70 -15.35 17.13
CA LEU C 338 -17.60 -14.46 15.94
C LEU C 338 -18.51 -14.91 14.82
N VAL C 339 -18.63 -16.22 14.68
CA VAL C 339 -19.50 -16.82 13.67
C VAL C 339 -20.96 -16.45 13.99
N SER C 340 -21.34 -16.49 15.26
N SER C 340 -21.32 -16.49 15.27
CA SER C 340 -22.71 -16.14 15.67
CA SER C 340 -22.68 -16.13 15.71
C SER C 340 -23.04 -14.65 15.46
C SER C 340 -23.03 -14.66 15.47
N ILE C 341 -22.06 -13.78 15.66
CA ILE C 341 -22.23 -12.36 15.32
C ILE C 341 -22.49 -12.26 13.81
N ARG C 342 -21.62 -12.87 13.01
CA ARG C 342 -21.74 -12.89 11.56
C ARG C 342 -23.14 -13.31 11.11
N ASN C 343 -23.60 -14.43 11.65
CA ASN C 343 -24.87 -15.01 11.24
C ASN C 343 -26.05 -14.15 11.69
N ARG C 344 -26.09 -13.73 12.96
CA ARG C 344 -27.24 -12.96 13.42
C ARG C 344 -27.28 -11.51 12.90
N GLN C 345 -26.18 -11.01 12.34
CA GLN C 345 -26.21 -9.68 11.75
C GLN C 345 -26.41 -9.81 10.26
N GLY C 346 -26.56 -11.06 9.83
CA GLY C 346 -26.85 -11.38 8.46
C GLY C 346 -25.72 -10.99 7.53
N ILE C 347 -24.47 -11.01 8.01
CA ILE C 347 -23.34 -10.72 7.13
C ILE C 347 -23.19 -11.86 6.11
N HIS C 348 -22.88 -11.49 4.88
CA HIS C 348 -22.88 -12.43 3.76
C HIS C 348 -21.72 -12.14 2.80
N PRO C 349 -21.47 -13.03 1.82
CA PRO C 349 -20.28 -12.88 1.01
C PRO C 349 -20.19 -11.54 0.26
N ALA C 350 -21.31 -11.04 -0.25
CA ALA C 350 -21.32 -9.71 -0.90
C ALA C 350 -21.64 -8.53 0.03
N SER C 351 -21.46 -8.69 1.34
CA SER C 351 -21.75 -7.59 2.29
C SER C 351 -20.91 -6.35 1.98
N GLU C 352 -21.35 -5.20 2.48
CA GLU C 352 -20.63 -3.96 2.20
C GLU C 352 -19.69 -3.54 3.32
N LEU C 353 -18.50 -3.13 2.94
CA LEU C 353 -17.45 -2.74 3.85
C LEU C 353 -17.17 -1.26 3.74
N ARG C 354 -17.09 -0.59 4.90
CA ARG C 354 -16.64 0.80 4.98
C ARG C 354 -15.47 0.87 5.97
N ILE C 355 -14.26 1.01 5.41
CA ILE C 355 -13.09 1.15 6.24
C ILE C 355 -13.03 2.53 6.90
N MET C 356 -12.89 2.53 8.23
CA MET C 356 -12.92 3.77 9.01
C MET C 356 -11.53 4.32 9.28
N GLU C 357 -10.67 3.45 9.81
CA GLU C 357 -9.30 3.81 10.16
C GLU C 357 -8.37 2.67 9.79
N ALA C 358 -7.18 3.04 9.32
CA ALA C 358 -6.12 2.09 9.05
C ALA C 358 -4.76 2.73 9.34
N ASP C 359 -4.31 2.59 10.58
CA ASP C 359 -3.00 3.03 11.04
C ASP C 359 -2.20 1.79 11.44
N SER C 360 -0.91 1.97 11.75
CA SER C 360 -0.05 0.87 12.23
C SER C 360 -0.68 0.02 13.31
N ASP C 361 -1.29 0.66 14.30
CA ASP C 361 -1.74 -0.01 15.52
C ASP C 361 -3.24 -0.20 15.56
N LEU C 362 -3.89 0.19 14.48
CA LEU C 362 -5.33 0.22 14.42
C LEU C 362 -5.87 -0.07 13.02
N TYR C 363 -6.81 -0.98 12.98
CA TYR C 363 -7.69 -1.10 11.82
C TYR C 363 -9.09 -1.14 12.39
N LEU C 364 -9.93 -0.28 11.85
CA LEU C 364 -11.31 -0.19 12.26
C LEU C 364 -12.24 -0.17 11.05
N ALA C 365 -13.31 -0.97 11.10
CA ALA C 365 -14.16 -1.11 9.90
C ALA C 365 -15.60 -1.43 10.23
N GLU C 366 -16.52 -0.81 9.47
CA GLU C 366 -17.95 -1.07 9.61
C GLU C 366 -18.49 -1.92 8.46
N ILE C 367 -19.28 -2.93 8.78
CA ILE C 367 -19.81 -3.87 7.79
C ILE C 367 -21.33 -3.85 7.79
N ASP C 368 -21.89 -3.63 6.60
CA ASP C 368 -23.33 -3.54 6.40
C ASP C 368 -24.03 -2.52 7.30
N GLY C 369 -23.32 -1.48 7.71
CA GLY C 369 -23.86 -0.51 8.67
C GLY C 369 -24.27 -1.12 10.00
N LYS C 370 -23.72 -2.28 10.34
CA LYS C 370 -24.28 -3.05 11.48
C LYS C 370 -23.28 -3.62 12.47
N VAL C 371 -22.09 -3.96 11.97
CA VAL C 371 -21.00 -4.42 12.78
C VAL C 371 -19.81 -3.52 12.56
N ILE C 372 -19.08 -3.26 13.64
CA ILE C 372 -17.79 -2.59 13.56
C ILE C 372 -16.71 -3.54 14.11
N THR C 373 -15.65 -3.71 13.32
CA THR C 373 -14.54 -4.57 13.69
C THR C 373 -13.30 -3.74 13.89
N LYS C 374 -12.62 -4.06 14.99
CA LYS C 374 -11.36 -3.41 15.37
C LYS C 374 -10.32 -4.45 15.61
N ILE C 375 -9.19 -4.34 14.92
CA ILE C 375 -8.02 -5.18 15.27
C ILE C 375 -6.81 -4.34 15.55
N GLY C 376 -5.89 -4.98 16.25
CA GLY C 376 -4.59 -4.36 16.63
C GLY C 376 -4.49 -4.04 18.11
N PRO C 377 -3.32 -3.57 18.56
CA PRO C 377 -3.10 -3.36 19.98
C PRO C 377 -3.76 -2.08 20.55
N ARG C 378 -4.13 -1.10 19.73
CA ARG C 378 -4.72 0.12 20.29
C ARG C 378 -6.12 -0.17 20.88
N TYR C 379 -6.29 0.15 22.16
CA TYR C 379 -7.52 -0.17 22.87
C TYR C 379 -8.53 0.99 22.94
N ASP C 380 -8.06 2.21 23.10
CA ASP C 380 -8.95 3.36 23.25
C ASP C 380 -9.41 3.85 21.87
N VAL C 381 -10.65 3.58 21.53
CA VAL C 381 -11.22 3.97 20.22
C VAL C 381 -12.67 4.48 20.30
N GLU C 382 -13.15 4.80 21.51
CA GLU C 382 -14.60 5.01 21.71
C GLU C 382 -15.12 6.27 21.03
N HIS C 383 -14.27 7.31 20.92
CA HIS C 383 -14.54 8.52 20.06
C HIS C 383 -14.75 8.19 18.60
N LEU C 384 -14.22 7.05 18.13
CA LEU C 384 -14.37 6.60 16.72
C LEU C 384 -15.63 5.76 16.45
N ILE C 385 -16.37 5.42 17.51
CA ILE C 385 -17.45 4.47 17.40
C ILE C 385 -18.71 5.31 17.40
N PRO C 386 -19.61 5.10 16.41
CA PRO C 386 -20.90 5.76 16.43
C PRO C 386 -21.83 5.34 17.54
N GLU C 387 -22.66 6.31 17.91
CA GLU C 387 -23.77 6.17 18.85
C GLU C 387 -24.67 4.99 18.43
N GLY C 388 -25.01 4.16 19.41
CA GLY C 388 -25.86 2.99 19.18
C GLY C 388 -25.11 1.67 19.03
N PHE C 389 -23.79 1.73 18.96
CA PHE C 389 -22.95 0.53 18.79
C PHE C 389 -22.43 0.12 20.17
N GLN C 390 -22.44 -1.18 20.44
CA GLN C 390 -22.00 -1.71 21.71
C GLN C 390 -21.10 -2.89 21.50
N VAL C 391 -20.06 -3.00 22.32
CA VAL C 391 -19.15 -4.13 22.30
C VAL C 391 -19.88 -5.42 22.59
N VAL C 392 -19.70 -6.40 21.70
CA VAL C 392 -20.32 -7.72 21.85
C VAL C 392 -19.30 -8.86 21.91
N ALA C 393 -18.05 -8.57 21.56
CA ALA C 393 -16.98 -9.56 21.64
C ALA C 393 -15.63 -8.88 21.64
N HIS C 394 -14.71 -9.37 22.47
CA HIS C 394 -13.36 -8.81 22.53
C HIS C 394 -12.38 -9.88 23.02
N GLY C 395 -11.11 -9.70 22.62
CA GLY C 395 -10.02 -10.52 23.11
C GLY C 395 -8.69 -9.85 22.83
N ASP C 396 -7.64 -10.63 22.89
CA ASP C 396 -6.29 -10.21 22.56
C ASP C 396 -6.20 -9.54 21.17
N GLY C 397 -6.07 -8.22 21.15
CA GLY C 397 -5.89 -7.49 19.89
C GLY C 397 -7.11 -7.35 18.99
N TYR C 398 -8.31 -7.57 19.54
CA TYR C 398 -9.54 -7.45 18.78
C TYR C 398 -10.75 -7.07 19.64
N ALA C 399 -11.68 -6.32 19.02
CA ALA C 399 -13.01 -6.08 19.56
C ALA C 399 -14.08 -5.81 18.48
N ILE C 400 -15.29 -6.30 18.77
CA ILE C 400 -16.42 -6.24 17.85
C ILE C 400 -17.63 -5.60 18.54
N TRP C 401 -18.22 -4.63 17.81
CA TRP C 401 -19.42 -3.91 18.21
C TRP C 401 -20.58 -4.25 17.25
N GLU C 402 -21.80 -4.25 17.78
CA GLU C 402 -23.02 -4.36 16.97
C GLU C 402 -23.91 -3.15 17.20
N LYS C 403 -24.67 -2.77 16.17
CA LYS C 403 -25.63 -1.67 16.30
C LYS C 403 -26.80 -2.06 17.20
N ILE C 404 -26.93 -1.27 18.26
CA ILE C 404 -28.01 -1.27 19.26
C ILE C 404 -28.65 -2.62 19.56
N MET D 1 25.29 21.49 -3.47
CA MET D 1 24.59 20.17 -3.30
C MET D 1 23.67 19.63 -4.44
N GLN D 2 22.38 19.77 -4.24
CA GLN D 2 21.36 19.29 -5.17
C GLN D 2 19.97 19.89 -4.85
N VAL D 3 19.69 21.00 -5.51
CA VAL D 3 18.58 21.86 -5.18
C VAL D 3 17.81 22.04 -6.47
N LEU D 4 16.54 21.66 -6.44
CA LEU D 4 15.71 21.77 -7.61
C LEU D 4 15.00 23.13 -7.64
N PHE D 5 14.62 23.52 -8.84
CA PHE D 5 13.78 24.70 -9.05
C PHE D 5 12.69 24.35 -10.06
N GLN D 6 11.44 24.53 -9.66
CA GLN D 6 10.37 24.42 -10.61
C GLN D 6 10.23 25.76 -11.32
N GLY D 7 10.55 25.78 -12.61
CA GLY D 7 10.74 27.05 -13.37
C GLY D 7 9.52 27.52 -14.11
N PHE D 8 8.34 27.26 -13.53
CA PHE D 8 7.11 27.66 -14.16
C PHE D 8 5.96 27.54 -13.17
N ASN D 9 4.88 28.23 -13.53
CA ASN D 9 3.58 28.04 -12.84
C ASN D 9 2.43 27.82 -13.84
N TRP D 10 1.18 27.82 -13.35
CA TRP D 10 0.03 27.45 -14.16
C TRP D 10 -0.37 28.59 -15.14
N GLU D 11 0.14 29.79 -14.90
CA GLU D 11 -0.09 30.97 -15.75
C GLU D 11 1.07 31.26 -16.74
N SER D 12 2.13 30.49 -16.66
CA SER D 12 3.34 30.72 -17.48
C SER D 12 3.10 30.74 -18.98
N TRP D 13 2.21 29.88 -19.47
CA TRP D 13 1.99 29.82 -20.90
C TRP D 13 1.44 31.14 -21.47
N LYS D 14 0.87 31.97 -20.61
CA LYS D 14 0.28 33.26 -21.00
C LYS D 14 1.30 34.36 -21.17
N GLU D 15 2.55 34.11 -20.76
CA GLU D 15 3.55 35.17 -20.66
C GLU D 15 3.76 35.99 -21.94
N ASN D 16 3.61 37.31 -21.82
CA ASN D 16 3.78 38.21 -22.98
C ASN D 16 5.21 38.11 -23.52
N GLY D 17 5.34 37.73 -24.78
CA GLY D 17 6.66 37.46 -25.38
C GLY D 17 7.14 36.01 -25.25
N GLY D 18 6.39 35.17 -24.54
CA GLY D 18 6.70 33.75 -24.44
C GLY D 18 7.47 33.40 -23.18
N TRP D 19 7.10 32.28 -22.53
CA TRP D 19 7.73 31.91 -21.24
C TRP D 19 9.21 31.65 -21.32
N TYR D 20 9.66 30.88 -22.29
CA TYR D 20 11.10 30.60 -22.42
C TYR D 20 11.96 31.89 -22.53
N ASN D 21 11.46 32.82 -23.32
CA ASN D 21 12.17 34.06 -23.55
C ASN D 21 12.26 34.82 -22.25
N PHE D 22 11.15 34.82 -21.52
CA PHE D 22 11.11 35.40 -20.21
C PHE D 22 12.08 34.75 -19.23
N LEU D 23 12.07 33.42 -19.16
CA LEU D 23 12.91 32.73 -18.18
C LEU D 23 14.44 32.90 -18.48
N MET D 24 14.78 33.15 -19.75
CA MET D 24 16.14 33.54 -20.18
C MET D 24 16.75 34.58 -19.26
N GLY D 25 15.93 35.56 -18.92
CA GLY D 25 16.30 36.64 -18.01
C GLY D 25 16.49 36.28 -16.56
N LYS D 26 16.19 35.05 -16.19
CA LYS D 26 16.33 34.62 -14.79
C LYS D 26 17.38 33.58 -14.59
N VAL D 27 18.04 33.15 -15.69
CA VAL D 27 19.00 32.06 -15.60
C VAL D 27 20.12 32.38 -14.59
N ASP D 28 20.71 33.57 -14.72
CA ASP D 28 21.83 33.99 -13.83
C ASP D 28 21.42 34.04 -12.34
N ASP D 29 20.25 34.58 -12.04
CA ASP D 29 19.72 34.60 -10.66
C ASP D 29 19.55 33.15 -10.09
N ILE D 30 19.08 32.26 -10.95
CA ILE D 30 18.82 30.87 -10.57
C ILE D 30 20.13 30.14 -10.25
N ALA D 31 21.07 30.21 -11.19
CA ALA D 31 22.39 29.64 -11.03
C ALA D 31 23.16 30.18 -9.83
N ALA D 32 23.12 31.51 -9.68
CA ALA D 32 23.81 32.21 -8.58
C ALA D 32 23.30 31.81 -7.20
N ALA D 33 22.02 31.52 -7.09
CA ALA D 33 21.43 31.13 -5.83
C ALA D 33 21.81 29.69 -5.36
N GLY D 34 22.54 28.92 -6.17
CA GLY D 34 22.90 27.53 -5.82
C GLY D 34 21.91 26.46 -6.23
N ILE D 35 20.98 26.85 -7.10
CA ILE D 35 20.11 25.86 -7.71
C ILE D 35 20.92 25.01 -8.70
N THR D 36 20.70 23.68 -8.68
CA THR D 36 21.44 22.77 -9.50
C THR D 36 20.59 22.17 -10.62
N HIS D 37 19.27 22.16 -10.45
CA HIS D 37 18.38 21.54 -11.41
C HIS D 37 17.13 22.37 -11.58
N VAL D 38 16.79 22.64 -12.83
CA VAL D 38 15.56 23.37 -13.14
C VAL D 38 14.57 22.52 -13.94
N TRP D 39 13.35 22.47 -13.45
CA TRP D 39 12.28 21.66 -14.05
C TRP D 39 11.42 22.61 -14.90
N LEU D 40 11.35 22.29 -16.20
CA LEU D 40 10.63 23.09 -17.21
C LEU D 40 9.39 22.31 -17.62
N PRO D 41 8.40 23.00 -18.21
CA PRO D 41 7.11 22.35 -18.46
C PRO D 41 7.11 21.42 -19.66
N PRO D 42 6.02 20.67 -19.88
CA PRO D 42 6.03 19.79 -21.02
C PRO D 42 6.13 20.62 -22.32
N PRO D 43 7.08 20.27 -23.23
CA PRO D 43 7.48 21.12 -24.37
C PRO D 43 6.74 20.87 -25.68
N SER D 44 6.01 19.76 -25.76
CA SER D 44 5.28 19.40 -26.95
C SER D 44 3.94 20.13 -27.19
N HIS D 45 3.54 20.15 -28.46
CA HIS D 45 2.17 20.37 -28.85
C HIS D 45 1.23 19.64 -27.89
N SER D 46 0.21 20.37 -27.44
CA SER D 46 -0.75 19.86 -26.49
C SER D 46 -2.11 20.50 -26.78
N VAL D 47 -3.19 19.78 -26.52
CA VAL D 47 -4.51 20.38 -26.65
C VAL D 47 -4.62 21.50 -25.60
N GLY D 48 -4.50 21.15 -24.32
CA GLY D 48 -4.42 22.18 -23.27
C GLY D 48 -3.10 22.96 -23.24
N GLU D 49 -3.21 24.29 -23.09
CA GLU D 49 -2.06 25.19 -23.23
C GLU D 49 -0.93 24.96 -22.25
N GLN D 50 -1.25 24.48 -21.05
CA GLN D 50 -0.23 24.21 -20.04
C GLN D 50 0.68 23.04 -20.41
N GLY D 51 0.25 22.22 -21.35
CA GLY D 51 1.12 21.20 -21.88
C GLY D 51 0.81 19.75 -21.44
N TYR D 52 -0.20 19.57 -20.60
CA TYR D 52 -0.48 18.25 -20.02
C TYR D 52 -1.47 17.38 -20.80
N MET D 53 -1.76 17.79 -22.05
CA MET D 53 -2.56 17.00 -23.01
C MET D 53 -1.83 16.84 -24.35
N PRO D 54 -0.62 16.29 -24.30
CA PRO D 54 0.27 16.28 -25.47
C PRO D 54 -0.23 15.40 -26.62
N GLY D 55 -0.04 15.88 -27.85
CA GLY D 55 -0.34 15.13 -29.06
C GLY D 55 0.90 14.80 -29.89
N ARG D 56 1.33 15.79 -30.66
CA ARG D 56 2.49 15.75 -31.54
C ARG D 56 3.79 15.95 -30.76
N LEU D 57 4.30 14.87 -30.16
CA LEU D 57 5.42 14.97 -29.22
C LEU D 57 6.72 15.57 -29.80
N TYR D 58 7.04 15.29 -31.06
CA TYR D 58 8.19 15.91 -31.69
C TYR D 58 7.92 17.41 -32.06
N ASP D 59 6.67 17.85 -31.93
CA ASP D 59 6.32 19.26 -32.38
C ASP D 59 6.46 20.29 -31.27
N LEU D 60 7.70 20.68 -31.02
CA LEU D 60 8.00 21.63 -29.97
C LEU D 60 7.63 23.07 -30.39
N ASP D 61 7.70 23.38 -31.68
CA ASP D 61 7.30 24.72 -32.21
C ASP D 61 5.84 25.11 -31.96
N ALA D 62 4.95 24.13 -31.79
CA ALA D 62 3.55 24.40 -31.45
C ALA D 62 3.28 24.67 -29.95
N SER D 63 4.30 24.55 -29.11
CA SER D 63 4.13 24.79 -27.67
C SER D 63 3.77 26.25 -27.42
N LYS D 64 2.90 26.50 -26.44
CA LYS D 64 2.61 27.87 -26.00
C LYS D 64 3.72 28.51 -25.22
N TYR D 65 4.63 27.70 -24.64
CA TYR D 65 5.78 28.25 -23.92
C TYR D 65 6.84 28.92 -24.81
N GLY D 66 6.88 28.56 -26.08
CA GLY D 66 7.93 29.01 -27.00
C GLY D 66 8.26 27.88 -27.95
N ASN D 67 9.17 28.13 -28.88
CA ASN D 67 9.43 27.17 -29.97
C ASN D 67 10.69 26.32 -29.74
N GLU D 68 10.98 25.41 -30.66
CA GLU D 68 12.11 24.51 -30.50
C GLU D 68 13.43 25.22 -30.29
N ALA D 69 13.65 26.31 -31.05
CA ALA D 69 14.92 27.04 -31.01
C ALA D 69 15.08 27.76 -29.68
N GLN D 70 13.99 28.33 -29.20
CA GLN D 70 13.96 29.05 -27.92
C GLN D 70 14.20 28.11 -26.76
N LEU D 71 13.55 26.95 -26.76
CA LEU D 71 13.80 25.97 -25.66
C LEU D 71 15.30 25.57 -25.64
N LYS D 72 15.86 25.34 -26.82
CA LYS D 72 17.25 24.88 -26.95
C LYS D 72 18.27 25.86 -26.39
N SER D 73 18.10 27.12 -26.76
CA SER D 73 18.85 28.21 -26.24
C SER D 73 18.72 28.35 -24.74
N LEU D 74 17.50 28.27 -24.20
CA LEU D 74 17.27 28.35 -22.77
C LEU D 74 18.04 27.20 -22.05
N ILE D 75 17.94 26.01 -22.60
CA ILE D 75 18.70 24.87 -22.00
C ILE D 75 20.23 25.09 -22.09
N GLU D 76 20.68 25.66 -23.22
CA GLU D 76 22.09 26.01 -23.42
C GLU D 76 22.57 27.05 -22.43
N ALA D 77 21.73 28.02 -22.13
CA ALA D 77 22.04 29.04 -21.12
C ALA D 77 22.12 28.46 -19.67
N PHE D 78 21.15 27.68 -19.27
CA PHE D 78 21.29 26.98 -17.98
C PHE D 78 22.61 26.17 -17.97
N HIS D 79 22.85 25.37 -19.02
CA HIS D 79 24.03 24.53 -19.06
C HIS D 79 25.29 25.43 -18.93
N GLY D 80 25.28 26.61 -19.58
CA GLY D 80 26.42 27.51 -19.46
C GLY D 80 26.76 27.99 -18.05
N LYS D 81 25.79 28.00 -17.13
CA LYS D 81 25.99 28.44 -15.78
C LYS D 81 25.88 27.24 -14.84
N GLY D 82 26.11 26.05 -15.38
CA GLY D 82 26.22 24.84 -14.61
C GLY D 82 24.92 24.19 -14.15
N VAL D 83 23.79 24.62 -14.68
CA VAL D 83 22.49 24.12 -14.19
C VAL D 83 21.94 23.03 -15.10
N GLN D 84 21.60 21.89 -14.50
CA GLN D 84 20.96 20.82 -15.25
C GLN D 84 19.48 21.09 -15.44
N VAL D 85 18.90 20.44 -16.46
CA VAL D 85 17.51 20.70 -16.82
C VAL D 85 16.67 19.42 -16.88
N ILE D 86 15.51 19.51 -16.24
CA ILE D 86 14.54 18.44 -16.12
C ILE D 86 13.33 18.74 -17.01
N ALA D 87 12.97 17.77 -17.86
CA ALA D 87 11.76 17.85 -18.65
C ALA D 87 10.64 17.22 -17.92
N ASP D 88 9.49 17.85 -18.01
CA ASP D 88 8.23 17.27 -17.54
C ASP D 88 7.75 16.30 -18.62
N ILE D 89 7.80 15.01 -18.29
CA ILE D 89 7.49 13.92 -19.26
C ILE D 89 6.10 13.43 -19.00
N VAL D 90 5.21 13.71 -19.94
CA VAL D 90 3.82 13.31 -19.83
C VAL D 90 3.55 12.21 -20.85
N ILE D 91 3.65 10.94 -20.40
CA ILE D 91 3.44 9.79 -21.27
C ILE D 91 2.37 8.76 -20.86
N ASN D 92 1.60 9.01 -19.78
CA ASN D 92 0.47 8.11 -19.39
C ASN D 92 -0.59 8.12 -20.45
N HIS D 93 -0.83 9.33 -20.92
CA HIS D 93 -1.91 9.59 -21.83
C HIS D 93 -1.41 10.57 -22.88
N ARG D 94 -2.16 10.61 -23.97
CA ARG D 94 -1.80 11.33 -25.19
C ARG D 94 -3.08 11.67 -25.99
N THR D 95 -3.17 12.89 -26.55
CA THR D 95 -4.24 13.15 -27.49
C THR D 95 -3.89 12.75 -28.92
N ALA D 96 -4.92 12.39 -29.67
CA ALA D 96 -4.75 11.92 -31.04
C ALA D 96 -5.05 13.06 -32.02
N GLU D 97 -4.38 13.10 -33.16
CA GLU D 97 -4.56 14.20 -34.17
C GLU D 97 -5.86 14.11 -35.02
N HIS D 98 -6.27 12.87 -35.33
CA HIS D 98 -7.31 12.61 -36.32
C HIS D 98 -8.34 11.62 -35.80
N LYS D 99 -9.54 11.73 -36.35
CA LYS D 99 -10.64 10.78 -36.09
C LYS D 99 -10.57 9.54 -36.98
N ASP D 100 -10.85 8.37 -36.39
CA ASP D 100 -11.05 7.15 -37.18
C ASP D 100 -12.51 7.10 -37.72
N GLY D 101 -12.88 5.99 -38.36
CA GLY D 101 -14.23 5.75 -38.88
C GLY D 101 -15.37 5.68 -37.84
N ARG D 102 -15.02 5.60 -36.55
CA ARG D 102 -15.99 5.73 -35.44
C ARG D 102 -16.20 7.15 -35.06
N GLY D 103 -15.42 8.07 -35.63
CA GLY D 103 -15.50 9.51 -35.28
C GLY D 103 -14.81 9.86 -33.97
N ILE D 104 -13.97 8.96 -33.49
CA ILE D 104 -13.24 9.09 -32.23
C ILE D 104 -11.79 9.50 -32.53
N TYR D 105 -11.28 10.49 -31.81
CA TYR D 105 -9.86 10.90 -31.94
C TYR D 105 -8.93 9.84 -31.33
N CYS D 106 -8.44 8.93 -32.17
CA CYS D 106 -7.50 7.87 -31.77
C CYS D 106 -6.44 7.53 -32.86
N LEU D 107 -6.29 8.36 -33.89
CA LEU D 107 -5.19 8.24 -34.84
C LEU D 107 -4.17 9.34 -34.57
N PHE D 108 -3.07 8.92 -33.97
CA PHE D 108 -2.02 9.83 -33.46
C PHE D 108 -1.02 10.31 -34.56
N GLU D 109 -0.44 11.47 -34.33
CA GLU D 109 0.56 12.05 -35.22
C GLU D 109 1.73 12.53 -34.35
N GLY D 110 2.93 12.10 -34.68
CA GLY D 110 4.13 12.43 -33.93
C GLY D 110 4.59 13.87 -34.13
N GLY D 111 4.22 14.49 -35.24
CA GLY D 111 4.74 15.80 -35.59
C GLY D 111 5.93 15.76 -36.56
N THR D 112 6.28 14.58 -37.07
CA THR D 112 7.28 14.47 -38.15
C THR D 112 6.69 13.83 -39.41
N PRO D 113 7.33 14.01 -40.59
CA PRO D 113 6.80 13.48 -41.85
C PRO D 113 6.73 11.94 -41.90
N ASP D 114 7.62 11.29 -41.18
CA ASP D 114 7.65 9.81 -41.10
C ASP D 114 6.59 9.24 -40.14
N SER D 115 6.70 7.95 -39.83
N SER D 115 6.69 7.94 -39.85
CA SER D 115 5.70 7.22 -39.05
CA SER D 115 5.72 7.19 -39.06
C SER D 115 5.97 7.14 -37.55
C SER D 115 5.98 7.12 -37.55
N ARG D 116 7.05 7.74 -37.06
CA ARG D 116 7.31 7.78 -35.61
C ARG D 116 6.14 8.39 -34.82
N LEU D 117 5.68 7.62 -33.82
CA LEU D 117 4.59 7.97 -32.92
C LEU D 117 3.21 8.09 -33.59
N ASP D 118 3.11 7.68 -34.87
CA ASP D 118 1.86 7.69 -35.60
C ASP D 118 1.05 6.45 -35.29
N TRP D 119 0.64 6.33 -34.03
CA TRP D 119 -0.09 5.18 -33.53
C TRP D 119 -1.56 5.28 -33.91
N GLY D 120 -2.24 4.19 -33.61
CA GLY D 120 -3.68 4.10 -33.71
C GLY D 120 -4.32 3.49 -32.45
N PRO D 121 -5.62 3.13 -32.53
CA PRO D 121 -6.35 2.75 -31.29
C PRO D 121 -5.82 1.47 -30.67
N HIS D 122 -5.06 0.68 -31.41
CA HIS D 122 -4.45 -0.53 -30.86
C HIS D 122 -3.42 -0.18 -29.81
N MET D 123 -2.90 1.04 -29.85
CA MET D 123 -1.91 1.44 -28.86
C MET D 123 -2.55 2.07 -27.60
N ILE D 124 -3.87 2.11 -27.56
CA ILE D 124 -4.63 2.62 -26.43
C ILE D 124 -5.00 1.46 -25.48
N CYS D 125 -4.97 1.67 -24.17
CA CYS D 125 -5.24 0.57 -23.22
C CYS D 125 -6.63 -0.07 -23.38
N ARG D 126 -6.73 -1.33 -22.97
CA ARG D 126 -7.87 -2.18 -23.28
C ARG D 126 -9.25 -1.65 -22.90
N ASP D 127 -9.39 -1.16 -21.68
CA ASP D 127 -10.66 -0.65 -21.19
C ASP D 127 -10.87 0.86 -21.41
N ASP D 128 -9.98 1.52 -22.16
CA ASP D 128 -10.09 2.98 -22.42
C ASP D 128 -11.05 3.19 -23.60
N PRO D 129 -12.13 3.94 -23.39
CA PRO D 129 -13.13 3.95 -24.45
C PRO D 129 -12.67 4.69 -25.74
N TYR D 130 -11.52 5.36 -25.69
CA TYR D 130 -10.95 5.98 -26.91
C TYR D 130 -10.42 4.92 -27.85
N GLY D 131 -10.03 3.78 -27.28
CA GLY D 131 -9.46 2.71 -28.01
C GLY D 131 -10.51 1.75 -28.54
N ASP D 132 -10.04 0.61 -29.06
CA ASP D 132 -10.86 -0.40 -29.74
C ASP D 132 -10.79 -1.74 -29.02
N GLY D 133 -10.30 -1.72 -27.79
CA GLY D 133 -10.33 -2.89 -26.93
C GLY D 133 -9.32 -3.94 -27.32
N THR D 134 -8.40 -3.64 -28.22
CA THR D 134 -7.40 -4.61 -28.65
C THR D 134 -6.08 -4.46 -27.90
N GLY D 135 -5.88 -3.33 -27.27
CA GLY D 135 -4.64 -3.13 -26.49
C GLY D 135 -4.59 -3.92 -25.20
N ASN D 136 -3.41 -3.95 -24.58
CA ASN D 136 -3.25 -4.54 -23.25
C ASN D 136 -3.94 -3.69 -22.18
N PRO D 137 -4.35 -4.30 -21.06
CA PRO D 137 -4.99 -3.46 -20.08
C PRO D 137 -3.95 -2.54 -19.47
N ASP D 138 -4.39 -1.36 -19.03
CA ASP D 138 -3.54 -0.36 -18.40
C ASP D 138 -2.70 -1.00 -17.26
N THR D 139 -1.42 -0.66 -17.22
CA THR D 139 -0.54 -1.15 -16.18
C THR D 139 -0.69 -0.30 -14.89
N GLY D 140 -1.40 0.83 -14.99
CA GLY D 140 -1.65 1.69 -13.85
C GLY D 140 -3.01 2.35 -13.95
N ALA D 141 -3.16 3.49 -13.32
CA ALA D 141 -4.45 4.16 -13.33
C ALA D 141 -4.77 4.83 -14.67
N ASP D 142 -6.07 5.07 -14.86
CA ASP D 142 -6.60 5.68 -16.08
C ASP D 142 -6.73 7.20 -15.89
N PHE D 143 -6.52 7.95 -16.97
CA PHE D 143 -6.87 9.37 -16.99
C PHE D 143 -8.07 9.52 -17.92
N ALA D 144 -9.19 9.99 -17.38
CA ALA D 144 -10.46 9.82 -18.04
C ALA D 144 -10.65 10.76 -19.23
N ALA D 145 -9.96 11.89 -19.24
CA ALA D 145 -10.16 12.94 -20.25
C ALA D 145 -9.28 12.80 -21.51
N ALA D 146 -8.48 11.76 -21.60
CA ALA D 146 -7.67 11.52 -22.81
C ALA D 146 -7.34 10.03 -22.89
N PRO D 147 -6.97 9.54 -24.10
CA PRO D 147 -6.45 8.20 -24.30
C PRO D 147 -5.28 7.84 -23.42
N ASP D 148 -5.40 6.73 -22.69
CA ASP D 148 -4.28 6.13 -21.99
C ASP D 148 -3.47 5.22 -22.88
N ILE D 149 -2.16 5.47 -22.92
CA ILE D 149 -1.24 4.70 -23.74
C ILE D 149 -0.89 3.35 -23.12
N ASP D 150 -0.88 2.34 -24.00
CA ASP D 150 -0.56 0.96 -23.64
C ASP D 150 0.95 0.76 -23.62
N HIS D 151 1.54 0.94 -22.44
CA HIS D 151 2.98 0.85 -22.29
C HIS D 151 3.59 -0.54 -22.50
N LEU D 152 2.73 -1.57 -22.60
CA LEU D 152 3.23 -2.93 -22.83
C LEU D 152 3.42 -3.17 -24.33
N ASN D 153 2.83 -2.30 -25.14
CA ASN D 153 3.02 -2.35 -26.59
C ASN D 153 4.48 -2.13 -26.91
N LYS D 154 5.07 -2.99 -27.74
CA LYS D 154 6.50 -2.89 -28.06
C LYS D 154 6.85 -1.69 -28.95
N ARG D 155 5.98 -1.33 -29.87
CA ARG D 155 6.18 -0.13 -30.68
C ARG D 155 6.16 1.14 -29.86
N VAL D 156 5.16 1.26 -28.99
CA VAL D 156 5.10 2.35 -28.01
C VAL D 156 6.42 2.55 -27.24
N GLN D 157 6.90 1.51 -26.54
CA GLN D 157 8.11 1.64 -25.74
C GLN D 157 9.29 2.11 -26.57
N ARG D 158 9.46 1.47 -27.71
N ARG D 158 9.45 1.44 -27.69
CA ARG D 158 10.59 1.73 -28.56
CA ARG D 158 10.54 1.68 -28.56
C ARG D 158 10.54 3.18 -29.05
C ARG D 158 10.53 3.14 -29.03
N GLU D 159 9.36 3.63 -29.45
CA GLU D 159 9.24 4.96 -30.04
C GLU D 159 9.24 6.08 -29.01
N LEU D 160 8.74 5.79 -27.81
CA LEU D 160 8.84 6.77 -26.74
C LEU D 160 10.29 6.86 -26.30
N ILE D 161 11.02 5.75 -26.31
CA ILE D 161 12.47 5.78 -25.98
C ILE D 161 13.26 6.62 -26.97
N GLY D 162 12.98 6.47 -28.27
CA GLY D 162 13.52 7.38 -29.31
C GLY D 162 13.25 8.86 -29.15
N TRP D 163 12.01 9.21 -28.81
CA TRP D 163 11.65 10.58 -28.46
C TRP D 163 12.38 11.16 -27.26
N LEU D 164 12.47 10.37 -26.19
CA LEU D 164 13.21 10.78 -24.97
C LEU D 164 14.68 10.92 -25.31
N ASP D 165 15.18 10.04 -26.18
CA ASP D 165 16.58 10.10 -26.63
C ASP D 165 16.87 11.34 -27.44
N TRP D 166 15.91 11.77 -28.23
CA TRP D 166 15.95 13.08 -28.90
C TRP D 166 15.84 14.23 -27.93
N LEU D 167 14.92 14.14 -26.95
CA LEU D 167 14.87 15.23 -25.99
C LEU D 167 16.23 15.42 -25.33
N LYS D 168 16.86 14.29 -25.02
CA LYS D 168 18.09 14.33 -24.31
C LYS D 168 19.25 14.77 -25.20
N MET D 169 19.48 14.04 -26.30
CA MET D 169 20.67 14.27 -27.13
C MET D 169 20.61 15.55 -27.95
N ASP D 170 19.43 15.91 -28.44
CA ASP D 170 19.30 17.03 -29.38
C ASP D 170 18.69 18.31 -28.80
N ILE D 171 17.68 18.17 -27.97
CA ILE D 171 17.11 19.32 -27.26
C ILE D 171 18.00 19.69 -26.06
N GLY D 172 18.49 18.70 -25.34
CA GLY D 172 19.55 18.88 -24.35
C GLY D 172 19.12 18.66 -22.92
N PHE D 173 17.91 18.14 -22.72
CA PHE D 173 17.43 17.77 -21.38
C PHE D 173 18.35 16.72 -20.76
N ASP D 174 18.51 16.78 -19.44
CA ASP D 174 19.40 15.90 -18.68
C ASP D 174 18.64 14.91 -17.81
N ALA D 175 17.37 15.18 -17.56
CA ALA D 175 16.62 14.48 -16.49
C ALA D 175 15.14 14.55 -16.73
N TRP D 176 14.40 13.63 -16.12
CA TRP D 176 12.97 13.57 -16.30
C TRP D 176 12.15 13.76 -15.00
N ARG D 177 11.02 14.47 -15.15
CA ARG D 177 9.95 14.56 -14.19
C ARG D 177 8.75 13.82 -14.77
N LEU D 178 8.36 12.71 -14.14
CA LEU D 178 7.31 11.83 -14.64
C LEU D 178 5.94 12.19 -14.14
N ASP D 179 5.20 12.89 -14.99
CA ASP D 179 3.81 13.22 -14.77
C ASP D 179 2.89 12.02 -14.58
N PHE D 180 1.93 12.20 -13.69
CA PHE D 180 0.96 11.17 -13.34
C PHE D 180 1.59 9.76 -13.36
N ALA D 181 2.67 9.59 -12.61
CA ALA D 181 3.40 8.30 -12.62
C ALA D 181 2.55 7.11 -12.12
N LYS D 182 1.48 7.39 -11.39
CA LYS D 182 0.53 6.33 -10.96
C LYS D 182 -0.25 5.75 -12.12
N GLY D 183 -0.25 6.45 -13.26
CA GLY D 183 -0.95 5.97 -14.42
C GLY D 183 -0.39 4.71 -15.09
N TYR D 184 0.86 4.39 -14.84
CA TYR D 184 1.49 3.19 -15.43
C TYR D 184 2.38 2.56 -14.39
N SER D 185 2.81 1.34 -14.59
N SER D 185 2.77 1.30 -14.60
CA SER D 185 3.54 0.63 -13.53
CA SER D 185 3.59 0.51 -13.64
C SER D 185 4.99 1.10 -13.41
C SER D 185 4.99 1.11 -13.43
N ALA D 186 5.60 0.86 -12.26
CA ALA D 186 7.00 1.16 -12.06
C ALA D 186 7.89 0.36 -13.01
N ASP D 187 7.44 -0.83 -13.39
CA ASP D 187 8.12 -1.66 -14.38
C ASP D 187 8.19 -0.93 -15.68
N MET D 188 7.11 -0.28 -16.04
CA MET D 188 7.12 0.53 -17.28
C MET D 188 8.06 1.71 -17.16
N ALA D 189 8.03 2.39 -16.01
CA ALA D 189 8.91 3.56 -15.81
C ALA D 189 10.38 3.19 -15.84
N LYS D 190 10.69 2.03 -15.24
N LYS D 190 10.71 2.07 -15.19
CA LYS D 190 12.04 1.48 -15.18
CA LYS D 190 12.06 1.52 -15.16
C LYS D 190 12.61 1.30 -16.57
C LYS D 190 12.58 1.32 -16.58
N ILE D 191 11.79 0.78 -17.48
N ILE D 191 11.76 0.71 -17.43
CA ILE D 191 12.19 0.57 -18.85
CA ILE D 191 12.14 0.56 -18.83
C ILE D 191 12.64 1.89 -19.49
C ILE D 191 12.67 1.91 -19.34
N TYR D 192 11.83 2.94 -19.35
CA TYR D 192 12.19 4.26 -19.95
C TYR D 192 13.39 4.93 -19.29
N ILE D 193 13.48 4.80 -17.98
CA ILE D 193 14.58 5.39 -17.24
C ILE D 193 15.91 4.68 -17.54
N ASP D 194 15.99 3.37 -17.25
CA ASP D 194 17.12 2.54 -17.65
C ASP D 194 17.56 2.72 -19.11
N ALA D 195 16.63 2.83 -20.03
CA ALA D 195 17.00 2.97 -21.44
C ALA D 195 17.62 4.36 -21.75
N THR D 196 17.20 5.39 -21.00
CA THR D 196 17.62 6.77 -21.31
C THR D 196 18.72 7.34 -20.40
N GLU D 197 18.98 6.68 -19.28
CA GLU D 197 20.08 7.04 -18.42
C GLU D 197 20.11 8.53 -18.02
N PRO D 198 19.01 9.02 -17.42
CA PRO D 198 19.03 10.40 -17.00
C PRO D 198 19.93 10.60 -15.79
N SER D 199 20.49 11.79 -15.65
CA SER D 199 21.24 12.15 -14.45
C SER D 199 20.37 12.12 -13.15
N PHE D 200 19.05 12.28 -13.33
CA PHE D 200 18.13 12.50 -12.21
C PHE D 200 16.74 12.21 -12.75
N ALA D 201 15.89 11.61 -11.93
CA ALA D 201 14.46 11.50 -12.27
C ALA D 201 13.62 11.68 -11.02
N VAL D 202 12.45 12.25 -11.21
CA VAL D 202 11.47 12.33 -10.14
C VAL D 202 10.05 12.00 -10.62
N ALA D 203 9.46 10.97 -9.97
CA ALA D 203 8.06 10.58 -10.21
C ALA D 203 7.08 11.40 -9.41
N GLU D 204 6.01 11.82 -10.08
CA GLU D 204 4.84 12.42 -9.43
C GLU D 204 3.82 11.33 -9.12
N ILE D 205 3.79 10.89 -7.88
CA ILE D 205 2.83 9.91 -7.43
C ILE D 205 2.02 10.64 -6.36
N TRP D 206 0.81 11.05 -6.72
CA TRP D 206 -0.04 11.85 -5.81
C TRP D 206 -1.32 11.11 -5.43
N THR D 207 -1.39 10.65 -4.18
CA THR D 207 -2.47 9.86 -3.63
C THR D 207 -3.13 10.65 -2.49
N SER D 208 -4.45 10.64 -2.42
CA SER D 208 -5.15 11.36 -1.33
C SER D 208 -4.74 10.82 0.01
N MET D 209 -4.60 11.69 1.00
CA MET D 209 -4.30 11.26 2.33
C MET D 209 -5.58 10.80 3.03
N ALA D 210 -5.45 9.78 3.86
CA ALA D 210 -6.51 9.36 4.75
C ALA D 210 -6.63 10.36 5.91
N ASN D 211 -7.84 10.82 6.16
CA ASN D 211 -8.14 11.86 7.13
C ASN D 211 -8.95 11.34 8.30
N GLY D 212 -8.87 12.05 9.42
CA GLY D 212 -9.70 11.78 10.58
C GLY D 212 -11.07 12.45 10.44
N GLY D 213 -11.93 12.22 11.44
CA GLY D 213 -13.28 12.79 11.46
C GLY D 213 -13.29 14.32 11.39
N ASP D 214 -12.23 14.94 11.93
CA ASP D 214 -12.03 16.39 11.85
C ASP D 214 -11.47 16.93 10.49
N GLY D 215 -11.36 16.07 9.48
CA GLY D 215 -10.91 16.46 8.14
C GLY D 215 -9.41 16.67 7.96
N LYS D 216 -8.65 16.56 9.05
CA LYS D 216 -7.20 16.66 9.00
C LYS D 216 -6.57 15.30 8.69
N PRO D 217 -5.39 15.29 8.04
CA PRO D 217 -4.74 14.03 7.76
C PRO D 217 -4.45 13.28 9.05
N ASN D 218 -4.53 11.95 9.00
CA ASN D 218 -4.13 11.12 10.16
C ASN D 218 -2.66 11.41 10.47
N TYR D 219 -2.34 11.36 11.76
CA TYR D 219 -0.99 11.47 12.27
C TYR D 219 -0.06 10.41 11.65
N ASP D 220 -0.64 9.24 11.42
CA ASP D 220 0.05 8.11 10.81
C ASP D 220 -0.19 8.16 9.32
N GLN D 221 0.87 8.29 8.53
CA GLN D 221 0.74 8.30 7.05
C GLN D 221 1.65 7.28 6.40
N ASN D 222 1.80 6.13 7.07
CA ASN D 222 2.77 5.15 6.66
C ASN D 222 2.37 4.47 5.36
N ALA D 223 1.08 4.20 5.17
CA ALA D 223 0.62 3.69 3.88
C ALA D 223 0.95 4.67 2.78
N HIS D 224 0.93 5.96 3.09
CA HIS D 224 1.11 7.00 2.05
C HIS D 224 2.57 6.99 1.58
N ARG D 225 3.50 6.99 2.52
CA ARG D 225 4.90 6.99 2.17
C ARG D 225 5.40 5.60 1.73
N GLN D 226 4.75 4.53 2.21
CA GLN D 226 5.12 3.17 1.79
C GLN D 226 4.91 3.01 0.28
N GLU D 227 3.81 3.54 -0.22
CA GLU D 227 3.54 3.54 -1.66
C GLU D 227 4.71 4.21 -2.45
N LEU D 228 5.25 5.30 -1.91
CA LEU D 228 6.38 6.01 -2.56
C LEU D 228 7.65 5.16 -2.54
N VAL D 229 7.93 4.57 -1.37
CA VAL D 229 9.10 3.73 -1.20
C VAL D 229 9.04 2.49 -2.09
N ASN D 230 7.87 1.90 -2.21
CA ASN D 230 7.66 0.76 -3.09
C ASN D 230 7.97 1.10 -4.56
N TRP D 231 7.53 2.27 -5.03
CA TRP D 231 7.77 2.63 -6.43
C TRP D 231 9.26 2.75 -6.68
N VAL D 232 9.98 3.41 -5.78
CA VAL D 232 11.40 3.60 -5.95
C VAL D 232 12.18 2.30 -5.91
N ASP D 233 11.88 1.44 -4.95
CA ASP D 233 12.48 0.08 -4.93
C ASP D 233 12.28 -0.62 -6.27
N ARG D 234 11.04 -0.65 -6.72
CA ARG D 234 10.67 -1.37 -7.92
C ARG D 234 11.33 -0.80 -9.20
N VAL D 235 11.66 0.50 -9.25
CA VAL D 235 12.31 1.04 -10.43
C VAL D 235 13.84 0.81 -10.39
N GLY D 236 14.33 0.27 -9.28
CA GLY D 236 15.73 -0.13 -9.18
C GLY D 236 16.47 0.44 -7.98
N GLY D 237 15.79 1.21 -7.13
CA GLY D 237 16.38 1.67 -5.88
C GLY D 237 17.63 2.46 -6.13
N ALA D 238 18.72 2.12 -5.43
CA ALA D 238 20.00 2.83 -5.60
C ALA D 238 20.75 2.47 -6.87
N ASN D 239 20.23 1.51 -7.62
CA ASN D 239 20.75 1.24 -8.95
C ASN D 239 20.08 2.10 -10.03
N SER D 240 19.31 3.09 -9.57
CA SER D 240 18.61 4.06 -10.43
C SER D 240 18.81 5.43 -9.85
N ASN D 241 18.79 6.44 -10.73
CA ASN D 241 18.81 7.85 -10.32
C ASN D 241 17.40 8.43 -10.07
N ALA D 242 16.38 7.56 -10.15
CA ALA D 242 14.99 7.91 -9.81
C ALA D 242 14.67 8.19 -8.33
N THR D 243 13.91 9.27 -8.12
CA THR D 243 13.29 9.60 -6.87
C THR D 243 11.75 9.75 -7.03
N ALA D 244 11.11 10.06 -5.91
CA ALA D 244 9.69 10.40 -5.88
C ALA D 244 9.47 11.67 -5.14
N PHE D 245 8.54 12.47 -5.62
CA PHE D 245 8.08 13.63 -4.85
C PHE D 245 7.47 13.24 -3.51
N ASP D 246 7.92 13.91 -2.46
CA ASP D 246 7.53 13.64 -1.11
C ASP D 246 6.20 14.33 -0.78
N PHE D 247 5.12 13.82 -1.36
CA PHE D 247 3.79 14.32 -1.13
C PHE D 247 3.33 14.02 0.32
N THR D 248 3.93 13.01 0.96
CA THR D 248 3.66 12.75 2.40
C THR D 248 4.12 13.90 3.29
N THR D 249 5.35 14.32 3.13
CA THR D 249 5.82 15.51 3.83
C THR D 249 5.03 16.79 3.49
N LYS D 250 4.67 16.95 2.23
CA LYS D 250 3.87 18.14 1.84
C LYS D 250 2.54 18.18 2.59
N GLY D 251 1.82 17.08 2.55
CA GLY D 251 0.48 16.97 3.20
C GLY D 251 0.53 17.17 4.69
N ILE D 252 1.59 16.66 5.32
CA ILE D 252 1.70 16.77 6.77
C ILE D 252 2.14 18.16 7.18
N LEU D 253 3.13 18.68 6.48
CA LEU D 253 3.61 20.04 6.74
C LEU D 253 2.48 21.10 6.52
N ASN D 254 1.60 20.89 5.53
CA ASN D 254 0.44 21.80 5.32
C ASN D 254 -0.37 22.00 6.62
N VAL D 255 -0.64 20.88 7.29
CA VAL D 255 -1.44 20.93 8.52
C VAL D 255 -0.58 21.19 9.79
N ALA D 256 0.68 20.77 9.79
CA ALA D 256 1.50 20.83 11.00
C ALA D 256 1.81 22.28 11.37
N VAL D 257 1.99 23.10 10.33
CA VAL D 257 2.24 24.49 10.52
C VAL D 257 1.10 25.23 11.19
N GLU D 258 -0.10 24.69 11.13
CA GLU D 258 -1.21 25.36 11.74
C GLU D 258 -1.38 24.93 13.23
N GLY D 259 -0.41 25.27 14.05
CA GLY D 259 -0.51 24.97 15.49
C GLY D 259 -0.40 23.48 15.85
N GLU D 260 0.15 22.67 14.95
CA GLU D 260 0.23 21.23 15.19
C GLU D 260 1.58 20.65 14.76
N LEU D 261 2.65 21.23 15.25
CA LEU D 261 3.97 20.83 14.81
C LEU D 261 4.46 19.50 15.37
N TRP D 262 3.75 18.96 16.38
CA TRP D 262 4.00 17.59 16.86
C TRP D 262 3.80 16.53 15.78
N ARG D 263 3.11 16.90 14.70
CA ARG D 263 2.92 15.99 13.55
C ARG D 263 4.23 15.72 12.85
N LEU D 264 5.23 16.56 13.10
CA LEU D 264 6.53 16.44 12.45
C LEU D 264 7.52 15.46 13.13
N ARG D 265 7.09 14.78 14.17
CA ARG D 265 7.88 13.65 14.76
C ARG D 265 6.97 12.44 14.84
N GLY D 266 7.25 11.42 14.06
CA GLY D 266 6.40 10.23 14.04
C GLY D 266 6.59 9.34 15.28
N GLU D 267 5.81 8.27 15.33
CA GLU D 267 5.80 7.37 16.48
C GLU D 267 7.21 6.89 16.84
N ASP D 268 8.05 6.62 15.83
CA ASP D 268 9.42 6.15 16.05
C ASP D 268 10.48 7.24 16.28
N GLY D 269 10.06 8.48 16.47
CA GLY D 269 11.01 9.58 16.64
C GLY D 269 11.58 10.17 15.36
N LYS D 270 11.20 9.60 14.21
CA LYS D 270 11.72 10.05 12.91
C LYS D 270 10.75 10.96 12.14
N ALA D 271 11.21 11.56 11.04
CA ALA D 271 10.31 12.40 10.24
C ALA D 271 9.16 11.55 9.73
N PRO D 272 7.95 12.12 9.61
CA PRO D 272 6.78 11.30 9.26
C PRO D 272 6.55 11.13 7.75
N GLY D 273 7.28 11.86 6.93
CA GLY D 273 7.09 11.80 5.49
C GLY D 273 8.12 10.90 4.84
N MET D 274 8.19 10.94 3.52
CA MET D 274 9.11 10.00 2.87
C MET D 274 10.56 10.19 3.36
N ILE D 275 10.97 11.43 3.65
CA ILE D 275 12.34 11.67 4.11
C ILE D 275 12.72 10.89 5.39
N GLY D 276 11.72 10.44 6.12
CA GLY D 276 11.98 9.67 7.32
C GLY D 276 12.30 8.19 7.09
N TRP D 277 12.03 7.68 5.89
CA TRP D 277 12.34 6.27 5.54
C TRP D 277 13.43 6.09 4.51
N TRP D 278 13.51 7.00 3.54
CA TRP D 278 14.48 6.93 2.46
C TRP D 278 14.73 8.37 1.93
N PRO D 279 15.43 9.19 2.74
CA PRO D 279 15.63 10.57 2.37
C PRO D 279 16.29 10.80 1.00
N ALA D 280 17.29 9.98 0.66
CA ALA D 280 18.00 10.12 -0.59
C ALA D 280 17.07 10.05 -1.81
N LYS D 281 15.97 9.31 -1.67
CA LYS D 281 15.00 9.07 -2.74
C LYS D 281 13.75 9.96 -2.69
N ALA D 282 13.74 10.90 -1.75
CA ALA D 282 12.61 11.77 -1.52
C ALA D 282 12.90 13.20 -2.01
N THR D 283 12.07 13.69 -2.93
CA THR D 283 12.16 15.10 -3.44
C THR D 283 11.06 15.95 -2.77
N THR D 284 11.46 16.77 -1.82
CA THR D 284 10.53 17.56 -1.01
C THR D 284 10.15 18.90 -1.70
N PHE D 285 9.04 19.51 -1.26
CA PHE D 285 8.56 20.74 -1.87
C PHE D 285 7.46 21.33 -1.00
N VAL D 286 7.26 22.65 -1.16
CA VAL D 286 6.24 23.41 -0.44
C VAL D 286 4.94 23.54 -1.25
N ASP D 287 5.08 23.83 -2.53
CA ASP D 287 3.97 23.82 -3.46
C ASP D 287 4.45 23.66 -4.87
N ASN D 288 3.53 23.23 -5.72
CA ASN D 288 3.78 23.17 -7.16
C ASN D 288 2.64 23.85 -7.92
N HIS D 289 2.60 23.62 -9.22
CA HIS D 289 1.69 24.27 -10.12
C HIS D 289 0.26 23.75 -9.97
N ASP D 290 0.11 22.57 -9.35
CA ASP D 290 -1.22 21.98 -9.06
C ASP D 290 -1.65 22.36 -7.65
N THR D 291 -0.79 22.15 -6.66
CA THR D 291 -1.13 22.40 -5.25
C THR D 291 -1.27 23.86 -4.89
N GLY D 292 -0.53 24.70 -5.59
CA GLY D 292 -0.58 26.14 -5.42
C GLY D 292 -0.86 26.85 -6.73
N SER D 293 -0.19 27.98 -6.99
CA SER D 293 -0.44 28.80 -8.19
C SER D 293 -1.94 29.14 -8.31
N THR D 294 -2.51 29.13 -9.53
CA THR D 294 -3.91 29.50 -9.72
C THR D 294 -4.83 28.29 -9.65
N GLN D 295 -4.28 27.10 -9.52
CA GLN D 295 -5.09 25.90 -9.31
C GLN D 295 -5.41 25.67 -7.80
N HIS D 296 -4.44 25.95 -6.95
CA HIS D 296 -4.57 25.92 -5.48
C HIS D 296 -5.36 24.70 -4.96
N LEU D 297 -5.07 23.56 -5.50
CA LEU D 297 -5.72 22.31 -5.08
C LEU D 297 -5.25 21.81 -3.70
N TRP D 298 -4.09 22.29 -3.21
CA TRP D 298 -3.59 21.86 -1.90
C TRP D 298 -2.59 22.83 -1.33
N PRO D 299 -2.99 24.11 -1.22
CA PRO D 299 -2.01 25.15 -0.93
C PRO D 299 -1.41 25.09 0.48
N PHE D 300 -0.11 25.37 0.58
CA PHE D 300 0.52 25.66 1.83
C PHE D 300 -0.09 26.94 2.46
N PRO D 301 -0.37 26.90 3.79
CA PRO D 301 -0.75 28.17 4.46
C PRO D 301 0.15 29.36 4.03
N SER D 302 -0.49 30.38 3.42
CA SER D 302 0.29 31.39 2.67
C SER D 302 1.13 32.26 3.58
N ASP D 303 0.69 32.47 4.82
CA ASP D 303 1.46 33.22 5.78
C ASP D 303 2.62 32.42 6.35
N LYS D 304 2.71 31.11 6.06
CA LYS D 304 3.74 30.26 6.70
C LYS D 304 4.69 29.60 5.71
N VAL D 305 4.83 30.15 4.49
CA VAL D 305 5.62 29.50 3.47
C VAL D 305 7.13 29.39 3.82
N MET D 306 7.69 30.44 4.43
CA MET D 306 9.07 30.39 4.87
C MET D 306 9.35 29.29 5.97
N GLN D 307 8.33 28.85 6.69
CA GLN D 307 8.45 27.68 7.59
C GLN D 307 8.61 26.44 6.76
N GLY D 308 7.88 26.38 5.64
CA GLY D 308 8.03 25.31 4.72
C GLY D 308 9.46 25.21 4.20
N TYR D 309 9.99 26.34 3.73
CA TYR D 309 11.37 26.40 3.19
C TYR D 309 12.46 26.22 4.21
N ALA D 310 12.30 26.81 5.38
CA ALA D 310 13.18 26.52 6.52
C ALA D 310 13.31 25.01 6.78
N TYR D 311 12.21 24.29 6.64
CA TYR D 311 12.17 22.80 6.84
C TYR D 311 12.84 22.11 5.65
N ILE D 312 12.29 22.25 4.44
CA ILE D 312 12.82 21.46 3.33
C ILE D 312 14.29 21.80 3.01
N LEU D 313 14.63 23.09 3.10
CA LEU D 313 15.95 23.55 2.65
C LEU D 313 17.06 23.18 3.60
N THR D 314 16.73 22.86 4.85
CA THR D 314 17.75 22.34 5.83
C THR D 314 17.75 20.80 6.06
N HIS D 315 16.71 20.13 5.59
CA HIS D 315 16.48 18.75 5.93
C HIS D 315 17.02 17.81 4.89
N PRO D 316 17.16 16.51 5.26
CA PRO D 316 17.38 15.48 4.28
C PRO D 316 16.34 15.51 3.18
N GLY D 317 16.69 14.91 2.05
CA GLY D 317 15.87 14.99 0.83
C GLY D 317 16.47 15.90 -0.20
N ASN D 318 15.84 15.91 -1.38
CA ASN D 318 16.23 16.76 -2.51
C ASN D 318 15.21 17.88 -2.61
N PRO D 319 15.47 19.02 -2.00
CA PRO D 319 14.43 20.03 -1.97
C PRO D 319 14.20 20.79 -3.29
N CYS D 320 12.92 21.08 -3.58
CA CYS D 320 12.51 21.78 -4.81
C CYS D 320 11.82 23.09 -4.49
N ILE D 321 12.36 24.17 -5.02
CA ILE D 321 11.85 25.53 -4.79
C ILE D 321 10.87 25.93 -5.91
N PHE D 322 9.72 26.48 -5.53
CA PHE D 322 8.67 26.83 -6.49
C PHE D 322 8.88 28.27 -7.08
N TYR D 323 8.67 28.41 -8.37
CA TYR D 323 8.86 29.72 -9.06
C TYR D 323 8.30 30.88 -8.28
N ASP D 324 6.99 30.88 -8.00
CA ASP D 324 6.33 32.06 -7.41
C ASP D 324 6.93 32.47 -6.07
N HIS D 325 7.27 31.47 -5.24
CA HIS D 325 7.79 31.73 -3.95
C HIS D 325 9.18 32.40 -4.08
N PHE D 326 9.95 32.01 -5.09
CA PHE D 326 11.26 32.61 -5.31
C PHE D 326 11.30 34.05 -5.89
N PHE D 327 10.45 34.34 -6.88
CA PHE D 327 10.50 35.61 -7.62
C PHE D 327 9.37 36.57 -7.36
N ASP D 328 8.20 36.07 -6.99
CA ASP D 328 6.95 36.86 -6.90
C ASP D 328 6.40 37.12 -5.50
N TRP D 329 7.01 36.59 -4.44
CA TRP D 329 6.40 36.66 -3.10
C TRP D 329 7.23 37.52 -2.16
N GLY D 330 8.33 38.09 -2.65
CA GLY D 330 9.21 38.94 -1.85
C GLY D 330 10.10 38.14 -0.91
N LEU D 331 10.38 36.90 -1.28
CA LEU D 331 11.11 35.96 -0.42
C LEU D 331 12.47 35.52 -0.99
N LYS D 332 12.91 36.14 -2.09
CA LYS D 332 14.14 35.70 -2.82
C LYS D 332 15.37 35.65 -1.93
N GLU D 333 15.65 36.73 -1.23
CA GLU D 333 16.83 36.84 -0.38
C GLU D 333 16.82 35.80 0.79
N GLU D 334 15.67 35.51 1.38
CA GLU D 334 15.58 34.59 2.55
C GLU D 334 15.76 33.15 2.11
N ILE D 335 15.11 32.79 1.01
CA ILE D 335 15.34 31.46 0.39
C ILE D 335 16.82 31.26 -0.04
N GLU D 336 17.39 32.24 -0.73
CA GLU D 336 18.82 32.22 -1.12
C GLU D 336 19.72 32.05 0.05
N ARG D 337 19.41 32.75 1.15
CA ARG D 337 20.17 32.56 2.40
C ARG D 337 20.11 31.07 2.92
N LEU D 338 18.93 30.46 2.83
CA LEU D 338 18.77 29.07 3.34
C LEU D 338 19.52 28.05 2.49
N VAL D 339 19.53 28.28 1.19
CA VAL D 339 20.27 27.44 0.25
C VAL D 339 21.78 27.53 0.52
N SER D 340 22.28 28.73 0.79
N SER D 340 22.30 28.73 0.81
CA SER D 340 23.72 28.90 1.11
CA SER D 340 23.76 28.87 1.10
C SER D 340 24.13 28.24 2.44
C SER D 340 24.19 28.35 2.50
N ILE D 341 23.26 28.27 3.44
CA ILE D 341 23.48 27.51 4.68
C ILE D 341 23.56 26.02 4.35
N ARG D 342 22.57 25.50 3.64
CA ARG D 342 22.55 24.10 3.17
C ARG D 342 23.86 23.69 2.50
N ASN D 343 24.27 24.48 1.53
CA ASN D 343 25.45 24.17 0.73
C ASN D 343 26.74 24.27 1.56
N ARG D 344 26.94 25.35 2.33
CA ARG D 344 28.10 25.55 3.21
C ARG D 344 28.30 24.48 4.28
N GLN D 345 27.18 23.90 4.70
CA GLN D 345 27.24 22.99 5.82
C GLN D 345 27.23 21.60 5.26
N GLY D 346 27.23 21.55 3.93
CA GLY D 346 27.39 20.32 3.21
C GLY D 346 26.22 19.41 3.47
N ILE D 347 25.03 19.97 3.71
CA ILE D 347 23.83 19.13 3.85
C ILE D 347 23.49 18.48 2.51
N HIS D 348 23.06 17.22 2.55
CA HIS D 348 22.89 16.41 1.35
C HIS D 348 21.64 15.51 1.47
N PRO D 349 21.23 14.84 0.38
CA PRO D 349 19.98 14.11 0.43
C PRO D 349 19.90 13.02 1.51
N ALA D 350 21.00 12.30 1.75
CA ALA D 350 21.04 11.30 2.84
C ALA D 350 21.56 11.82 4.19
N SER D 351 21.53 13.14 4.40
CA SER D 351 21.99 13.72 5.68
C SER D 351 21.22 13.13 6.87
N GLU D 352 21.79 13.24 8.08
CA GLU D 352 21.10 12.69 9.26
C GLU D 352 20.34 13.73 10.02
N LEU D 353 19.14 13.34 10.43
CA LEU D 353 18.23 14.18 11.19
C LEU D 353 18.06 13.66 12.60
N ARG D 354 18.19 14.58 13.57
CA ARG D 354 17.86 14.31 14.98
C ARG D 354 16.80 15.32 15.42
N ILE D 355 15.56 14.85 15.51
CA ILE D 355 14.48 15.68 16.02
C ILE D 355 14.61 15.93 17.54
N MET D 356 14.60 17.21 17.93
CA MET D 356 14.85 17.61 19.31
C MET D 356 13.57 17.88 20.07
N GLU D 357 12.68 18.66 19.45
CA GLU D 357 11.39 18.99 20.02
C GLU D 357 10.33 18.99 18.93
N ALA D 358 9.12 18.52 19.28
CA ALA D 358 7.96 18.61 18.42
C ALA D 358 6.71 18.81 19.24
N ASP D 359 6.40 20.08 19.51
CA ASP D 359 5.18 20.49 20.20
C ASP D 359 4.32 21.29 19.21
N SER D 360 3.09 21.65 19.61
CA SER D 360 2.20 22.49 18.80
C SER D 360 2.85 23.72 18.21
N ASP D 361 3.61 24.43 19.03
CA ASP D 361 4.15 25.75 18.67
C ASP D 361 5.62 25.74 18.34
N LEU D 362 6.20 24.54 18.34
CA LEU D 362 7.63 24.36 18.18
C LEU D 362 7.98 23.07 17.47
N TYR D 363 8.81 23.19 16.46
CA TYR D 363 9.55 22.08 15.93
C TYR D 363 11.00 22.51 15.90
N LEU D 364 11.85 21.68 16.50
CA LEU D 364 13.25 21.94 16.55
C LEU D 364 14.01 20.70 16.10
N ALA D 365 15.01 20.89 15.23
CA ALA D 365 15.73 19.72 14.70
C ALA D 365 17.19 20.02 14.33
N GLU D 366 18.08 19.07 14.64
CA GLU D 366 19.51 19.17 14.30
C GLU D 366 19.87 18.25 13.13
N ILE D 367 20.62 18.79 12.16
CA ILE D 367 20.93 18.07 10.93
C ILE D 367 22.44 17.96 10.76
N ASP D 368 22.89 16.72 10.58
CA ASP D 368 24.31 16.39 10.48
C ASP D 368 25.17 16.94 11.62
N GLY D 369 24.59 17.09 12.81
CA GLY D 369 25.32 17.68 13.95
C GLY D 369 25.80 19.11 13.69
N LYS D 370 25.21 19.79 12.71
CA LYS D 370 25.85 21.04 12.23
C LYS D 370 24.91 22.23 12.03
N VAL D 371 23.64 21.94 11.72
CA VAL D 371 22.61 22.93 11.62
C VAL D 371 21.48 22.56 12.57
N ILE D 372 20.91 23.59 13.20
CA ILE D 372 19.67 23.43 13.96
C ILE D 372 18.57 24.30 13.32
N THR D 373 17.43 23.68 13.04
CA THR D 373 16.29 24.34 12.46
C THR D 373 15.13 24.39 13.44
N LYS D 374 14.54 25.58 13.52
CA LYS D 374 13.40 25.86 14.39
C LYS D 374 12.31 26.48 13.57
N ILE D 375 11.12 25.87 13.60
CA ILE D 375 9.95 26.52 13.01
C ILE D 375 8.84 26.65 14.03
N GLY D 376 7.95 27.56 13.72
CA GLY D 376 6.75 27.83 14.54
C GLY D 376 6.81 29.16 15.25
N PRO D 377 5.71 29.53 15.94
CA PRO D 377 5.65 30.86 16.55
C PRO D 377 6.45 31.02 17.86
N ARG D 378 6.82 29.93 18.52
CA ARG D 378 7.58 30.06 19.76
C ARG D 378 8.98 30.62 19.48
N TYR D 379 9.31 31.72 20.13
CA TYR D 379 10.57 32.39 19.90
C TYR D 379 11.68 32.03 20.88
N ASP D 380 11.34 31.90 22.15
CA ASP D 380 12.35 31.65 23.19
C ASP D 380 12.69 30.17 23.23
N VAL D 381 13.87 29.83 22.74
CA VAL D 381 14.34 28.43 22.70
C VAL D 381 15.84 28.26 23.07
N GLU D 382 16.48 29.30 23.63
CA GLU D 382 17.95 29.32 23.71
C GLU D 382 18.50 28.27 24.66
N HIS D 383 17.74 27.95 25.72
CA HIS D 383 18.03 26.79 26.60
C HIS D 383 18.08 25.44 25.87
N LEU D 384 17.39 25.33 24.74
CA LEU D 384 17.35 24.10 23.92
C LEU D 384 18.48 24.01 22.90
N ILE D 385 19.30 25.05 22.78
CA ILE D 385 20.30 25.13 21.76
C ILE D 385 21.63 24.84 22.41
N PRO D 386 22.41 23.90 21.83
CA PRO D 386 23.71 23.60 22.35
C PRO D 386 24.72 24.72 22.15
N GLU D 387 25.63 24.76 23.10
CA GLU D 387 26.82 25.56 23.10
C GLU D 387 27.59 25.42 21.77
N GLY D 388 27.97 26.56 21.22
CA GLY D 388 28.69 26.61 19.96
C GLY D 388 27.84 26.92 18.72
N PHE D 389 26.51 26.95 18.89
CA PHE D 389 25.60 27.17 17.80
C PHE D 389 25.17 28.65 17.84
N GLN D 390 25.12 29.27 16.66
CA GLN D 390 24.78 30.68 16.55
C GLN D 390 23.78 30.89 15.45
N VAL D 391 22.82 31.76 15.69
CA VAL D 391 21.79 32.10 14.72
C VAL D 391 22.44 32.69 13.48
N VAL D 392 22.09 32.13 12.33
CA VAL D 392 22.61 32.59 11.04
C VAL D 392 21.51 33.04 10.08
N ALA D 393 20.26 32.72 10.38
CA ALA D 393 19.13 33.14 9.58
C ALA D 393 17.85 33.07 10.40
N HIS D 394 16.99 34.08 10.26
CA HIS D 394 15.70 34.11 10.95
C HIS D 394 14.68 34.93 10.17
N GLY D 395 13.41 34.58 10.38
CA GLY D 395 12.32 35.35 9.85
C GLY D 395 11.02 34.96 10.54
N ASP D 396 9.92 35.31 9.91
CA ASP D 396 8.58 35.02 10.39
C ASP D 396 8.40 33.52 10.67
N GLY D 397 8.42 33.13 11.93
CA GLY D 397 8.14 31.75 12.30
C GLY D 397 9.25 30.77 12.02
N TYR D 398 10.49 31.27 11.85
CA TYR D 398 11.65 30.38 11.66
C TYR D 398 12.97 31.01 12.14
N ALA D 399 13.88 30.15 12.60
CA ALA D 399 15.27 30.48 12.84
C ALA D 399 16.26 29.31 12.71
N ILE D 400 17.43 29.64 12.16
CA ILE D 400 18.44 28.65 11.81
C ILE D 400 19.77 29.03 12.48
N TRP D 401 20.36 28.02 13.11
CA TRP D 401 21.67 28.10 13.77
C TRP D 401 22.69 27.20 13.04
N GLU D 402 23.95 27.61 13.05
CA GLU D 402 25.08 26.76 12.59
C GLU D 402 26.09 26.58 13.71
N LYS D 403 26.75 25.43 13.72
CA LYS D 403 27.79 25.17 14.72
C LYS D 403 29.01 26.08 14.46
N ILE D 404 29.30 26.87 15.49
CA ILE D 404 30.48 27.73 15.67
C ILE D 404 31.09 28.31 14.41
#